data_7BQG
# 
_entry.id   7BQG 
# 
_audit_conform.dict_name       mmcif_pdbx.dic 
_audit_conform.dict_version    5.380 
_audit_conform.dict_location   http://mmcif.pdb.org/dictionaries/ascii/mmcif_pdbx.dic 
# 
loop_
_database_2.database_id 
_database_2.database_code 
_database_2.pdbx_database_accession 
_database_2.pdbx_DOI 
PDB   7BQG         pdb_00007bqg 10.2210/pdb7bqg/pdb 
WWPDB D_1300016308 ?            ?                   
# 
_pdbx_database_related.db_name        PDB 
_pdbx_database_related.details        . 
_pdbx_database_related.db_id          7BQF 
_pdbx_database_related.content_type   unspecified 
# 
_pdbx_database_status.status_code                     REL 
_pdbx_database_status.status_code_sf                  REL 
_pdbx_database_status.status_code_mr                  ? 
_pdbx_database_status.entry_id                        7BQG 
_pdbx_database_status.recvd_initial_deposition_date   2020-03-24 
_pdbx_database_status.SG_entry                        N 
_pdbx_database_status.deposit_site                    PDBJ 
_pdbx_database_status.process_site                    PDBJ 
_pdbx_database_status.status_code_cs                  ? 
_pdbx_database_status.status_code_nmr_data            ? 
_pdbx_database_status.methods_development_category    ? 
_pdbx_database_status.pdb_format_compatible           Y 
# 
loop_
_audit_author.name 
_audit_author.pdbx_ordinal 
_audit_author.identifier_ORCID 
'Lin, Z.'   1 ? 
'Zhang, M.' 2 ? 
# 
_citation.abstract                  ? 
_citation.abstract_id_CAS           ? 
_citation.book_id_ISBN              ? 
_citation.book_publisher            ? 
_citation.book_publisher_city       ? 
_citation.book_title                ? 
_citation.coordinate_linkage        ? 
_citation.country                   US 
_citation.database_id_Medline       ? 
_citation.details                   ? 
_citation.id                        primary 
_citation.journal_abbrev            'Cell Rep' 
_citation.journal_id_ASTM           ? 
_citation.journal_id_CSD            ? 
_citation.journal_id_ISSN           2211-1247 
_citation.journal_full              ? 
_citation.journal_issue             ? 
_citation.journal_volume            32 
_citation.language                  ? 
_citation.page_first                108118 
_citation.page_last                 108118 
_citation.title                     'A WW Tandem-Mediated Dimerization Mode of SAV1 Essential for Hippo Signaling.' 
_citation.year                      2020 
_citation.database_id_CSD           ? 
_citation.pdbx_database_id_DOI      10.1016/j.celrep.2020.108118 
_citation.pdbx_database_id_PubMed   32905778 
_citation.unpublished_flag          ? 
# 
loop_
_citation_author.citation_id 
_citation_author.name 
_citation_author.ordinal 
_citation_author.identifier_ORCID 
primary 'Lin, Z.'   1 ? 
primary 'Xie, R.'   2 ? 
primary 'Guan, K.'  3 ? 
primary 'Zhang, M.' 4 ? 
# 
_cell.angle_alpha                  90.0 
_cell.angle_alpha_esd              ? 
_cell.angle_beta                   90.0 
_cell.angle_beta_esd               ? 
_cell.angle_gamma                  90.0 
_cell.angle_gamma_esd              ? 
_cell.entry_id                     7BQG 
_cell.details                      ? 
_cell.formula_units_Z              ? 
_cell.length_a                     38.803 
_cell.length_a_esd                 ? 
_cell.length_b                     43.084 
_cell.length_b_esd                 ? 
_cell.length_c                     99.385 
_cell.length_c_esd                 ? 
_cell.volume                       166150.695302 
_cell.volume_esd                   ? 
_cell.Z_PDB                        8 
_cell.reciprocal_angle_alpha       ? 
_cell.reciprocal_angle_beta        ? 
_cell.reciprocal_angle_gamma       ? 
_cell.reciprocal_angle_alpha_esd   ? 
_cell.reciprocal_angle_beta_esd    ? 
_cell.reciprocal_angle_gamma_esd   ? 
_cell.reciprocal_length_a          ? 
_cell.reciprocal_length_b          ? 
_cell.reciprocal_length_c          ? 
_cell.reciprocal_length_a_esd      ? 
_cell.reciprocal_length_b_esd      ? 
_cell.reciprocal_length_c_esd      ? 
_cell.pdbx_unique_axis             ? 
# 
_symmetry.entry_id                         7BQG 
_symmetry.cell_setting                     ? 
_symmetry.Int_Tables_number                20 
_symmetry.space_group_name_Hall            'C 2c 2' 
_symmetry.space_group_name_H-M             'C 2 2 21' 
_symmetry.pdbx_full_space_group_name_H-M   ? 
# 
loop_
_entity.id 
_entity.type 
_entity.src_method 
_entity.pdbx_description 
_entity.formula_weight 
_entity.pdbx_number_of_molecules 
_entity.pdbx_ec 
_entity.pdbx_mutation 
_entity.pdbx_fragment 
_entity.details 
1 polymer     man 'Protein salvador homolog 1,Dendrin' 10320.290 1  ? ? ? ? 
2 non-polymer syn 'POTASSIUM ION'                      39.098    3  ? ? ? ? 
3 water       nat water                                18.015    92 ? ? ? ? 
# 
_entity_name_com.entity_id   1 
_entity_name_com.name        '45 kDa WW domain protein,mWW45' 
# 
_entity_poly.entity_id                      1 
_entity_poly.type                           'polypeptide(L)' 
_entity_poly.nstd_linkage                   no 
_entity_poly.nstd_monomer                   no 
_entity_poly.pdbx_seq_one_letter_code       
;GPGSEDLPLPPGWSVDWTMRGRKYYIDHNTNTTHWSHPLEREGLPPGWERVESSEFGTYYVDHTNKRAQYRHPCAPSVPP
PYVAPPSYEG
;
_entity_poly.pdbx_seq_one_letter_code_can   
;GPGSEDLPLPPGWSVDWTMRGRKYYIDHNTNTTHWSHPLEREGLPPGWERVESSEFGTYYVDHTNKRAQYRHPCAPSVPP
PYVAPPSYEG
;
_entity_poly.pdbx_strand_id                 A 
_entity_poly.pdbx_target_identifier         ? 
# 
loop_
_entity_poly_seq.entity_id 
_entity_poly_seq.num 
_entity_poly_seq.mon_id 
_entity_poly_seq.hetero 
1 1  GLY n 
1 2  PRO n 
1 3  GLY n 
1 4  SER n 
1 5  GLU n 
1 6  ASP n 
1 7  LEU n 
1 8  PRO n 
1 9  LEU n 
1 10 PRO n 
1 11 PRO n 
1 12 GLY n 
1 13 TRP n 
1 14 SER n 
1 15 VAL n 
1 16 ASP n 
1 17 TRP n 
1 18 THR n 
1 19 MET n 
1 20 ARG n 
1 21 GLY n 
1 22 ARG n 
1 23 LYS n 
1 24 TYR n 
1 25 TYR n 
1 26 ILE n 
1 27 ASP n 
1 28 HIS n 
1 29 ASN n 
1 30 THR n 
1 31 ASN n 
1 32 THR n 
1 33 THR n 
1 34 HIS n 
1 35 TRP n 
1 36 SER n 
1 37 HIS n 
1 38 PRO n 
1 39 LEU n 
1 40 GLU n 
1 41 ARG n 
1 42 GLU n 
1 43 GLY n 
1 44 LEU n 
1 45 PRO n 
1 46 PRO n 
1 47 GLY n 
1 48 TRP n 
1 49 GLU n 
1 50 ARG n 
1 51 VAL n 
1 52 GLU n 
1 53 SER n 
1 54 SER n 
1 55 GLU n 
1 56 PHE n 
1 57 GLY n 
1 58 THR n 
1 59 TYR n 
1 60 TYR n 
1 61 VAL n 
1 62 ASP n 
1 63 HIS n 
1 64 THR n 
1 65 ASN n 
1 66 LYS n 
1 67 ARG n 
1 68 ALA n 
1 69 GLN n 
1 70 TYR n 
1 71 ARG n 
1 72 HIS n 
1 73 PRO n 
1 74 CYS n 
1 75 ALA n 
1 76 PRO n 
1 77 SER n 
1 78 VAL n 
1 79 PRO n 
1 80 PRO n 
1 81 PRO n 
1 82 TYR n 
1 83 VAL n 
1 84 ALA n 
1 85 PRO n 
1 86 PRO n 
1 87 SER n 
1 88 TYR n 
1 89 GLU n 
1 90 GLY n 
# 
loop_
_entity_src_gen.entity_id 
_entity_src_gen.pdbx_src_id 
_entity_src_gen.pdbx_alt_source_flag 
_entity_src_gen.pdbx_seq_type 
_entity_src_gen.pdbx_beg_seq_num 
_entity_src_gen.pdbx_end_seq_num 
_entity_src_gen.gene_src_common_name 
_entity_src_gen.gene_src_genus 
_entity_src_gen.pdbx_gene_src_gene 
_entity_src_gen.gene_src_species 
_entity_src_gen.gene_src_strain 
_entity_src_gen.gene_src_tissue 
_entity_src_gen.gene_src_tissue_fraction 
_entity_src_gen.gene_src_details 
_entity_src_gen.pdbx_gene_src_fragment 
_entity_src_gen.pdbx_gene_src_scientific_name 
_entity_src_gen.pdbx_gene_src_ncbi_taxonomy_id 
_entity_src_gen.pdbx_gene_src_variant 
_entity_src_gen.pdbx_gene_src_cell_line 
_entity_src_gen.pdbx_gene_src_atcc 
_entity_src_gen.pdbx_gene_src_organ 
_entity_src_gen.pdbx_gene_src_organelle 
_entity_src_gen.pdbx_gene_src_cell 
_entity_src_gen.pdbx_gene_src_cellular_location 
_entity_src_gen.host_org_common_name 
_entity_src_gen.pdbx_host_org_scientific_name 
_entity_src_gen.pdbx_host_org_ncbi_taxonomy_id 
_entity_src_gen.host_org_genus 
_entity_src_gen.pdbx_host_org_gene 
_entity_src_gen.pdbx_host_org_organ 
_entity_src_gen.host_org_species 
_entity_src_gen.pdbx_host_org_tissue 
_entity_src_gen.pdbx_host_org_tissue_fraction 
_entity_src_gen.pdbx_host_org_strain 
_entity_src_gen.pdbx_host_org_variant 
_entity_src_gen.pdbx_host_org_cell_line 
_entity_src_gen.pdbx_host_org_atcc 
_entity_src_gen.pdbx_host_org_culture_collection 
_entity_src_gen.pdbx_host_org_cell 
_entity_src_gen.pdbx_host_org_organelle 
_entity_src_gen.pdbx_host_org_cellular_location 
_entity_src_gen.pdbx_host_org_vector_type 
_entity_src_gen.pdbx_host_org_vector 
_entity_src_gen.host_org_details 
_entity_src_gen.expression_system_id 
_entity_src_gen.plasmid_name 
_entity_src_gen.plasmid_details 
_entity_src_gen.pdbx_description 
1 1 sample 'Biological sequence' 1  78 Mouse ? 'Sav1, Ww45, Wwp3'     ? ? ? ? ? ? 'Mus musculus' 10090 ? ? ? ? ? ? ? ? 
'Escherichia coli' 562 ? ? ? ? ? ? ? ? ? ? ? ? ? ? ? ? ? ? ? ? ? 
1 2 sample 'Biological sequence' 79 90 Mouse ? 'Ddn, Gm748, Kiaa0749' ? ? ? ? ? ? 'Mus musculus' 10090 ? ? ? ? ? ? ? ? 
'Escherichia coli' 562 ? ? ? ? ? ? ? ? ? ? ? ? ? ? ? ? ? ? ? ? ? 
# 
loop_
_struct_ref.id 
_struct_ref.db_name 
_struct_ref.db_code 
_struct_ref.pdbx_db_accession 
_struct_ref.pdbx_db_isoform 
_struct_ref.entity_id 
_struct_ref.pdbx_seq_one_letter_code 
_struct_ref.pdbx_align_begin 
1 UNP SAV1_MOUSE Q8VEB2 ? 1 GSEDLPLPPGWSVDWTMRGRKYYIDHNTNTTHWSHPLEREGLPPGWERVESSEFGTYYVDHTNKRAQYRHPCAPSV 196 
2 UNP DEND_MOUSE Q80TS7 ? 1 PPPYVAPPSYEG                                                                 224 
# 
loop_
_struct_ref_seq.align_id 
_struct_ref_seq.ref_id 
_struct_ref_seq.pdbx_PDB_id_code 
_struct_ref_seq.pdbx_strand_id 
_struct_ref_seq.seq_align_beg 
_struct_ref_seq.pdbx_seq_align_beg_ins_code 
_struct_ref_seq.seq_align_end 
_struct_ref_seq.pdbx_seq_align_end_ins_code 
_struct_ref_seq.pdbx_db_accession 
_struct_ref_seq.db_align_beg 
_struct_ref_seq.pdbx_db_align_beg_ins_code 
_struct_ref_seq.db_align_end 
_struct_ref_seq.pdbx_db_align_end_ins_code 
_struct_ref_seq.pdbx_auth_seq_align_beg 
_struct_ref_seq.pdbx_auth_seq_align_end 
1 1 7BQG A 3  ? 78 ? Q8VEB2 196 ? 271 ? 196 271 
2 2 7BQG A 79 ? 90 ? Q80TS7 224 ? 235 ? 272 283 
# 
loop_
_struct_ref_seq_dif.align_id 
_struct_ref_seq_dif.pdbx_pdb_id_code 
_struct_ref_seq_dif.mon_id 
_struct_ref_seq_dif.pdbx_pdb_strand_id 
_struct_ref_seq_dif.seq_num 
_struct_ref_seq_dif.pdbx_pdb_ins_code 
_struct_ref_seq_dif.pdbx_seq_db_name 
_struct_ref_seq_dif.pdbx_seq_db_accession_code 
_struct_ref_seq_dif.db_mon_id 
_struct_ref_seq_dif.pdbx_seq_db_seq_num 
_struct_ref_seq_dif.details 
_struct_ref_seq_dif.pdbx_auth_seq_num 
_struct_ref_seq_dif.pdbx_ordinal 
1 7BQG GLY A 1 ? UNP Q8VEB2 ? ? 'expression tag' 194 1 
1 7BQG PRO A 2 ? UNP Q8VEB2 ? ? 'expression tag' 195 2 
# 
loop_
_chem_comp.id 
_chem_comp.type 
_chem_comp.mon_nstd_flag 
_chem_comp.name 
_chem_comp.pdbx_synonyms 
_chem_comp.formula 
_chem_comp.formula_weight 
ALA 'L-peptide linking' y ALANINE         ? 'C3 H7 N O2'     89.093  
ARG 'L-peptide linking' y ARGININE        ? 'C6 H15 N4 O2 1' 175.209 
ASN 'L-peptide linking' y ASPARAGINE      ? 'C4 H8 N2 O3'    132.118 
ASP 'L-peptide linking' y 'ASPARTIC ACID' ? 'C4 H7 N O4'     133.103 
CYS 'L-peptide linking' y CYSTEINE        ? 'C3 H7 N O2 S'   121.158 
GLN 'L-peptide linking' y GLUTAMINE       ? 'C5 H10 N2 O3'   146.144 
GLU 'L-peptide linking' y 'GLUTAMIC ACID' ? 'C5 H9 N O4'     147.129 
GLY 'peptide linking'   y GLYCINE         ? 'C2 H5 N O2'     75.067  
HIS 'L-peptide linking' y HISTIDINE       ? 'C6 H10 N3 O2 1' 156.162 
HOH non-polymer         . WATER           ? 'H2 O'           18.015  
ILE 'L-peptide linking' y ISOLEUCINE      ? 'C6 H13 N O2'    131.173 
K   non-polymer         . 'POTASSIUM ION' ? 'K 1'            39.098  
LEU 'L-peptide linking' y LEUCINE         ? 'C6 H13 N O2'    131.173 
LYS 'L-peptide linking' y LYSINE          ? 'C6 H15 N2 O2 1' 147.195 
MET 'L-peptide linking' y METHIONINE      ? 'C5 H11 N O2 S'  149.211 
PHE 'L-peptide linking' y PHENYLALANINE   ? 'C9 H11 N O2'    165.189 
PRO 'L-peptide linking' y PROLINE         ? 'C5 H9 N O2'     115.130 
SER 'L-peptide linking' y SERINE          ? 'C3 H7 N O3'     105.093 
THR 'L-peptide linking' y THREONINE       ? 'C4 H9 N O3'     119.119 
TRP 'L-peptide linking' y TRYPTOPHAN      ? 'C11 H12 N2 O2'  204.225 
TYR 'L-peptide linking' y TYROSINE        ? 'C9 H11 N O3'    181.189 
VAL 'L-peptide linking' y VALINE          ? 'C5 H11 N O2'    117.146 
# 
_exptl.absorpt_coefficient_mu     ? 
_exptl.absorpt_correction_T_max   ? 
_exptl.absorpt_correction_T_min   ? 
_exptl.absorpt_correction_type    ? 
_exptl.absorpt_process_details    ? 
_exptl.entry_id                   7BQG 
_exptl.crystals_number            1 
_exptl.details                    ? 
_exptl.method                     'X-RAY DIFFRACTION' 
_exptl.method_details             ? 
# 
_exptl_crystal.colour                      ? 
_exptl_crystal.density_diffrn              ? 
_exptl_crystal.density_Matthews            2.01 
_exptl_crystal.density_method              ? 
_exptl_crystal.density_percent_sol         38.88 
_exptl_crystal.description                 ? 
_exptl_crystal.F_000                       ? 
_exptl_crystal.id                          1 
_exptl_crystal.preparation                 ? 
_exptl_crystal.size_max                    ? 
_exptl_crystal.size_mid                    ? 
_exptl_crystal.size_min                    ? 
_exptl_crystal.size_rad                    ? 
_exptl_crystal.colour_lustre               ? 
_exptl_crystal.colour_modifier             ? 
_exptl_crystal.colour_primary              ? 
_exptl_crystal.density_meas                ? 
_exptl_crystal.density_meas_esd            ? 
_exptl_crystal.density_meas_gt             ? 
_exptl_crystal.density_meas_lt             ? 
_exptl_crystal.density_meas_temp           ? 
_exptl_crystal.density_meas_temp_esd       ? 
_exptl_crystal.density_meas_temp_gt        ? 
_exptl_crystal.density_meas_temp_lt        ? 
_exptl_crystal.pdbx_crystal_image_url      ? 
_exptl_crystal.pdbx_crystal_image_format   ? 
_exptl_crystal.pdbx_mosaicity              ? 
_exptl_crystal.pdbx_mosaicity_esd          ? 
# 
_exptl_crystal_grow.apparatus       ? 
_exptl_crystal_grow.atmosphere      ? 
_exptl_crystal_grow.crystal_id      1 
_exptl_crystal_grow.details         ? 
_exptl_crystal_grow.method          'VAPOR DIFFUSION, HANGING DROP' 
_exptl_crystal_grow.method_ref      ? 
_exptl_crystal_grow.pH              ? 
_exptl_crystal_grow.pressure        ? 
_exptl_crystal_grow.pressure_esd    ? 
_exptl_crystal_grow.seeding         ? 
_exptl_crystal_grow.seeding_ref     ? 
_exptl_crystal_grow.temp            289 
_exptl_crystal_grow.temp_details    ? 
_exptl_crystal_grow.temp_esd        ? 
_exptl_crystal_grow.time            ? 
_exptl_crystal_grow.pdbx_details    '2% w/v PEG 2000 MME and 100 mM BIS-TRIS propane (pH 9.0)' 
_exptl_crystal_grow.pdbx_pH_range   ? 
# 
_diffrn.ambient_environment              ? 
_diffrn.ambient_temp                     100 
_diffrn.ambient_temp_details             ? 
_diffrn.ambient_temp_esd                 ? 
_diffrn.crystal_id                       1 
_diffrn.crystal_support                  ? 
_diffrn.crystal_treatment                ? 
_diffrn.details                          ? 
_diffrn.id                               1 
_diffrn.ambient_pressure                 ? 
_diffrn.ambient_pressure_esd             ? 
_diffrn.ambient_pressure_gt              ? 
_diffrn.ambient_pressure_lt              ? 
_diffrn.ambient_temp_gt                  ? 
_diffrn.ambient_temp_lt                  ? 
_diffrn.pdbx_serial_crystal_experiment   N 
# 
_diffrn_detector.details                      ? 
_diffrn_detector.detector                     PIXEL 
_diffrn_detector.diffrn_id                    1 
_diffrn_detector.type                         'DECTRIS PILATUS 6M' 
_diffrn_detector.area_resol_mean              ? 
_diffrn_detector.dtime                        ? 
_diffrn_detector.pdbx_frames_total            ? 
_diffrn_detector.pdbx_collection_time_total   ? 
_diffrn_detector.pdbx_collection_date         2019-03-17 
_diffrn_detector.pdbx_frequency               ? 
# 
_diffrn_radiation.collimation                      ? 
_diffrn_radiation.diffrn_id                        1 
_diffrn_radiation.filter_edge                      ? 
_diffrn_radiation.inhomogeneity                    ? 
_diffrn_radiation.monochromator                    ? 
_diffrn_radiation.polarisn_norm                    ? 
_diffrn_radiation.polarisn_ratio                   ? 
_diffrn_radiation.probe                            ? 
_diffrn_radiation.type                             ? 
_diffrn_radiation.xray_symbol                      ? 
_diffrn_radiation.wavelength_id                    1 
_diffrn_radiation.pdbx_monochromatic_or_laue_m_l   M 
_diffrn_radiation.pdbx_wavelength_list             ? 
_diffrn_radiation.pdbx_wavelength                  ? 
_diffrn_radiation.pdbx_diffrn_protocol             'SINGLE WAVELENGTH' 
_diffrn_radiation.pdbx_analyzer                    ? 
_diffrn_radiation.pdbx_scattering_type             x-ray 
# 
_diffrn_radiation_wavelength.id           1 
_diffrn_radiation_wavelength.wavelength   0.97915 
_diffrn_radiation_wavelength.wt           1.0 
# 
_diffrn_source.current                     ? 
_diffrn_source.details                     ? 
_diffrn_source.diffrn_id                   1 
_diffrn_source.power                       ? 
_diffrn_source.size                        ? 
_diffrn_source.source                      SYNCHROTRON 
_diffrn_source.target                      ? 
_diffrn_source.type                        'SSRF BEAMLINE BL19U1' 
_diffrn_source.voltage                     ? 
_diffrn_source.take-off_angle              ? 
_diffrn_source.pdbx_wavelength_list        0.97915 
_diffrn_source.pdbx_wavelength             ? 
_diffrn_source.pdbx_synchrotron_beamline   BL19U1 
_diffrn_source.pdbx_synchrotron_site       SSRF 
# 
_reflns.B_iso_Wilson_estimate            12.8744218645 
_reflns.entry_id                         7BQG 
_reflns.data_reduction_details           ? 
_reflns.data_reduction_method            ? 
_reflns.d_resolution_high                1.55 
_reflns.d_resolution_low                 50 
_reflns.details                          ? 
_reflns.limit_h_max                      ? 
_reflns.limit_h_min                      ? 
_reflns.limit_k_max                      ? 
_reflns.limit_k_min                      ? 
_reflns.limit_l_max                      ? 
_reflns.limit_l_min                      ? 
_reflns.number_all                       ? 
_reflns.number_obs                       11875 
_reflns.observed_criterion               ? 
_reflns.observed_criterion_F_max         ? 
_reflns.observed_criterion_F_min         ? 
_reflns.observed_criterion_I_max         ? 
_reflns.observed_criterion_I_min         ? 
_reflns.observed_criterion_sigma_F       ? 
_reflns.observed_criterion_sigma_I       ? 
_reflns.percent_possible_obs             99.6 
_reflns.R_free_details                   ? 
_reflns.Rmerge_F_all                     ? 
_reflns.Rmerge_F_obs                     ? 
_reflns.Friedel_coverage                 ? 
_reflns.number_gt                        ? 
_reflns.threshold_expression             ? 
_reflns.pdbx_redundancy                  12.8 
_reflns.pdbx_Rmerge_I_obs                ? 
_reflns.pdbx_Rmerge_I_all                ? 
_reflns.pdbx_Rsym_value                  ? 
_reflns.pdbx_netI_over_av_sigmaI         ? 
_reflns.pdbx_netI_over_sigmaI            39.1 
_reflns.pdbx_res_netI_over_av_sigmaI_2   ? 
_reflns.pdbx_res_netI_over_sigmaI_2      ? 
_reflns.pdbx_chi_squared                 ? 
_reflns.pdbx_scaling_rejects             ? 
_reflns.pdbx_d_res_high_opt              ? 
_reflns.pdbx_d_res_low_opt               ? 
_reflns.pdbx_d_res_opt_method            ? 
_reflns.phase_calculation_details        ? 
_reflns.pdbx_Rrim_I_all                  ? 
_reflns.pdbx_Rpim_I_all                  ? 
_reflns.pdbx_d_opt                       ? 
_reflns.pdbx_number_measured_all         ? 
_reflns.pdbx_diffrn_id                   1 
_reflns.pdbx_ordinal                     1 
_reflns.pdbx_CC_half                     0.99 
_reflns.pdbx_CC_star                     ? 
_reflns.pdbx_R_split                     ? 
# 
_reflns_shell.d_res_high                  1.55 
_reflns_shell.d_res_low                   1.58 
_reflns_shell.meanI_over_sigI_all         ? 
_reflns_shell.meanI_over_sigI_obs         ? 
_reflns_shell.number_measured_all         ? 
_reflns_shell.number_measured_obs         ? 
_reflns_shell.number_possible             ? 
_reflns_shell.number_unique_all           ? 
_reflns_shell.number_unique_obs           599 
_reflns_shell.percent_possible_all        ? 
_reflns_shell.percent_possible_obs        ? 
_reflns_shell.Rmerge_F_all                ? 
_reflns_shell.Rmerge_F_obs                ? 
_reflns_shell.Rmerge_I_all                ? 
_reflns_shell.Rmerge_I_obs                ? 
_reflns_shell.meanI_over_sigI_gt          ? 
_reflns_shell.meanI_over_uI_all           ? 
_reflns_shell.meanI_over_uI_gt            ? 
_reflns_shell.number_measured_gt          ? 
_reflns_shell.number_unique_gt            ? 
_reflns_shell.percent_possible_gt         ? 
_reflns_shell.Rmerge_F_gt                 ? 
_reflns_shell.Rmerge_I_gt                 ? 
_reflns_shell.pdbx_redundancy             ? 
_reflns_shell.pdbx_Rsym_value             ? 
_reflns_shell.pdbx_chi_squared            ? 
_reflns_shell.pdbx_netI_over_sigmaI_all   ? 
_reflns_shell.pdbx_netI_over_sigmaI_obs   ? 
_reflns_shell.pdbx_Rrim_I_all             ? 
_reflns_shell.pdbx_Rpim_I_all             ? 
_reflns_shell.pdbx_rejects                ? 
_reflns_shell.pdbx_ordinal                1 
_reflns_shell.pdbx_diffrn_id              1 
_reflns_shell.pdbx_CC_half                0.69 
_reflns_shell.pdbx_CC_star                ? 
_reflns_shell.pdbx_R_split                ? 
# 
_refine.aniso_B[1][1]                            ? 
_refine.aniso_B[1][2]                            ? 
_refine.aniso_B[1][3]                            ? 
_refine.aniso_B[2][2]                            ? 
_refine.aniso_B[2][3]                            ? 
_refine.aniso_B[3][3]                            ? 
_refine.B_iso_max                                ? 
_refine.B_iso_mean                               18.5003240728 
_refine.B_iso_min                                ? 
_refine.correlation_coeff_Fo_to_Fc               ? 
_refine.correlation_coeff_Fo_to_Fc_free          ? 
_refine.details                                  ? 
_refine.diff_density_max                         ? 
_refine.diff_density_max_esd                     ? 
_refine.diff_density_min                         ? 
_refine.diff_density_min_esd                     ? 
_refine.diff_density_rms                         ? 
_refine.diff_density_rms_esd                     ? 
_refine.entry_id                                 7BQG 
_refine.pdbx_refine_id                           'X-RAY DIFFRACTION' 
_refine.ls_abs_structure_details                 ? 
_refine.ls_abs_structure_Flack                   ? 
_refine.ls_abs_structure_Flack_esd               ? 
_refine.ls_abs_structure_Rogers                  ? 
_refine.ls_abs_structure_Rogers_esd              ? 
_refine.ls_d_res_high                            1.55010861961 
_refine.ls_d_res_low                             49.6925 
_refine.ls_extinction_coef                       ? 
_refine.ls_extinction_coef_esd                   ? 
_refine.ls_extinction_expression                 ? 
_refine.ls_extinction_method                     ? 
_refine.ls_goodness_of_fit_all                   ? 
_refine.ls_goodness_of_fit_all_esd               ? 
_refine.ls_goodness_of_fit_obs                   ? 
_refine.ls_goodness_of_fit_obs_esd               ? 
_refine.ls_hydrogen_treatment                    ? 
_refine.ls_matrix_type                           ? 
_refine.ls_number_constraints                    ? 
_refine.ls_number_parameters                     ? 
_refine.ls_number_reflns_all                     ? 
_refine.ls_number_reflns_obs                     11875 
_refine.ls_number_reflns_R_free                  1189 
_refine.ls_number_reflns_R_work                  ? 
_refine.ls_number_restraints                     ? 
_refine.ls_percent_reflns_obs                    95.220912517 
_refine.ls_percent_reflns_R_free                 10.0126315789 
_refine.ls_R_factor_all                          ? 
_refine.ls_R_factor_obs                          0.181655015371 
_refine.ls_R_factor_R_free                       0.216578983246 
_refine.ls_R_factor_R_free_error                 ? 
_refine.ls_R_factor_R_free_error_details         ? 
_refine.ls_R_factor_R_work                       0.177694973739 
_refine.ls_R_Fsqd_factor_obs                     ? 
_refine.ls_R_I_factor_obs                        ? 
_refine.ls_redundancy_reflns_all                 ? 
_refine.ls_redundancy_reflns_obs                 ? 
_refine.ls_restrained_S_all                      ? 
_refine.ls_restrained_S_obs                      ? 
_refine.ls_shift_over_esd_max                    ? 
_refine.ls_shift_over_esd_mean                   ? 
_refine.ls_structure_factor_coef                 ? 
_refine.ls_weighting_details                     ? 
_refine.ls_weighting_scheme                      ? 
_refine.ls_wR_factor_all                         ? 
_refine.ls_wR_factor_obs                         ? 
_refine.ls_wR_factor_R_free                      ? 
_refine.ls_wR_factor_R_work                      ? 
_refine.occupancy_max                            ? 
_refine.occupancy_min                            ? 
_refine.solvent_model_details                    ? 
_refine.solvent_model_param_bsol                 ? 
_refine.solvent_model_param_ksol                 ? 
_refine.pdbx_R_complete                          ? 
_refine.ls_R_factor_gt                           ? 
_refine.ls_goodness_of_fit_gt                    ? 
_refine.ls_goodness_of_fit_ref                   ? 
_refine.ls_shift_over_su_max                     ? 
_refine.ls_shift_over_su_max_lt                  ? 
_refine.ls_shift_over_su_mean                    ? 
_refine.ls_shift_over_su_mean_lt                 ? 
_refine.pdbx_ls_sigma_I                          ? 
_refine.pdbx_ls_sigma_F                          0.0 
_refine.pdbx_ls_sigma_Fsqd                       ? 
_refine.pdbx_data_cutoff_high_absF               ? 
_refine.pdbx_data_cutoff_high_rms_absF           ? 
_refine.pdbx_data_cutoff_low_absF                ? 
_refine.pdbx_isotropic_thermal_model             ? 
_refine.pdbx_ls_cross_valid_method               'FREE R-VALUE' 
_refine.pdbx_method_to_determine_struct          'MOLECULAR REPLACEMENT' 
_refine.pdbx_starting_model                      7BQF 
_refine.pdbx_stereochemistry_target_values       ? 
_refine.pdbx_R_Free_selection_details            ? 
_refine.pdbx_stereochem_target_val_spec_case     ? 
_refine.pdbx_overall_ESU_R                       ? 
_refine.pdbx_overall_ESU_R_Free                  ? 
_refine.pdbx_solvent_vdw_probe_radii             1.11 
_refine.pdbx_solvent_ion_probe_radii             ? 
_refine.pdbx_solvent_shrinkage_radii             0.9 
_refine.pdbx_real_space_R                        ? 
_refine.pdbx_density_correlation                 ? 
_refine.pdbx_pd_number_of_powder_patterns        ? 
_refine.pdbx_pd_number_of_points                 ? 
_refine.pdbx_pd_meas_number_of_points            ? 
_refine.pdbx_pd_proc_ls_prof_R_factor            ? 
_refine.pdbx_pd_proc_ls_prof_wR_factor           ? 
_refine.pdbx_pd_Marquardt_correlation_coeff      ? 
_refine.pdbx_pd_Fsqrd_R_factor                   ? 
_refine.pdbx_pd_ls_matrix_band_width             ? 
_refine.pdbx_overall_phase_error                 21.1462025962 
_refine.pdbx_overall_SU_R_free_Cruickshank_DPI   ? 
_refine.pdbx_overall_SU_R_free_Blow_DPI          ? 
_refine.pdbx_overall_SU_R_Blow_DPI               ? 
_refine.pdbx_TLS_residual_ADP_flag               ? 
_refine.pdbx_diffrn_id                           1 
_refine.overall_SU_B                             ? 
_refine.overall_SU_ML                            0.149561517705 
_refine.overall_SU_R_Cruickshank_DPI             ? 
_refine.overall_SU_R_free                        ? 
_refine.overall_FOM_free_R_set                   ? 
_refine.overall_FOM_work_R_set                   ? 
_refine.pdbx_average_fsc_overall                 ? 
_refine.pdbx_average_fsc_work                    ? 
_refine.pdbx_average_fsc_free                    ? 
# 
_refine_hist.pdbx_refine_id                   'X-RAY DIFFRACTION' 
_refine_hist.cycle_id                         LAST 
_refine_hist.details                          ? 
_refine_hist.d_res_high                       1.55010861961 
_refine_hist.d_res_low                        49.6925 
_refine_hist.number_atoms_solvent             92 
_refine_hist.number_atoms_total               791 
_refine_hist.number_reflns_all                ? 
_refine_hist.number_reflns_obs                ? 
_refine_hist.number_reflns_R_free             ? 
_refine_hist.number_reflns_R_work             ? 
_refine_hist.R_factor_all                     ? 
_refine_hist.R_factor_obs                     ? 
_refine_hist.R_factor_R_free                  ? 
_refine_hist.R_factor_R_work                  ? 
_refine_hist.pdbx_number_residues_total       ? 
_refine_hist.pdbx_B_iso_mean_ligand           ? 
_refine_hist.pdbx_B_iso_mean_solvent          ? 
_refine_hist.pdbx_number_atoms_protein        696 
_refine_hist.pdbx_number_atoms_nucleic_acid   0 
_refine_hist.pdbx_number_atoms_ligand         3 
_refine_hist.pdbx_number_atoms_lipid          ? 
_refine_hist.pdbx_number_atoms_carb           ? 
_refine_hist.pdbx_pseudo_atom_details         ? 
# 
loop_
_refine_ls_restr.pdbx_refine_id 
_refine_ls_restr.criterion 
_refine_ls_restr.dev_ideal 
_refine_ls_restr.dev_ideal_target 
_refine_ls_restr.number 
_refine_ls_restr.rejects 
_refine_ls_restr.type 
_refine_ls_restr.weight 
_refine_ls_restr.pdbx_restraint_function 
'X-RAY DIFFRACTION' ? 0.00624081380489 ? 753  ? f_bond_d           ? ? 
'X-RAY DIFFRACTION' ? 1.0313124729     ? 1043 ? f_angle_d          ? ? 
'X-RAY DIFFRACTION' ? 0.0377200922142  ? 97   ? f_chiral_restr     ? ? 
'X-RAY DIFFRACTION' ? 0.00521105024004 ? 139  ? f_plane_restr      ? ? 
'X-RAY DIFFRACTION' ? 12.1452183019    ? 271  ? f_dihedral_angle_d ? ? 
# 
loop_
_refine_ls_shell.pdbx_refine_id 
_refine_ls_shell.d_res_high 
_refine_ls_shell.d_res_low 
_refine_ls_shell.number_reflns_all 
_refine_ls_shell.number_reflns_obs 
_refine_ls_shell.number_reflns_R_free 
_refine_ls_shell.number_reflns_R_work 
_refine_ls_shell.percent_reflns_obs 
_refine_ls_shell.percent_reflns_R_free 
_refine_ls_shell.R_factor_all 
_refine_ls_shell.R_factor_obs 
_refine_ls_shell.R_factor_R_free 
_refine_ls_shell.R_factor_R_free_error 
_refine_ls_shell.R_factor_R_work 
_refine_ls_shell.redundancy_reflns_all 
_refine_ls_shell.redundancy_reflns_obs 
_refine_ls_shell.wR_factor_all 
_refine_ls_shell.wR_factor_obs 
_refine_ls_shell.wR_factor_R_free 
_refine_ls_shell.wR_factor_R_work 
_refine_ls_shell.pdbx_R_complete 
_refine_ls_shell.pdbx_total_number_of_bins_used 
_refine_ls_shell.pdbx_phase_error 
_refine_ls_shell.pdbx_fsc_work 
_refine_ls_shell.pdbx_fsc_free 
'X-RAY DIFFRACTION' 1.5502 1.6207 . . 124 1096 79.2722547109 . . . 0.269763895435 . 0.226128151972 . . . . . . . . . . . 
'X-RAY DIFFRACTION' 1.6207 1.7061 . . 139 1272 92.3429319372 . . . 0.27149471508  . 0.19250170867  . . . . . . . . . . . 
'X-RAY DIFFRACTION' 1.7061 1.813  . . 148 1318 95.5671447197 . . . 0.246316169404 . 0.176182759048 . . . . . . . . . . . 
'X-RAY DIFFRACTION' 1.813  1.953  . . 151 1349 97.0245795602 . . . 0.224494262083 . 0.173921087167 . . . . . . . . . . . 
'X-RAY DIFFRACTION' 1.953  2.1495 . . 153 1370 99.3476842792 . . . 0.200824382143 . 0.161118512374 . . . . . . . . . . . 
'X-RAY DIFFRACTION' 2.1495 2.4606 . . 154 1387 98.7820512821 . . . 0.207924678806 . 0.188316757305 . . . . . . . . . . . 
'X-RAY DIFFRACTION' 2.4606 3.1    . . 156 1412 99.872611465  . . . 0.247712473973 . 0.200369729459 . . . . . . . . . . . 
'X-RAY DIFFRACTION' 3.1    49     . . 164 1482 99.0969295605 . . . 0.187101413722 . 0.159566267512 . . . . . . . . . . . 
# 
_struct.entry_id                     7BQG 
_struct.title                        'Complex structure of SAV1 and Dendrin' 
_struct.pdbx_model_details           ? 
_struct.pdbx_formula_weight          ? 
_struct.pdbx_formula_weight_method   ? 
_struct.pdbx_model_type_details      ? 
_struct.pdbx_CASP_flag               N 
# 
_struct_keywords.entry_id        7BQG 
_struct_keywords.text            'Hippo pathway, WW domain, SAV1, Dendrin, SIGNALING PROTEIN' 
_struct_keywords.pdbx_keywords   'SIGNALING PROTEIN' 
# 
loop_
_struct_asym.id 
_struct_asym.pdbx_blank_PDB_chainid_flag 
_struct_asym.pdbx_modified 
_struct_asym.entity_id 
_struct_asym.details 
A N N 1 ? 
B N N 2 ? 
C N N 2 ? 
D N N 2 ? 
E N N 3 ? 
# 
loop_
_struct_conn.id 
_struct_conn.conn_type_id 
_struct_conn.pdbx_leaving_atom_flag 
_struct_conn.pdbx_PDB_id 
_struct_conn.ptnr1_label_asym_id 
_struct_conn.ptnr1_label_comp_id 
_struct_conn.ptnr1_label_seq_id 
_struct_conn.ptnr1_label_atom_id 
_struct_conn.pdbx_ptnr1_label_alt_id 
_struct_conn.pdbx_ptnr1_PDB_ins_code 
_struct_conn.pdbx_ptnr1_standard_comp_id 
_struct_conn.ptnr1_symmetry 
_struct_conn.ptnr2_label_asym_id 
_struct_conn.ptnr2_label_comp_id 
_struct_conn.ptnr2_label_seq_id 
_struct_conn.ptnr2_label_atom_id 
_struct_conn.pdbx_ptnr2_label_alt_id 
_struct_conn.pdbx_ptnr2_PDB_ins_code 
_struct_conn.ptnr1_auth_asym_id 
_struct_conn.ptnr1_auth_comp_id 
_struct_conn.ptnr1_auth_seq_id 
_struct_conn.ptnr2_auth_asym_id 
_struct_conn.ptnr2_auth_comp_id 
_struct_conn.ptnr2_auth_seq_id 
_struct_conn.ptnr2_symmetry 
_struct_conn.pdbx_ptnr3_label_atom_id 
_struct_conn.pdbx_ptnr3_label_seq_id 
_struct_conn.pdbx_ptnr3_label_comp_id 
_struct_conn.pdbx_ptnr3_label_asym_id 
_struct_conn.pdbx_ptnr3_label_alt_id 
_struct_conn.pdbx_ptnr3_PDB_ins_code 
_struct_conn.details 
_struct_conn.pdbx_dist_value 
_struct_conn.pdbx_value_order 
_struct_conn.pdbx_role 
metalc1  metalc ? ? A TRP 13 O   ? ? ? 1_555 C K   . K ? ? A TRP 206 A K   302 1_555 ? ? ? ? ? ? ? 2.655 ? ? 
metalc2  metalc ? ? A HIS 28 O   ? ? ? 1_555 C K   . K ? ? A HIS 221 A K   302 4_555 ? ? ? ? ? ? ? 3.003 ? ? 
metalc3  metalc ? ? A ASN 29 OD1 ? ? ? 1_555 D K   . K ? ? A ASN 222 A K   303 1_555 ? ? ? ? ? ? ? 2.599 ? ? 
metalc4  metalc ? ? A ASN 29 OD1 ? ? ? 1_555 D K   . K ? ? A ASN 222 A K   303 4_555 ? ? ? ? ? ? ? 2.599 ? ? 
metalc5  metalc ? ? A ASN 31 OD1 ? ? ? 1_555 C K   . K ? ? A ASN 224 A K   302 4_555 ? ? ? ? ? ? ? 2.707 ? ? 
metalc6  metalc ? ? A THR 58 O   ? ? ? 1_555 B K   . K ? ? A THR 251 A K   301 1_555 ? ? ? ? ? ? ? 2.757 ? ? 
metalc7  metalc ? ? A THR 58 O   ? ? ? 1_555 B K   . K ? ? A THR 251 A K   301 3_755 ? ? ? ? ? ? ? 2.757 ? ? 
metalc8  metalc ? ? A TYR 70 O   ? ? ? 1_555 B K   . K ? ? A TYR 263 A K   301 1_555 ? ? ? ? ? ? ? 2.696 ? ? 
metalc9  metalc ? ? A TYR 70 O   ? ? ? 1_555 B K   . K ? ? A TYR 263 A K   301 3_755 ? ? ? ? ? ? ? 2.696 ? ? 
metalc10 metalc ? ? A TYR 88 OH  ? ? ? 1_555 C K   . K ? ? A TYR 281 A K   302 2_755 ? ? ? ? ? ? ? 2.870 ? ? 
metalc11 metalc ? ? C K   .  K   ? ? ? 1_555 E HOH . O ? ? A K   302 A HOH 412 1_555 ? ? ? ? ? ? ? 2.896 ? ? 
metalc12 metalc ? ? C K   .  K   ? ? ? 1_555 E HOH . O ? ? A K   302 A HOH 489 1_555 ? ? ? ? ? ? ? 2.994 ? ? 
metalc13 metalc ? ? D K   .  K   ? ? ? 1_555 E HOH . O ? ? A K   303 A HOH 472 1_555 ? ? ? ? ? ? ? 2.941 ? ? 
metalc14 metalc ? ? D K   .  K   ? ? ? 1_555 E HOH . O ? ? A K   303 A HOH 472 4_555 ? ? ? ? ? ? ? 2.941 ? ? 
# 
_struct_conn_type.id          metalc 
_struct_conn_type.criteria    ? 
_struct_conn_type.reference   ? 
# 
_struct_mon_prot_cis.pdbx_id                1 
_struct_mon_prot_cis.label_comp_id          GLU 
_struct_mon_prot_cis.label_seq_id           89 
_struct_mon_prot_cis.label_asym_id          A 
_struct_mon_prot_cis.label_alt_id           . 
_struct_mon_prot_cis.pdbx_PDB_ins_code      ? 
_struct_mon_prot_cis.auth_comp_id           GLU 
_struct_mon_prot_cis.auth_seq_id            282 
_struct_mon_prot_cis.auth_asym_id           A 
_struct_mon_prot_cis.pdbx_label_comp_id_2   GLY 
_struct_mon_prot_cis.pdbx_label_seq_id_2    90 
_struct_mon_prot_cis.pdbx_label_asym_id_2   A 
_struct_mon_prot_cis.pdbx_PDB_ins_code_2    ? 
_struct_mon_prot_cis.pdbx_auth_comp_id_2    GLY 
_struct_mon_prot_cis.pdbx_auth_seq_id_2     283 
_struct_mon_prot_cis.pdbx_auth_asym_id_2    A 
_struct_mon_prot_cis.pdbx_PDB_model_num     1 
_struct_mon_prot_cis.pdbx_omega_angle       12.43 
# 
loop_
_struct_sheet.id 
_struct_sheet.type 
_struct_sheet.number_strands 
_struct_sheet.details 
AA1 ? 3 ? 
AA2 ? 3 ? 
# 
loop_
_struct_sheet_order.sheet_id 
_struct_sheet_order.range_id_1 
_struct_sheet_order.range_id_2 
_struct_sheet_order.offset 
_struct_sheet_order.sense 
AA1 1 2 ? anti-parallel 
AA1 2 3 ? anti-parallel 
AA2 1 2 ? anti-parallel 
AA2 2 3 ? anti-parallel 
# 
loop_
_struct_sheet_range.sheet_id 
_struct_sheet_range.id 
_struct_sheet_range.beg_label_comp_id 
_struct_sheet_range.beg_label_asym_id 
_struct_sheet_range.beg_label_seq_id 
_struct_sheet_range.pdbx_beg_PDB_ins_code 
_struct_sheet_range.end_label_comp_id 
_struct_sheet_range.end_label_asym_id 
_struct_sheet_range.end_label_seq_id 
_struct_sheet_range.pdbx_end_PDB_ins_code 
_struct_sheet_range.beg_auth_comp_id 
_struct_sheet_range.beg_auth_asym_id 
_struct_sheet_range.beg_auth_seq_id 
_struct_sheet_range.end_auth_comp_id 
_struct_sheet_range.end_auth_asym_id 
_struct_sheet_range.end_auth_seq_id 
AA1 1 TRP A 13 ? TRP A 17 ? TRP A 206 TRP A 210 
AA1 2 LYS A 23 ? ASP A 27 ? LYS A 216 ASP A 220 
AA1 3 THR A 32 ? HIS A 34 ? THR A 225 HIS A 227 
AA2 1 TRP A 48 ? SER A 53 ? TRP A 241 SER A 246 
AA2 2 GLY A 57 ? ASP A 62 ? GLY A 250 ASP A 255 
AA2 3 ARG A 67 ? GLN A 69 ? ARG A 260 GLN A 262 
# 
loop_
_pdbx_struct_sheet_hbond.sheet_id 
_pdbx_struct_sheet_hbond.range_id_1 
_pdbx_struct_sheet_hbond.range_id_2 
_pdbx_struct_sheet_hbond.range_1_label_atom_id 
_pdbx_struct_sheet_hbond.range_1_label_comp_id 
_pdbx_struct_sheet_hbond.range_1_label_asym_id 
_pdbx_struct_sheet_hbond.range_1_label_seq_id 
_pdbx_struct_sheet_hbond.range_1_PDB_ins_code 
_pdbx_struct_sheet_hbond.range_1_auth_atom_id 
_pdbx_struct_sheet_hbond.range_1_auth_comp_id 
_pdbx_struct_sheet_hbond.range_1_auth_asym_id 
_pdbx_struct_sheet_hbond.range_1_auth_seq_id 
_pdbx_struct_sheet_hbond.range_2_label_atom_id 
_pdbx_struct_sheet_hbond.range_2_label_comp_id 
_pdbx_struct_sheet_hbond.range_2_label_asym_id 
_pdbx_struct_sheet_hbond.range_2_label_seq_id 
_pdbx_struct_sheet_hbond.range_2_PDB_ins_code 
_pdbx_struct_sheet_hbond.range_2_auth_atom_id 
_pdbx_struct_sheet_hbond.range_2_auth_comp_id 
_pdbx_struct_sheet_hbond.range_2_auth_asym_id 
_pdbx_struct_sheet_hbond.range_2_auth_seq_id 
AA1 1 2 N SER A 14 ? N SER A 207 O ILE A 26 ? O ILE A 219 
AA1 2 3 N TYR A 25 ? N TYR A 218 O HIS A 34 ? O HIS A 227 
AA2 1 2 N VAL A 51 ? N VAL A 244 O TYR A 59 ? O TYR A 252 
AA2 2 3 N ASP A 62 ? N ASP A 255 O ARG A 67 ? O ARG A 260 
# 
loop_
_struct_site.id 
_struct_site.pdbx_evidence_code 
_struct_site.pdbx_auth_asym_id 
_struct_site.pdbx_auth_comp_id 
_struct_site.pdbx_auth_seq_id 
_struct_site.pdbx_auth_ins_code 
_struct_site.pdbx_num_residues 
_struct_site.details 
AC1 Software A K 301 ? 4 'binding site for residue K A 301' 
AC2 Software A K 302 ? 6 'binding site for residue K A 302' 
AC3 Software A K 303 ? 4 'binding site for residue K A 303' 
# 
loop_
_struct_site_gen.id 
_struct_site_gen.site_id 
_struct_site_gen.pdbx_num_res 
_struct_site_gen.label_comp_id 
_struct_site_gen.label_asym_id 
_struct_site_gen.label_seq_id 
_struct_site_gen.pdbx_auth_ins_code 
_struct_site_gen.auth_comp_id 
_struct_site_gen.auth_asym_id 
_struct_site_gen.auth_seq_id 
_struct_site_gen.label_atom_id 
_struct_site_gen.label_alt_id 
_struct_site_gen.symmetry 
_struct_site_gen.details 
1  AC1 4 THR A 58 ? THR A 251 . ? 3_755 ? 
2  AC1 4 THR A 58 ? THR A 251 . ? 1_555 ? 
3  AC1 4 TYR A 70 ? TYR A 263 . ? 3_755 ? 
4  AC1 4 TYR A 70 ? TYR A 263 . ? 1_555 ? 
5  AC2 6 TRP A 13 ? TRP A 206 . ? 1_555 ? 
6  AC2 6 HIS A 28 ? HIS A 221 . ? 4_555 ? 
7  AC2 6 ASN A 31 ? ASN A 224 . ? 4_555 ? 
8  AC2 6 TYR A 88 ? TYR A 281 . ? 2_754 ? 
9  AC2 6 HOH E .  ? HOH A 412 . ? 1_555 ? 
10 AC2 6 HOH E .  ? HOH A 489 . ? 1_555 ? 
11 AC3 4 ASN A 29 ? ASN A 222 . ? 4_555 ? 
12 AC3 4 ASN A 29 ? ASN A 222 . ? 1_555 ? 
13 AC3 4 HOH E .  ? HOH A 472 . ? 4_555 ? 
14 AC3 4 HOH E .  ? HOH A 472 . ? 1_555 ? 
# 
_atom_sites.entry_id                    7BQG 
_atom_sites.Cartn_transf_matrix[1][1]   ? 
_atom_sites.Cartn_transf_matrix[1][2]   ? 
_atom_sites.Cartn_transf_matrix[1][3]   ? 
_atom_sites.Cartn_transf_matrix[2][1]   ? 
_atom_sites.Cartn_transf_matrix[2][2]   ? 
_atom_sites.Cartn_transf_matrix[2][3]   ? 
_atom_sites.Cartn_transf_matrix[3][1]   ? 
_atom_sites.Cartn_transf_matrix[3][2]   ? 
_atom_sites.Cartn_transf_matrix[3][3]   ? 
_atom_sites.Cartn_transf_vector[1]      ? 
_atom_sites.Cartn_transf_vector[2]      ? 
_atom_sites.Cartn_transf_vector[3]      ? 
_atom_sites.fract_transf_matrix[1][1]   -0.00710568 
_atom_sites.fract_transf_matrix[1][2]   0.02344385 
_atom_sites.fract_transf_matrix[1][3]   -0.00800249 
_atom_sites.fract_transf_matrix[2][1]   -0.00754805 
_atom_sites.fract_transf_matrix[2][2]   0.00500671 
_atom_sites.fract_transf_matrix[2][3]   0.02136970 
_atom_sites.fract_transf_matrix[3][1]   0.00910162 
_atom_sites.fract_transf_matrix[3][2]   0.00357046 
_atom_sites.fract_transf_matrix[3][3]   0.00237828 
_atom_sites.fract_transf_vector[1]      0.990516 
_atom_sites.fract_transf_vector[2]      0.287614 
_atom_sites.fract_transf_vector[3]      0.172176 
_atom_sites.solution_primary            ? 
_atom_sites.solution_secondary          ? 
_atom_sites.solution_hydrogens          ? 
_atom_sites.special_details             ? 
# 
loop_
_atom_type.symbol 
_atom_type.scat_dispersion_real 
_atom_type.scat_dispersion_imag 
_atom_type.scat_Cromer_Mann_a1 
_atom_type.scat_Cromer_Mann_a2 
_atom_type.scat_Cromer_Mann_a3 
_atom_type.scat_Cromer_Mann_b1 
_atom_type.scat_Cromer_Mann_b2 
_atom_type.scat_Cromer_Mann_b3 
_atom_type.scat_Cromer_Mann_c 
_atom_type.scat_source 
_atom_type.scat_dispersion_source 
C ? ? 3.54356 2.42580 ?       25.62398 1.50364  ?         0.0 
;2-Gaussian fit: Grosse-Kunstleve RW, Sauter NK, Adams PD: Newsletter of the IUCr Commission on Crystallographic Computing 2004, 3, 22-31.
;
? 
K ? ? 8.66788 8.58341 1.68052 12.31593 0.56275  110.00227 0.0 
;3-Gaussian fit: Grosse-Kunstleve RW, Sauter NK, Adams PD: Newsletter of the IUCr Commission on Crystallographic Computing 2004, 3, 22-31.
;
? 
N ? ? 4.01032 2.96436 ?       19.97189 1.75589  ?         0.0 
;2-Gaussian fit: Grosse-Kunstleve RW, Sauter NK, Adams PD: Newsletter of the IUCr Commission on Crystallographic Computing 2004, 3, 22-31.
;
? 
O ? ? 4.49882 3.47563 ?       15.80542 1.70748  ?         0.0 
;2-Gaussian fit: Grosse-Kunstleve RW, Sauter NK, Adams PD: Newsletter of the IUCr Commission on Crystallographic Computing 2004, 3, 22-31.
;
? 
S ? ? 9.55732 6.39887 ?       1.23737  29.19336 ?         0.0 
;2-Gaussian fit: Grosse-Kunstleve RW, Sauter NK, Adams PD: Newsletter of the IUCr Commission on Crystallographic Computing 2004, 3, 22-31.
;
? 
# 
loop_
_atom_site.group_PDB 
_atom_site.id 
_atom_site.type_symbol 
_atom_site.label_atom_id 
_atom_site.label_alt_id 
_atom_site.label_comp_id 
_atom_site.label_asym_id 
_atom_site.label_entity_id 
_atom_site.label_seq_id 
_atom_site.pdbx_PDB_ins_code 
_atom_site.Cartn_x 
_atom_site.Cartn_y 
_atom_site.Cartn_z 
_atom_site.occupancy 
_atom_site.B_iso_or_equiv 
_atom_site.pdbx_formal_charge 
_atom_site.auth_seq_id 
_atom_site.auth_comp_id 
_atom_site.auth_asym_id 
_atom_site.auth_atom_id 
_atom_site.pdbx_PDB_model_num 
ATOM   1   N N   . ASP A 1 6  ? 4.92979   -1.71859  -14.31182 1.000 47.25752 ? 199 ASP A N   1 
ATOM   2   C CA  . ASP A 1 6  ? 5.99995   -2.64461  -14.66164 1.000 45.05383 ? 199 ASP A CA  1 
ATOM   3   C C   . ASP A 1 6  ? 5.52156   -4.09479  -14.60606 1.000 38.97899 ? 199 ASP A C   1 
ATOM   4   O O   . ASP A 1 6  ? 5.56882   -4.80458  -15.61097 1.000 44.24188 ? 199 ASP A O   1 
ATOM   5   C CB  . ASP A 1 6  ? 7.20524   -2.45280  -13.73641 1.000 47.57293 ? 199 ASP A CB  1 
ATOM   6   N N   . LEU A 1 7  ? 5.06179   -4.53234  -13.43606 1.000 27.17411 ? 200 LEU A N   1 
ATOM   7   C CA  . LEU A 1 7  ? 4.63215   -5.91892  -13.26362 1.000 20.73491 ? 200 LEU A CA  1 
ATOM   8   C C   . LEU A 1 7  ? 3.32154   -6.15100  -13.99998 1.000 14.58948 ? 200 LEU A C   1 
ATOM   9   O O   . LEU A 1 7  ? 2.43081   -5.29916  -13.97491 1.000 17.69964 ? 200 LEU A O   1 
ATOM   10  C CB  . LEU A 1 7  ? 4.47115   -6.27120  -11.77292 1.000 19.87361 ? 200 LEU A CB  1 
ATOM   11  C CG  . LEU A 1 7  ? 5.69952   -6.72538  -10.97678 1.000 30.37858 ? 200 LEU A CG  1 
ATOM   12  C CD1 . LEU A 1 7  ? 6.78273   -5.65501  -10.95793 1.000 39.32002 ? 200 LEU A CD1 1 
ATOM   13  C CD2 . LEU A 1 7  ? 5.30208   -7.09836  -9.55359  1.000 28.67501 ? 200 LEU A CD2 1 
ATOM   14  N N   . PRO A 1 8  ? 3.19109   -7.31202  -14.65636 1.000 16.19690 ? 201 PRO A N   1 
ATOM   15  C CA  . PRO A 1 8  ? 1.96556   -7.65367  -15.38158 1.000 13.90782 ? 201 PRO A CA  1 
ATOM   16  C C   . PRO A 1 8  ? 0.76692   -7.73601  -14.44839 1.000 16.19951 ? 201 PRO A C   1 
ATOM   17  O O   . PRO A 1 8  ? 0.91987   -8.18840  -13.31499 1.000 17.11086 ? 201 PRO A O   1 
ATOM   18  C CB  . PRO A 1 8  ? 2.28164   -9.03475  -15.97850 1.000 20.10791 ? 201 PRO A CB  1 
ATOM   19  C CG  . PRO A 1 8  ? 3.75982   -9.15129  -15.93487 1.000 26.16030 ? 201 PRO A CG  1 
ATOM   20  C CD  . PRO A 1 8  ? 4.19179   -8.38564  -14.72880 1.000 21.53073 ? 201 PRO A CD  1 
ATOM   21  N N   . LEU A 1 9  ? -0.39923  -7.29111  -14.89981 1.000 18.38953 ? 202 LEU A N   1 
ATOM   22  C CA  . LEU A 1 9  ? -1.60981  -7.49368  -14.11270 1.000 14.58809 ? 202 LEU A CA  1 
ATOM   23  C C   . LEU A 1 9  ? -1.99485  -8.96555  -14.12483 1.000 13.88990 ? 202 LEU A C   1 
ATOM   24  O O   . LEU A 1 9  ? -1.91101  -9.61283  -15.16604 1.000 19.08292 ? 202 LEU A O   1 
ATOM   25  C CB  . LEU A 1 9  ? -2.76477  -6.65338  -14.65258 1.000 17.96976 ? 202 LEU A CB  1 
ATOM   26  C CG  . LEU A 1 9  ? -2.66966  -5.13128  -14.59047 1.000 20.78317 ? 202 LEU A CG  1 
ATOM   27  C CD1 . LEU A 1 9  ? -3.85549  -4.51609  -15.31964 1.000 24.85201 ? 202 LEU A CD1 1 
ATOM   28  C CD2 . LEU A 1 9  ? -2.63510  -4.65367  -13.14858 1.000 24.24187 ? 202 LEU A CD2 1 
ATOM   29  N N   . PRO A 1 10 ? -2.43540  -9.49984  -12.97353 1.000 12.42532 ? 203 PRO A N   1 
ATOM   30  C CA  . PRO A 1 10 ? -3.01602  -10.84376 -13.01154 1.000 16.37121 ? 203 PRO A CA  1 
ATOM   31  C C   . PRO A 1 10 ? -4.23968  -10.86661 -13.92591 1.000 13.12209 ? 203 PRO A C   1 
ATOM   32  O O   . PRO A 1 10 ? -4.82999  -9.81218  -14.15252 1.000 14.16859 ? 203 PRO A O   1 
ATOM   33  C CB  . PRO A 1 10 ? -3.41152  -11.10437 -11.55293 1.000 14.97449 ? 203 PRO A CB  1 
ATOM   34  C CG  . PRO A 1 10 ? -2.63059  -10.11891 -10.74191 1.000 11.80143 ? 203 PRO A CG  1 
ATOM   35  C CD  . PRO A 1 10 ? -2.52110  -8.90783  -11.62758 1.000 12.95289 ? 203 PRO A CD  1 
ATOM   36  N N   . PRO A 1 11 ? -4.61868  -12.04789 -14.44048 1.000 12.43129 ? 204 PRO A N   1 
ATOM   37  C CA  . PRO A 1 11 ? -5.80504  -12.14007 -15.29788 1.000 11.49822 ? 204 PRO A CA  1 
ATOM   38  C C   . PRO A 1 11 ? -7.04646  -11.56243 -14.62075 1.000 11.05425 ? 204 PRO A C   1 
ATOM   39  O O   . PRO A 1 11 ? -7.31280  -11.85167 -13.45576 1.000 11.66087 ? 204 PRO A O   1 
ATOM   40  C CB  . PRO A 1 11 ? -5.95266  -13.64568 -15.52844 1.000 15.42540 ? 204 PRO A CB  1 
ATOM   41  C CG  . PRO A 1 11 ? -4.59792  -14.18537 -15.32953 1.000 18.95289 ? 204 PRO A CG  1 
ATOM   42  C CD  . PRO A 1 11 ? -3.99840  -13.36886 -14.22600 1.000 13.32566 ? 204 PRO A CD  1 
ATOM   43  N N   . GLY A 1 12 ? -7.78030  -10.71662 -15.33552 1.000 10.83149 ? 205 GLY A N   1 
ATOM   44  C CA  . GLY A 1 12 ? -9.05965  -10.24026 -14.83979 1.000 10.48981 ? 205 GLY A CA  1 
ATOM   45  C C   . GLY A 1 12 ? -9.04983  -8.84732  -14.24017 1.000 10.03880 ? 205 GLY A C   1 
ATOM   46  O O   . GLY A 1 12 ? -10.03897 -8.40085  -13.68651 1.000 9.78053  ? 205 GLY A O   1 
ATOM   47  N N   . TRP A 1 13 ? -7.91872  -8.16212  -14.36658 1.000 9.99374  ? 206 TRP A N   1 
ATOM   48  C CA  . TRP A 1 13 ? -7.77978  -6.81110  -13.81706 1.000 9.63278  ? 206 TRP A CA  1 
ATOM   49  C C   . TRP A 1 13 ? -7.69234  -5.77403  -14.92929 1.000 9.61647  ? 206 TRP A C   1 
ATOM   50  O O   . TRP A 1 13 ? -7.35843  -6.10241  -16.07288 1.000 12.32589 ? 206 TRP A O   1 
ATOM   51  C CB  . TRP A 1 13 ? -6.53057  -6.70997  -12.94601 1.000 10.35093 ? 206 TRP A CB  1 
ATOM   52  C CG  . TRP A 1 13 ? -6.58079  -7.46240  -11.66272 1.000 9.59693  ? 206 TRP A CG  1 
ATOM   53  C CD1 . TRP A 1 13 ? -6.54334  -8.82139  -11.49344 1.000 9.90681  ? 206 TRP A CD1 1 
ATOM   54  C CD2 . TRP A 1 13 ? -6.65897  -6.89370  -10.35318 1.000 9.33629  ? 206 TRP A CD2 1 
ATOM   55  N NE1 . TRP A 1 13 ? -6.59107  -9.12740  -10.15248 1.000 9.85552  ? 206 TRP A NE1 1 
ATOM   56  C CE2 . TRP A 1 13 ? -6.66353  -7.96300  -9.43053  1.000 9.86500  ? 206 TRP A CE2 1 
ATOM   57  C CE3 . TRP A 1 13 ? -6.71965  -5.57676  -9.87011  1.000 9.03409  ? 206 TRP A CE3 1 
ATOM   58  C CZ2 . TRP A 1 13 ? -6.72351  -7.76038  -8.05238  1.000 10.80550 ? 206 TRP A CZ2 1 
ATOM   59  C CZ3 . TRP A 1 13 ? -6.77389  -5.37457  -8.51047  1.000 10.58629 ? 206 TRP A CZ3 1 
ATOM   60  C CH2 . TRP A 1 13 ? -6.79105  -6.45734  -7.61070  1.000 9.71660  ? 206 TRP A CH2 1 
ATOM   61  N N   . SER A 1 14 ? -7.97447  -4.52036  -14.57709 1.000 9.43611  ? 207 SER A N   1 
ATOM   62  C CA  . SER A 1 14 ? -7.71036  -3.39929  -15.46841 1.000 9.58961  ? 207 SER A CA  1 
ATOM   63  C C   . SER A 1 14 ? -7.32708  -2.19470  -14.61332 1.000 10.13074 ? 207 SER A C   1 
ATOM   64  O O   . SER A 1 14 ? -7.29634  -2.28996  -13.37890 1.000 11.28292 ? 207 SER A O   1 
ATOM   65  C CB  . SER A 1 14 ? -8.92061  -3.11016  -16.38390 1.000 12.00449 ? 207 SER A CB  1 
ATOM   66  O OG  . SER A 1 14 ? -10.04364 -2.61545  -15.66110 1.000 14.04517 ? 207 SER A OG  1 
ATOM   67  N N   . VAL A 1 15 ? -6.98787  -1.08662  -15.26585 1.000 9.60376  ? 208 VAL A N   1 
ATOM   68  C CA  . VAL A 1 15 ? -6.55635  0.10861   -14.54263 1.000 10.99061 ? 208 VAL A CA  1 
ATOM   69  C C   . VAL A 1 15 ? -7.35444  1.31651   -14.99317 1.000 14.25701 ? 208 VAL A C   1 
ATOM   70  O O   . VAL A 1 15 ? -7.87677  1.34918   -16.11260 1.000 15.28467 ? 208 VAL A O   1 
ATOM   71  C CB  . VAL A 1 15 ? -5.05373  0.39462   -14.72627 1.000 15.77900 ? 208 VAL A CB  1 
ATOM   72  C CG1 . VAL A 1 15 ? -4.21955  -0.76042  -14.18642 1.000 15.02412 ? 208 VAL A CG1 1 
ATOM   73  C CG2 . VAL A 1 15 ? -4.72215  0.67841   -16.17404 1.000 25.39321 ? 208 VAL A CG2 1 
ATOM   74  N N   . ASP A 1 16 ? -7.47949  2.29899   -14.10313 1.000 12.54780 ? 209 ASP A N   1 
ATOM   75  C CA  . ASP A 1 16 ? -8.09393  3.56728   -14.47083 1.000 11.98725 ? 209 ASP A CA  1 
ATOM   76  C C   . ASP A 1 16 ? -7.47620  4.67814   -13.63893 1.000 10.62661 ? 209 ASP A C   1 
ATOM   77  O O   . ASP A 1 16 ? -6.53826  4.44972   -12.87429 1.000 10.31817 ? 209 ASP A O   1 
ATOM   78  C CB  . ASP A 1 16 ? -9.61337  3.52609   -14.29187 1.000 14.17510 ? 209 ASP A CB  1 
ATOM   79  C CG  . ASP A 1 16 ? -10.34535 4.48587   -15.23838 1.000 23.60704 ? 209 ASP A CG  1 
ATOM   80  O OD1 . ASP A 1 16 ? -9.68678  5.35834   -15.84849 1.000 25.26509 ? 209 ASP A OD1 1 
ATOM   81  O OD2 . ASP A 1 16 ? -11.58068 4.35990   -15.37231 1.000 29.52025 ? 209 ASP A OD2 1 
ATOM   82  N N   A TRP A 1 17 ? -7.93823  5.90901   -13.84613 0.418 11.39787 ? 210 TRP A N   1 
ATOM   83  N N   B TRP A 1 17 ? -8.04605  5.87246   -13.77353 0.582 11.35890 ? 210 TRP A N   1 
ATOM   84  C CA  A TRP A 1 17 ? -7.39286  7.05529   -13.11998 0.418 12.39256 ? 210 TRP A CA  1 
ATOM   85  C CA  B TRP A 1 17 ? -7.48465  7.06842   -13.17280 0.582 12.96388 ? 210 TRP A CA  1 
ATOM   86  C C   A TRP A 1 17 ? -8.51153  7.90923   -12.54440 0.418 12.14091 ? 210 TRP A C   1 
ATOM   87  C C   B TRP A 1 17 ? -8.56763  7.90638   -12.52919 0.582 11.97127 ? 210 TRP A C   1 
ATOM   88  O O   A TRP A 1 17 ? -9.57318  8.04259   -13.14880 0.418 12.70010 ? 210 TRP A O   1 
ATOM   89  O O   B TRP A 1 17 ? -9.66554  8.02441   -13.06817 0.582 13.36166 ? 210 TRP A O   1 
ATOM   90  C CB  A TRP A 1 17 ? -6.49672  7.91295   -14.03067 0.418 12.11523 ? 210 TRP A CB  1 
ATOM   91  C CB  B TRP A 1 17 ? -6.74870  7.87508   -14.24135 0.582 13.95072 ? 210 TRP A CB  1 
ATOM   92  C CG  A TRP A 1 17 ? -5.06592  7.47014   -14.07436 0.418 9.43497  ? 210 TRP A CG  1 
ATOM   93  C CG  B TRP A 1 17 ? -5.77010  7.03562   -14.95397 0.582 9.49362  ? 210 TRP A CG  1 
ATOM   94  C CD1 A TRP A 1 17 ? -4.02095  7.99568   -13.36627 0.418 9.45532  ? 210 TRP A CD1 1 
ATOM   95  C CD1 B TRP A 1 17 ? -6.00443  6.21494   -16.03003 0.582 9.59675  ? 210 TRP A CD1 1 
ATOM   96  C CD2 A TRP A 1 17 ? -4.52179  6.41321   -14.86660 0.418 9.50147  ? 210 TRP A CD2 1 
ATOM   97  C CD2 B TRP A 1 17 ? -4.39407  6.89834   -14.63599 0.582 9.52232  ? 210 TRP A CD2 1 
ATOM   98  N NE1 A TRP A 1 17 ? -2.85805  7.32547   -13.66776 0.418 15.65308 ? 210 TRP A NE1 1 
ATOM   99  N NE1 B TRP A 1 17 ? -4.84853  5.57599   -16.39139 0.582 14.94811 ? 210 TRP A NE1 1 
ATOM   100 C CE2 A TRP A 1 17 ? -3.14007  6.34403   -14.58149 0.418 13.84729 ? 210 TRP A CE2 1 
ATOM   101 C CE2 B TRP A 1 17 ? -3.84197  5.98161   -15.55325 0.582 9.66293  ? 210 TRP A CE2 1 
ATOM   102 C CE3 A TRP A 1 17 ? -5.06834  5.50808   -15.77992 0.418 10.12015 ? 210 TRP A CE3 1 
ATOM   103 C CE3 B TRP A 1 17 ? -3.56612  7.46104   -13.66031 0.582 13.57640 ? 210 TRP A CE3 1 
ATOM   104 C CZ2 A TRP A 1 17 ? -2.30156  5.41525   -15.18462 0.418 16.16653 ? 210 TRP A CZ2 1 
ATOM   105 C CZ2 B TRP A 1 17 ? -2.49935  5.62182   -15.52654 0.582 17.29319 ? 210 TRP A CZ2 1 
ATOM   106 C CZ3 A TRP A 1 17 ? -4.23283  4.58417   -16.37350 0.418 13.17578 ? 210 TRP A CZ3 1 
ATOM   107 C CZ3 B TRP A 1 17 ? -2.23263  7.10739   -13.64142 0.582 9.53603  ? 210 TRP A CZ3 1 
ATOM   108 C CH2 A TRP A 1 17 ? -2.86565  4.54344   -16.07052 0.418 14.56050 ? 210 TRP A CH2 1 
ATOM   109 C CH2 B TRP A 1 17 ? -1.71455  6.18949   -14.56070 0.582 15.65440 ? 210 TRP A CH2 1 
ATOM   110 N N   . THR A 1 18 ? -8.26611  8.47662   -11.36700 1.000 11.30648 ? 211 THR A N   1 
ATOM   111 C CA  . THR A 1 18 ? -9.21584  9.39501   -10.73306 1.000 12.02971 ? 211 THR A CA  1 
ATOM   112 C C   . THR A 1 18 ? -9.13593  10.78451  -11.36541 1.000 15.11006 ? 211 THR A C   1 
ATOM   113 O O   . THR A 1 18 ? -8.22799  11.07810  -12.14564 1.000 14.50442 ? 211 THR A O   1 
ATOM   114 C CB  . THR A 1 18 ? -8.96504  9.54027   -9.22481  1.000 14.69070 ? 211 THR A CB  1 
ATOM   115 O OG1 . THR A 1 18 ? -7.76979  10.29584  -9.00520  1.000 12.57752 ? 211 THR A OG1 1 
ATOM   116 C CG2 . THR A 1 18 ? -8.84736  8.16778   -8.54088  1.000 16.06693 ? 211 THR A CG2 1 
ATOM   117 N N   . MET A 1 19 ? -10.07426 11.64368  -10.99272 1.000 16.81160 ? 212 MET A N   1 
ATOM   118 C CA  . MET A 1 19 ? -10.07802 13.03059  -11.45697 1.000 15.48879 ? 212 MET A CA  1 
ATOM   119 C C   . MET A 1 19 ? -8.93504  13.86561  -10.86264 1.000 22.52960 ? 212 MET A C   1 
ATOM   120 O O   . MET A 1 19 ? -8.77913  15.04280  -11.18770 1.000 23.65068 ? 212 MET A O   1 
ATOM   121 C CB  . MET A 1 19 ? -11.42748 13.68331  -11.13618 1.000 23.03027 ? 212 MET A CB  1 
ATOM   122 N N   . ARG A 1 20 ? -8.13700  13.26288  -9.99186  1.000 19.68788 ? 213 ARG A N   1 
ATOM   123 C CA  . ARG A 1 20 ? -6.94242  13.91032  -9.47403  1.000 19.34008 ? 213 ARG A CA  1 
ATOM   124 C C   . ARG A 1 20 ? -5.67556  13.30265  -10.06518 1.000 19.24145 ? 213 ARG A C   1 
ATOM   125 O O   . ARG A 1 20 ? -4.56711  13.67206  -9.68819  1.000 20.13211 ? 213 ARG A O   1 
ATOM   126 C CB  . ARG A 1 20 ? -6.90544  13.81759  -7.94929  1.000 25.20058 ? 213 ARG A CB  1 
ATOM   127 C CG  . ARG A 1 20 ? -8.01721  14.59158  -7.28023  1.000 32.02234 ? 213 ARG A CG  1 
ATOM   128 C CD  . ARG A 1 20 ? -8.09439  14.25959  -5.80321  1.000 42.52555 ? 213 ARG A CD  1 
ATOM   129 N NE  . ARG A 1 20 ? -8.79340  15.29949  -5.06081  1.000 48.15831 ? 213 ARG A NE  1 
ATOM   130 C CZ  . ARG A 1 20 ? -8.19042  16.16299  -4.25337  1.000 50.93938 ? 213 ARG A CZ  1 
ATOM   131 N NH1 . ARG A 1 20 ? -6.87642  16.10109  -4.08087  1.000 53.05514 ? 213 ARG A NH1 1 
ATOM   132 N NH2 . ARG A 1 20 ? -8.90050  17.08262  -3.61410  1.000 53.45510 ? 213 ARG A NH2 1 
ATOM   133 N N   . GLY A 1 21 ? -5.84140  12.35865  -10.98586 1.000 12.63188 ? 214 GLY A N   1 
ATOM   134 C CA  . GLY A 1 21 ? -4.69568  11.74367  -11.62765 1.000 12.44871 ? 214 GLY A CA  1 
ATOM   135 C C   . GLY A 1 21 ? -4.09659  10.58969  -10.84095 1.000 14.52364 ? 214 GLY A C   1 
ATOM   136 O O   . GLY A 1 21 ? -2.95119  10.21468  -11.06325 1.000 16.85657 ? 214 GLY A O   1 
ATOM   137 N N   . ARG A 1 22 ? -4.86733  10.02129  -9.91688  1.000 13.56074 ? 215 ARG A N   1 
ATOM   138 C CA  . ARG A 1 22 ? -4.36643  8.91802   -9.10866  1.000 11.50621 ? 215 ARG A CA  1 
ATOM   139 C C   . ARG A 1 22 ? -4.79430  7.60443   -9.74847  1.000 10.72214 ? 215 ARG A C   1 
ATOM   140 O O   . ARG A 1 22 ? -5.97017  7.39061   -10.03155 1.000 11.73857 ? 215 ARG A O   1 
ATOM   141 C CB  . ARG A 1 22 ? -4.87256  9.01879   -7.66987  1.000 13.63638 ? 215 ARG A CB  1 
ATOM   142 C CG  . ARG A 1 22 ? -4.26287  8.00682   -6.72017  1.000 17.73311 ? 215 ARG A CG  1 
ATOM   143 C CD  . ARG A 1 22 ? -4.57623  8.39485   -5.28784  1.000 27.06198 ? 215 ARG A CD  1 
ATOM   144 N NE  . ARG A 1 22 ? -4.10461  7.40837   -4.32254  1.000 34.32069 ? 215 ARG A NE  1 
ATOM   145 C CZ  . ARG A 1 22 ? -4.45192  7.40426   -3.03898  1.000 35.51065 ? 215 ARG A CZ  1 
ATOM   146 N NH1 . ARG A 1 22 ? -5.28072  8.32946   -2.57194  1.000 35.76111 ? 215 ARG A NH1 1 
ATOM   147 N NH2 . ARG A 1 22 ? -3.98289  6.46837   -2.22515  1.000 30.33218 ? 215 ARG A NH2 1 
ATOM   148 N N   . LYS A 1 23 ? -3.81347  6.75703   -10.01834 1.000 10.31415 ? 216 LYS A N   1 
ATOM   149 C CA  . LYS A 1 23 ? -4.05779  5.45568   -10.61004 1.000 10.24209 ? 216 LYS A CA  1 
ATOM   150 C C   . LYS A 1 23 ? -4.79384  4.55298   -9.62341  1.000 11.73015 ? 216 LYS A C   1 
ATOM   151 O O   . LYS A 1 23 ? -4.53127  4.57748   -8.40268  1.000 11.57358 ? 216 LYS A O   1 
ATOM   152 C CB  . LYS A 1 23 ? -2.73308  4.81074   -11.02308 1.000 14.36004 ? 216 LYS A CB  1 
ATOM   153 C CG  . LYS A 1 23 ? -2.85682  3.48512   -11.75598 1.000 19.37814 ? 216 LYS A CG  1 
ATOM   154 C CD  . LYS A 1 23 ? -1.47594  2.97069   -12.16089 1.000 24.33862 ? 216 LYS A CD  1 
ATOM   155 C CE  . LYS A 1 23 ? -1.56612  2.04934   -13.36507 1.000 36.14344 ? 216 LYS A CE  1 
ATOM   156 N NZ  . LYS A 1 23 ? -0.22265  1.79373   -13.96806 1.000 41.71462 ? 216 LYS A NZ  1 
ATOM   157 N N   . TYR A 1 24 ? -5.73661  3.76949   -10.13364 1.000 9.82435  ? 217 TYR A N   1 
ATOM   158 C CA  . TYR A 1 24 ? -6.24426  2.68030   -9.31450  1.000 8.34389  ? 217 TYR A CA  1 
ATOM   159 C C   . TYR A 1 24 ? -6.44484  1.42601   -10.14207 1.000 9.21761  ? 217 TYR A C   1 
ATOM   160 O O   . TYR A 1 24 ? -6.44293  1.46968   -11.37481 1.000 10.59073 ? 217 TYR A O   1 
ATOM   161 C CB  . TYR A 1 24 ? -7.53633  3.08411   -8.58072  1.000 11.06833 ? 217 TYR A CB  1 
ATOM   162 C CG  . TYR A 1 24 ? -8.73321  3.42830   -9.43748  1.000 8.29439  ? 217 TYR A CG  1 
ATOM   163 C CD1 . TYR A 1 24 ? -8.83863  4.66692   -10.05942 1.000 9.10287  ? 217 TYR A CD1 1 
ATOM   164 C CD2 . TYR A 1 24 ? -9.77190  2.52542   -9.60290  1.000 10.06105 ? 217 TYR A CD2 1 
ATOM   165 C CE1 . TYR A 1 24 ? -9.94144  4.99079   -10.81348 1.000 8.98195  ? 217 TYR A CE1 1 
ATOM   166 C CE2 . TYR A 1 24 ? -10.87762 2.84096   -10.36139 1.000 10.89485 ? 217 TYR A CE2 1 
ATOM   167 C CZ  . TYR A 1 24 ? -10.95159 4.07471   -10.98017 1.000 11.74087 ? 217 TYR A CZ  1 
ATOM   168 O OH  . TYR A 1 24 ? -12.05348 4.41898   -11.73231 1.000 15.32772 ? 217 TYR A OH  1 
ATOM   169 N N   . TYR A 1 25 ? -6.57582  0.30594   -9.43740  1.000 9.59372  ? 218 TYR A N   1 
ATOM   170 C CA  . TYR A 1 25 ? -6.61754  -1.01606  -10.03514 1.000 9.16453  ? 218 TYR A CA  1 
ATOM   171 C C   . TYR A 1 25 ? -7.99632  -1.62193  -9.83286  1.000 8.44792  ? 218 TYR A C   1 
ATOM   172 O O   . TYR A 1 25 ? -8.55851  -1.57343  -8.73042  1.000 10.08297 ? 218 TYR A O   1 
ATOM   173 C CB  . TYR A 1 25 ? -5.53412  -1.90253  -9.41142  1.000 10.32894 ? 218 TYR A CB  1 
ATOM   174 C CG  . TYR A 1 25 ? -4.13809  -1.39919  -9.68720  1.000 11.30557 ? 218 TYR A CG  1 
ATOM   175 C CD1 . TYR A 1 25 ? -3.54403  -0.43267  -8.87949  1.000 10.81195 ? 218 TYR A CD1 1 
ATOM   176 C CD2 . TYR A 1 25 ? -3.41583  -1.88803  -10.76520 1.000 11.07857 ? 218 TYR A CD2 1 
ATOM   177 C CE1 . TYR A 1 25 ? -2.25240  0.02509   -9.15306  1.000 15.62504 ? 218 TYR A CE1 1 
ATOM   178 C CE2 . TYR A 1 25 ? -2.13676  -1.43886  -11.03969 1.000 13.73388 ? 218 TYR A CE2 1 
ATOM   179 C CZ  . TYR A 1 25 ? -1.56208  -0.49697  -10.23174 1.000 16.98997 ? 218 TYR A CZ  1 
ATOM   180 O OH  . TYR A 1 25 ? -0.28715  -0.06678  -10.53160 1.000 18.19159 ? 218 TYR A OH  1 
ATOM   181 N N   . ILE A 1 26 ? -8.53932  -2.17159  -10.91179 1.000 8.56136  ? 219 ILE A N   1 
ATOM   182 C CA  . ILE A 1 26 ? -9.89855  -2.68259  -10.93567 1.000 9.41945  ? 219 ILE A CA  1 
ATOM   183 C C   . ILE A 1 26 ? -9.85095  -4.19190  -11.05422 1.000 8.74228  ? 219 ILE A C   1 
ATOM   184 O O   . ILE A 1 26 ? -9.30607  -4.72850  -12.02223 1.000 9.63252  ? 219 ILE A O   1 
ATOM   185 C CB  . ILE A 1 26 ? -10.70068 -2.09092  -12.11355 1.000 8.66715  ? 219 ILE A CB  1 
ATOM   186 C CG1 . ILE A 1 26 ? -10.74685 -0.56803  -11.99913 1.000 9.49865  ? 219 ILE A CG1 1 
ATOM   187 C CG2 . ILE A 1 26 ? -12.10449 -2.72755  -12.16614 1.000 10.15656 ? 219 ILE A CG2 1 
ATOM   188 C CD1 . ILE A 1 26 ? -11.19661 0.09570   -13.25975 1.000 14.45251 ? 219 ILE A CD1 1 
ATOM   189 N N   . ASP A 1 27 ? -10.39916 -4.87717  -10.05540 1.000 8.74882  ? 220 ASP A N   1 
ATOM   190 C CA  . ASP A 1 27 ? -10.42337 -6.33672  -10.03572 1.000 8.99673  ? 220 ASP A CA  1 
ATOM   191 C C   . ASP A 1 27 ? -11.77369 -6.83681  -10.50529 1.000 9.21057  ? 220 ASP A C   1 
ATOM   192 O O   . ASP A 1 27 ? -12.71914 -6.87879  -9.72032  1.000 9.01519  ? 220 ASP A O   1 
ATOM   193 C CB  . ASP A 1 27 ? -10.13751 -6.86272  -8.62264  1.000 9.04750  ? 220 ASP A CB  1 
ATOM   194 C CG  . ASP A 1 27 ? -10.06870 -8.37680  -8.56632  1.000 9.38516  ? 220 ASP A CG  1 
ATOM   195 O OD1 . ASP A 1 27 ? -10.12971 -9.01580  -9.64520  1.000 9.67059  ? 220 ASP A OD1 1 
ATOM   196 O OD2 . ASP A 1 27 ? -9.96634  -8.93767  -7.44314  1.000 11.57196 ? 220 ASP A OD2 1 
ATOM   197 N N   . HIS A 1 28 ? -11.85632 -7.23774  -11.77134 1.000 9.22841  ? 221 HIS A N   1 
ATOM   198 C CA  . HIS A 1 28 ? -13.10727 -7.74528  -12.31567 1.000 9.32200  ? 221 HIS A CA  1 
ATOM   199 C C   . HIS A 1 28 ? -13.39912 -9.17562  -11.85519 1.000 9.74092  ? 221 HIS A C   1 
ATOM   200 O O   . HIS A 1 28 ? -14.44724 -9.71895  -12.18348 1.000 10.86859 ? 221 HIS A O   1 
ATOM   201 C CB  . HIS A 1 28 ? -13.09562 -7.67342  -13.85323 1.000 9.44502  ? 221 HIS A CB  1 
ATOM   202 C CG  . HIS A 1 28 ? -12.90465 -6.28302  -14.38768 1.000 10.16759 ? 221 HIS A CG  1 
ATOM   203 N ND1 . HIS A 1 28 ? -13.93513 -5.36738  -14.46332 1.000 11.47701 ? 221 HIS A ND1 1 
ATOM   204 C CD2 . HIS A 1 28 ? -11.80003 -5.65111  -14.85641 1.000 9.26334  ? 221 HIS A CD2 1 
ATOM   205 C CE1 . HIS A 1 28 ? -13.47092 -4.22936  -14.95485 1.000 9.22512  ? 221 HIS A CE1 1 
ATOM   206 N NE2 . HIS A 1 28 ? -12.17925 -4.37690  -15.20830 1.000 9.79685  ? 221 HIS A NE2 1 
ATOM   207 N N   . ASN A 1 29 ? -12.47770 -9.78095  -11.10283 1.000 9.75567  ? 222 ASN A N   1 
ATOM   208 C CA  . ASN A 1 29 ? -12.72709 -11.10895 -10.54044 1.000 10.09222 ? 222 ASN A CA  1 
ATOM   209 C C   . ASN A 1 29 ? -13.63319 -10.99948 -9.32672  1.000 11.28705 ? 222 ASN A C   1 
ATOM   210 O O   . ASN A 1 29 ? -14.48276 -11.84712 -9.11009  1.000 13.11515 ? 222 ASN A O   1 
ATOM   211 C CB  . ASN A 1 29 ? -11.42902 -11.81185 -10.14599 1.000 10.34747 ? 222 ASN A CB  1 
ATOM   212 C CG  . ASN A 1 29 ? -10.47607 -11.98761 -11.30858 1.000 10.52210 ? 222 ASN A CG  1 
ATOM   213 O OD1 . ASN A 1 29 ? -10.74224 -12.76221 -12.22943 1.000 13.38173 ? 222 ASN A OD1 1 
ATOM   214 N ND2 . ASN A 1 29 ? -9.34100  -11.30158 -11.25800 1.000 10.45058 ? 222 ASN A ND2 1 
ATOM   215 N N   . THR A 1 30 ? -13.45205 -9.93268  -8.54871  1.000 9.81977  ? 223 THR A N   1 
ATOM   216 C CA  . THR A 1 30 ? -14.17206 -9.77687  -7.28371  1.000 10.27801 ? 223 THR A CA  1 
ATOM   217 C C   . THR A 1 30 ? -15.06992 -8.53204  -7.24842  1.000 9.95718  ? 223 THR A C   1 
ATOM   218 O O   . THR A 1 30 ? -15.74004 -8.27015  -6.22177  1.000 13.16968 ? 223 THR A O   1 
ATOM   219 C CB  . THR A 1 30 ? -13.19311 -9.68881  -6.10174  1.000 11.67469 ? 223 THR A CB  1 
ATOM   220 O OG1 . THR A 1 30 ? -12.30119 -8.58726  -6.31843  1.000 12.23951 ? 223 THR A OG1 1 
ATOM   221 C CG2 . THR A 1 30 ? -12.39381 -10.99186 -5.94164  1.000 12.22368 ? 223 THR A CG2 1 
ATOM   222 N N   . ASN A 1 31 ? -15.09557 -7.79227  -8.36113  1.000 9.65730  ? 224 ASN A N   1 
ATOM   223 C CA  . ASN A 1 31 ? -15.79683 -6.50736  -8.46237  1.000 10.09194 ? 224 ASN A CA  1 
ATOM   224 C C   . ASN A 1 31 ? -15.38610 -5.54045  -7.34934  1.000 10.92023 ? 224 ASN A C   1 
ATOM   225 O O   . ASN A 1 31 ? -16.22064 -4.99482  -6.60572  1.000 12.97603 ? 224 ASN A O   1 
ATOM   226 C CB  . ASN A 1 31 ? -17.30931 -6.72592  -8.45815  1.000 11.62173 ? 224 ASN A CB  1 
ATOM   227 C CG  . ASN A 1 31 ? -17.79570 -7.40820  -9.72155  1.000 14.21732 ? 224 ASN A CG  1 
ATOM   228 O OD1 . ASN A 1 31 ? -16.99533 -7.86980  -10.54019 1.000 12.35853 ? 224 ASN A OD1 1 
ATOM   229 N ND2 . ASN A 1 31 ? -19.11352 -7.47893  -9.88736  1.000 18.97301 ? 224 ASN A ND2 1 
ATOM   230 N N   . THR A 1 32 ? -14.08019 -5.32975  -7.24534  1.000 11.22996 ? 225 THR A N   1 
ATOM   231 C CA  . THR A 1 32 ? -13.52655 -4.41929  -6.25888  1.000 9.97222  ? 225 THR A CA  1 
ATOM   232 C C   . THR A 1 32 ? -12.46319 -3.54824  -6.89870  1.000 9.78481  ? 225 THR A C   1 
ATOM   233 O O   . THR A 1 32 ? -11.99745 -3.82176  -8.01405  1.000 11.34435 ? 225 THR A O   1 
ATOM   234 C CB  . THR A 1 32 ? -12.90927 -5.16704  -5.06843  1.000 9.39001  ? 225 THR A CB  1 
ATOM   235 O OG1 . THR A 1 32 ? -11.88447 -6.05693  -5.53743  1.000 12.86490 ? 225 THR A OG1 1 
ATOM   236 C CG2 . THR A 1 32 ? -13.96594 -5.96258  -4.30975  1.000 13.27128 ? 225 THR A CG2 1 
ATOM   237 N N   . THR A 1 33 ? -12.10271 -2.48320  -6.19269  1.000 9.19112  ? 226 THR A N   1 
ATOM   238 C CA  . THR A 1 33 ? -11.09681 -1.54825  -6.67661  1.000 8.25618  ? 226 THR A CA  1 
ATOM   239 C C   . THR A 1 33 ? -10.06926 -1.30573  -5.57889  1.000 8.60539  ? 226 THR A C   1 
ATOM   240 O O   . THR A 1 33 ? -10.36970 -1.47008  -4.38283  1.000 10.28665 ? 226 THR A O   1 
ATOM   241 C CB  . THR A 1 33 ? -11.71860 -0.20908  -7.10982  1.000 9.23335  ? 226 THR A CB  1 
ATOM   242 O OG1 . THR A 1 33 ? -12.38707 0.36782   -5.99415  1.000 11.28778 ? 226 THR A OG1 1 
ATOM   243 C CG2 . THR A 1 33 ? -12.71948 -0.39031  -8.23818  1.000 8.20194  ? 226 THR A CG2 1 
ATOM   244 N N   . HIS A 1 34 ? -8.86479  -0.91978  -5.99438  1.000 8.37303  ? 227 HIS A N   1 
ATOM   245 C CA  . HIS A 1 34 ? -7.68728  -0.92616  -5.12470  1.000 9.38286  ? 227 HIS A CA  1 
ATOM   246 C C   . HIS A 1 34 ? -6.71406  0.16263   -5.49596  1.000 10.11442 ? 227 HIS A C   1 
ATOM   247 O O   . HIS A 1 34 ? -6.55232  0.47420   -6.66997  1.000 11.25976 ? 227 HIS A O   1 
ATOM   248 C CB  . HIS A 1 34 ? -6.97429  -2.27819  -5.22338  1.000 8.36002  ? 227 HIS A CB  1 
ATOM   249 C CG  . HIS A 1 34 ? -7.87827  -3.43344  -4.95700  1.000 10.01074 ? 227 HIS A CG  1 
ATOM   250 N ND1 . HIS A 1 34 ? -8.03078  -3.98307  -3.70180  1.000 11.29568 ? 227 HIS A ND1 1 
ATOM   251 C CD2 . HIS A 1 34 ? -8.72858  -4.10357  -5.77094  1.000 12.25819 ? 227 HIS A CD2 1 
ATOM   252 C CE1 . HIS A 1 34 ? -8.91804  -4.96349  -3.76271  1.000 11.72096 ? 227 HIS A CE1 1 
ATOM   253 N NE2 . HIS A 1 34 ? -9.36745  -5.04335  -5.00352  1.000 11.58615 ? 227 HIS A NE2 1 
ATOM   254 N N   . TRP A 1 35 ? -6.02241  0.71837   -4.51229  1.000 9.64153  ? 228 TRP A N   1 
ATOM   255 C CA  . TRP A 1 35 ? -4.98680  1.70339   -4.82000  1.000 8.98529  ? 228 TRP A CA  1 
ATOM   256 C C   . TRP A 1 35 ? -3.68453  1.08643   -5.31933  1.000 8.21572  ? 228 TRP A C   1 
ATOM   257 O O   . TRP A 1 35 ? -2.91453  1.74021   -6.04086  1.000 11.91606 ? 228 TRP A O   1 
ATOM   258 C CB  . TRP A 1 35 ? -4.66882  2.54134   -3.59056  1.000 11.15209 ? 228 TRP A CB  1 
ATOM   259 C CG  . TRP A 1 35 ? -5.73244  3.50735   -3.18735  1.000 10.65646 ? 228 TRP A CG  1 
ATOM   260 C CD1 . TRP A 1 35 ? -6.28301  3.63067   -1.95542  1.000 10.23951 ? 228 TRP A CD1 1 
ATOM   261 C CD2 . TRP A 1 35 ? -6.34234  4.51501   -4.00865  1.000 8.49803  ? 228 TRP A CD2 1 
ATOM   262 N NE1 . TRP A 1 35 ? -7.20527  4.66433   -1.94437  1.000 8.93598  ? 228 TRP A NE1 1 
ATOM   263 C CE2 . TRP A 1 35 ? -7.25948  5.21320   -3.20016  1.000 9.48663  ? 228 TRP A CE2 1 
ATOM   264 C CE3 . TRP A 1 35 ? -6.20226  4.89008   -5.34942  1.000 12.33773 ? 228 TRP A CE3 1 
ATOM   265 C CZ2 . TRP A 1 35 ? -8.03989  6.25394   -3.68592  1.000 10.98493 ? 228 TRP A CZ2 1 
ATOM   266 C CZ3 . TRP A 1 35 ? -6.97693  5.92928   -5.82937  1.000 10.67320 ? 228 TRP A CZ3 1 
ATOM   267 C CH2 . TRP A 1 35 ? -7.88325  6.59726   -4.99697  1.000 11.67926 ? 228 TRP A CH2 1 
ATOM   268 N N   . SER A 1 36 ? -3.41008  -0.15105  -4.92283  1.000 11.72666 ? 229 SER A N   1 
ATOM   269 C CA  . SER A 1 36 ? -2.10542  -0.72312  -5.22901  1.000 13.66631 ? 229 SER A CA  1 
ATOM   270 C C   . SER A 1 36 ? -2.21171  -1.94653  -6.13582  1.000 12.37292 ? 229 SER A C   1 
ATOM   271 O O   . SER A 1 36 ? -3.23383  -2.62643  -6.21685  1.000 11.62612 ? 229 SER A O   1 
ATOM   272 C CB  . SER A 1 36 ? -1.35125  -1.06422  -3.93433  1.000 13.72392 ? 229 SER A CB  1 
ATOM   273 O OG  . SER A 1 36 ? -2.01534  -2.06082  -3.19344  1.000 14.95764 ? 229 SER A OG  1 
ATOM   274 N N   . HIS A 1 37 ? -1.13585  -2.18624  -6.86487  1.000 12.13711 ? 230 HIS A N   1 
ATOM   275 C CA  . HIS A 1 37 ? -1.03458  -3.35841  -7.72121  1.000 14.51577 ? 230 HIS A CA  1 
ATOM   276 C C   . HIS A 1 37 ? -1.13699  -4.64372  -6.88683  1.000 12.97242 ? 230 HIS A C   1 
ATOM   277 O O   . HIS A 1 37 ? -0.47061  -4.77142  -5.86376  1.000 12.87873 ? 230 HIS A O   1 
ATOM   278 C CB  . HIS A 1 37 ? 0.29485   -3.28564  -8.45963  1.000 12.28522 ? 230 HIS A CB  1 
ATOM   279 C CG  . HIS A 1 37 ? 0.41229   -4.21156  -9.62642  1.000 11.76706 ? 230 HIS A CG  1 
ATOM   280 N ND1 . HIS A 1 37 ? 0.35897   -5.58459  -9.50089  1.000 15.19400 ? 230 HIS A ND1 1 
ATOM   281 C CD2 . HIS A 1 37 ? 0.65340   -3.96135  -10.93420 1.000 13.21096 ? 230 HIS A CD2 1 
ATOM   282 C CE1 . HIS A 1 37 ? 0.52505   -6.13733  -10.69000 1.000 11.15973 ? 230 HIS A CE1 1 
ATOM   283 N NE2 . HIS A 1 37 ? 0.71999   -5.17475  -11.57440 1.000 15.19858 ? 230 HIS A NE2 1 
ATOM   284 N N   . PRO A 1 38 ? -1.95126  -5.62339  -7.32918  1.000 12.84502 ? 231 PRO A N   1 
ATOM   285 C CA  . PRO A 1 38 ? -2.11662  -6.82571  -6.49609  1.000 11.08066 ? 231 PRO A CA  1 
ATOM   286 C C   . PRO A 1 38 ? -0.85304  -7.66781  -6.32204  1.000 11.25185 ? 231 PRO A C   1 
ATOM   287 O O   . PRO A 1 38 ? -0.80740  -8.49372  -5.40393  1.000 15.48489 ? 231 PRO A O   1 
ATOM   288 C CB  . PRO A 1 38 ? -3.17977  -7.63846  -7.25172  1.000 13.74014 ? 231 PRO A CB  1 
ATOM   289 C CG  . PRO A 1 38 ? -3.10459  -7.16466  -8.63098  1.000 10.64836 ? 231 PRO A CG  1 
ATOM   290 C CD  . PRO A 1 38 ? -2.78251  -5.68555  -8.54330  1.000 13.08704 ? 231 PRO A CD  1 
ATOM   291 N N   . LEU A 1 39 ? 0.15300   -7.45707  -7.16878  1.000 12.71409 ? 232 LEU A N   1 
ATOM   292 C CA  . LEU A 1 39 ? 1.41365   -8.17263  -6.99092  1.000 13.09633 ? 232 LEU A CA  1 
ATOM   293 C C   . LEU A 1 39 ? 2.41651   -7.34136  -6.20079  1.000 17.25154 ? 232 LEU A C   1 
ATOM   294 O O   . LEU A 1 39 ? 3.58787   -7.71290  -6.09538  1.000 18.90708 ? 232 LEU A O   1 
ATOM   295 C CB  . LEU A 1 39 ? 2.00864   -8.56810  -8.34149  1.000 12.29278 ? 232 LEU A CB  1 
ATOM   296 C CG  . LEU A 1 39 ? 1.13504   -9.53702  -9.13992  1.000 13.59213 ? 232 LEU A CG  1 
ATOM   297 C CD1 . LEU A 1 39 ? 1.85356   -9.90408  -10.43105 1.000 13.79200 ? 232 LEU A CD1 1 
ATOM   298 C CD2 . LEU A 1 39 ? 0.80720   -10.77918 -8.32464  1.000 17.29006 ? 232 LEU A CD2 1 
ATOM   299 N N   . GLU A 1 40 ? 1.95790   -6.22296  -5.64081  1.000 14.99070 ? 233 GLU A N   1 
ATOM   300 C CA  . GLU A 1 40 ? 2.83185   -5.37278  -4.83598  1.000 20.26552 ? 233 GLU A CA  1 
ATOM   301 C C   . GLU A 1 40 ? 2.28208   -5.19189  -3.42704  1.000 22.99259 ? 233 GLU A C   1 
ATOM   302 O O   . GLU A 1 40 ? 2.34601   -4.09428  -2.86930  1.000 28.16407 ? 233 GLU A O   1 
ATOM   303 C CB  . GLU A 1 40 ? 3.02797   -4.01575  -5.51561  1.000 18.86809 ? 233 GLU A CB  1 
ATOM   304 C CG  . GLU A 1 40 ? 3.58580   -4.14456  -6.93349  1.000 20.19896 ? 233 GLU A CG  1 
ATOM   305 C CD  . GLU A 1 40 ? 3.85057   -2.80933  -7.62093  1.000 33.28602 ? 233 GLU A CD  1 
ATOM   306 O OE1 . GLU A 1 40 ? 3.29899   -1.77484  -7.18752  1.000 31.89177 ? 233 GLU A OE1 1 
ATOM   307 O OE2 . GLU A 1 40 ? 4.61432   -2.80356  -8.61221  1.000 42.36248 ? 233 GLU A OE2 1 
ATOM   308 N N   . ARG A 1 41 ? 1.74296   -6.26968  -2.85870  1.000 17.87299 ? 234 ARG A N   1 
ATOM   309 C CA  . ARG A 1 41 ? 1.19710   -6.23364  -1.50167  1.000 17.71672 ? 234 ARG A CA  1 
ATOM   310 C C   . ARG A 1 41 ? 1.78153   -7.30332  -0.60184  1.000 22.86496 ? 234 ARG A C   1 
ATOM   311 O O   . ARG A 1 41 ? 1.08614   -7.82590  0.27777   1.000 20.80665 ? 234 ARG A O   1 
ATOM   312 C CB  . ARG A 1 41 ? -0.31133  -6.41318  -1.51408  1.000 20.83513 ? 234 ARG A CB  1 
ATOM   313 C CG  . ARG A 1 41 ? -0.98510  -5.62498  -2.56911  1.000 19.93251 ? 234 ARG A CG  1 
ATOM   314 C CD  . ARG A 1 41 ? -2.40163  -5.28825  -2.18661  1.000 18.65037 ? 234 ARG A CD  1 
ATOM   315 N NE  . ARG A 1 41 ? -3.08460  -4.77574  -3.36492  1.000 18.36606 ? 234 ARG A NE  1 
ATOM   316 C CZ  . ARG A 1 41 ? -4.23253  -5.24408  -3.83581  1.000 23.15138 ? 234 ARG A CZ  1 
ATOM   317 N NH1 . ARG A 1 41 ? -4.87030  -6.22760  -3.20543  1.000 27.17011 ? 234 ARG A NH1 1 
ATOM   318 N NH2 . ARG A 1 41 ? -4.74858  -4.71280  -4.93499  1.000 14.04471 ? 234 ARG A NH2 1 
ATOM   319 N N   . GLU A 1 42 ? 3.04431   -7.64477  -0.82293  1.000 23.11245 ? 235 GLU A N   1 
ATOM   320 C CA  . GLU A 1 42 ? 3.68974   -8.62288  0.03142   1.000 24.53237 ? 235 GLU A CA  1 
ATOM   321 C C   . GLU A 1 42 ? 3.69281   -8.14392  1.47378   1.000 15.61964 ? 235 GLU A C   1 
ATOM   322 O O   . GLU A 1 42 ? 4.04939   -7.00557  1.75073   1.000 25.91833 ? 235 GLU A O   1 
ATOM   323 C CB  . GLU A 1 42 ? 5.11330   -8.89442  -0.44976  1.000 23.11822 ? 235 GLU A CB  1 
ATOM   324 C CG  . GLU A 1 42 ? 5.15679   -9.81834  -1.65568  1.000 28.29850 ? 235 GLU A CG  1 
ATOM   325 C CD  . GLU A 1 42 ? 4.61659   -11.20308 -1.33189  1.000 33.38722 ? 235 GLU A CD  1 
ATOM   326 O OE1 . GLU A 1 42 ? 4.04822   -11.85088 -2.23199  1.000 32.67741 ? 235 GLU A OE1 1 
ATOM   327 O OE2 . GLU A 1 42 ? 4.76183   -11.64490 -0.17257  1.000 39.89550 ? 235 GLU A OE2 1 
ATOM   328 N N   . GLY A 1 43 ? 3.24606   -9.01105  2.37834   1.000 20.08784 ? 236 GLY A N   1 
ATOM   329 C CA  . GLY A 1 43 ? 3.27538   -8.69865  3.79198   1.000 26.09484 ? 236 GLY A CA  1 
ATOM   330 C C   . GLY A 1 43 ? 2.04493   -7.97857  4.30696   1.000 26.93365 ? 236 GLY A C   1 
ATOM   331 O O   . GLY A 1 43 ? 1.96084   -7.68506  5.49902   1.000 25.84789 ? 236 GLY A O   1 
ATOM   332 N N   . LEU A 1 44 ? 1.09516   -7.68757  3.42076   1.000 20.63033 ? 237 LEU A N   1 
ATOM   333 C CA  . LEU A 1 44 ? -0.14187  -7.02385  3.83005   1.000 18.02396 ? 237 LEU A CA  1 
ATOM   334 C C   . LEU A 1 44 ? -1.29707  -7.99800  3.89525   1.000 19.95081 ? 237 LEU A C   1 
ATOM   335 O O   . LEU A 1 44 ? -1.46680  -8.82159  3.00080   1.000 21.31939 ? 237 LEU A O   1 
ATOM   336 C CB  . LEU A 1 44 ? -0.49517  -5.87322  2.88137   1.000 13.97610 ? 237 LEU A CB  1 
ATOM   337 C CG  . LEU A 1 44 ? 0.32508   -4.59942  3.03808   1.000 21.56434 ? 237 LEU A CG  1 
ATOM   338 C CD1 . LEU A 1 44 ? 0.00822   -3.64023  1.92059   1.000 22.55367 ? 237 LEU A CD1 1 
ATOM   339 C CD2 . LEU A 1 44 ? 0.03312   -3.96105  4.38680   1.000 17.83265 ? 237 LEU A CD2 1 
ATOM   340 N N   . PRO A 1 45 ? -2.09056  -7.91219  4.97577   1.000 15.64273 ? 238 PRO A N   1 
ATOM   341 C CA  . PRO A 1 45 ? -3.30721  -8.71153  5.11892   1.000 17.22665 ? 238 PRO A CA  1 
ATOM   342 C C   . PRO A 1 45 ? -4.38507  -8.23255  4.16517   1.000 16.40653 ? 238 PRO A C   1 
ATOM   343 O O   . PRO A 1 45 ? -4.36531  -7.06418  3.76395   1.000 15.63575 ? 238 PRO A O   1 
ATOM   344 C CB  . PRO A 1 45 ? -3.70869  -8.47380  6.57002   1.000 23.53173 ? 238 PRO A CB  1 
ATOM   345 C CG  . PRO A 1 45 ? -3.14393  -7.12995  6.89796   1.000 27.83556 ? 238 PRO A CG  1 
ATOM   346 C CD  . PRO A 1 45 ? -1.85592  -7.03878  6.14135   1.000 22.12470 ? 238 PRO A CD  1 
ATOM   347 N N   . PRO A 1 46 ? -5.31590  -9.11944  3.79631   1.000 20.33351 ? 239 PRO A N   1 
ATOM   348 C CA  . PRO A 1 46 ? -6.39682  -8.74208  2.88824   1.000 18.78528 ? 239 PRO A CA  1 
ATOM   349 C C   . PRO A 1 46 ? -7.15810  -7.54157  3.42866   1.000 13.42212 ? 239 PRO A C   1 
ATOM   350 O O   . PRO A 1 46 ? -7.42163  -7.49254  4.63799   1.000 19.15234 ? 239 PRO A O   1 
ATOM   351 C CB  . PRO A 1 46 ? -7.29083  -9.98722  2.85453   1.000 28.60305 ? 239 PRO A CB  1 
ATOM   352 C CG  . PRO A 1 46 ? -6.41483  -11.10631 3.29394   1.000 31.15806 ? 239 PRO A CG  1 
ATOM   353 C CD  . PRO A 1 46 ? -5.42407  -10.52005 4.24717   1.000 20.27363 ? 239 PRO A CD  1 
ATOM   354 N N   . GLY A 1 47 ? -7.49619  -6.59986  2.55588   1.000 14.08138 ? 240 GLY A N   1 
ATOM   355 C CA  . GLY A 1 47 ? -8.27065  -5.44257  2.95796   1.000 18.44470 ? 240 GLY A CA  1 
ATOM   356 C C   . GLY A 1 47 ? -7.40412  -4.24425  3.28557   1.000 16.26624 ? 240 GLY A C   1 
ATOM   357 O O   . GLY A 1 47 ? -7.90328  -3.13200  3.36933   1.000 15.19431 ? 240 GLY A O   1 
ATOM   358 N N   . TRP A 1 48 ? -6.10549  -4.47027  3.46580   1.000 12.72874 ? 241 TRP A N   1 
ATOM   359 C CA  . TRP A 1 48 ? -5.17636  -3.37460  3.75588   1.000 11.04538 ? 241 TRP A CA  1 
ATOM   360 C C   . TRP A 1 48 ? -4.30085  -3.02764  2.54659   1.000 11.44705 ? 241 TRP A C   1 
ATOM   361 O O   . TRP A 1 48 ? -3.89945  -3.92045  1.78673   1.000 12.76341 ? 241 TRP A O   1 
ATOM   362 C CB  . TRP A 1 48 ? -4.27615  -3.74200  4.93498   1.000 11.71696 ? 241 TRP A CB  1 
ATOM   363 C CG  . TRP A 1 48 ? -4.93690  -3.78980  6.28019   1.000 10.91769 ? 241 TRP A CG  1 
ATOM   364 C CD1 . TRP A 1 48 ? -5.73963  -4.78733  6.77754   1.000 13.78189 ? 241 TRP A CD1 1 
ATOM   365 C CD2 . TRP A 1 48 ? -4.80631  -2.82060  7.32867   1.000 12.03343 ? 241 TRP A CD2 1 
ATOM   366 N NE1 . TRP A 1 48 ? -6.12326  -4.48548  8.05766   1.000 15.19146 ? 241 TRP A NE1 1 
ATOM   367 C CE2 . TRP A 1 48 ? -5.54995  -3.29724  8.43231   1.000 13.52566 ? 241 TRP A CE2 1 
ATOM   368 C CE3 . TRP A 1 48 ? -4.11739  -1.60376  7.44822   1.000 10.99606 ? 241 TRP A CE3 1 
ATOM   369 C CZ2 . TRP A 1 48 ? -5.65851  -2.58567  9.62762   1.000 14.62872 ? 241 TRP A CZ2 1 
ATOM   370 C CZ3 . TRP A 1 48 ? -4.21635  -0.90268  8.63829   1.000 13.34837 ? 241 TRP A CZ3 1 
ATOM   371 C CH2 . TRP A 1 48 ? -4.97636  -1.40215  9.71981   1.000 10.81723 ? 241 TRP A CH2 1 
ATOM   372 N N   . GLU A 1 49 ? -3.98698  -1.73796  2.38245   1.000 9.17133  ? 242 GLU A N   1 
ATOM   373 C CA  . GLU A 1 49 ? -3.03156  -1.28166  1.36079   1.000 10.10351 ? 242 GLU A CA  1 
ATOM   374 C C   . GLU A 1 49 ? -2.02747  -0.27645  1.90042   1.000 10.81349 ? 242 GLU A C   1 
ATOM   375 O O   . GLU A 1 49 ? -2.32547  0.48306   2.81463   1.000 11.28148 ? 242 GLU A O   1 
ATOM   376 C CB  . GLU A 1 49 ? -3.76613  -0.65989  0.15640   1.000 9.24990  ? 242 GLU A CB  1 
ATOM   377 C CG  . GLU A 1 49 ? -4.67222  -1.65907  -0.53354  1.000 11.64156 ? 242 GLU A CG  1 
ATOM   378 C CD  . GLU A 1 49 ? -5.16271  -1.13934  -1.85384  1.000 9.91626  ? 242 GLU A CD  1 
ATOM   379 O OE1 . GLU A 1 49 ? -6.03489  -0.24918  -1.84967  1.000 10.76666 ? 242 GLU A OE1 1 
ATOM   380 O OE2 . GLU A 1 49 ? -4.63948  -1.59739  -2.88647  1.000 10.36100 ? 242 GLU A OE2 1 
ATOM   381 N N   . ARG A 1 50 ? -0.83396  -0.27313  1.32235   1.000 10.02116 ? 243 ARG A N   1 
ATOM   382 C CA  . ARG A 1 50 ? 0.13382   0.78987   1.58427   1.000 9.78677  ? 243 ARG A CA  1 
ATOM   383 C C   . ARG A 1 50 ? -0.05856  1.89659   0.56379   1.000 13.71583 ? 243 ARG A C   1 
ATOM   384 O O   . ARG A 1 50 ? -0.17543  1.63226   -0.63654  1.000 14.81013 ? 243 ARG A O   1 
ATOM   385 C CB  . ARG A 1 50 ? 1.55372   0.24648   1.52664   1.000 12.46487 ? 243 ARG A CB  1 
ATOM   386 C CG  . ARG A 1 50 ? 2.63594   1.27460   1.81152   1.000 12.52279 ? 243 ARG A CG  1 
ATOM   387 C CD  . ARG A 1 50 ? 3.97767   0.56535   1.91827   1.000 18.42569 ? 243 ARG A CD  1 
ATOM   388 N NE  . ARG A 1 50 ? 5.03038   1.21908   1.15471   1.000 33.81619 ? 243 ARG A NE  1 
ATOM   389 C CZ  . ARG A 1 50 ? 6.17440   0.63223   0.81886   1.000 44.08152 ? 243 ARG A CZ  1 
ATOM   390 N NH1 . ARG A 1 50 ? 6.40427   -0.62528  1.16895   1.000 43.48700 ? 243 ARG A NH1 1 
ATOM   391 N NH2 . ARG A 1 50 ? 7.08642   1.29830   0.12809   1.000 53.16616 ? 243 ARG A NH2 1 
ATOM   392 N N   . VAL A 1 51 ? -0.10296  3.13556   1.04090   1.000 11.45815 ? 244 VAL A N   1 
ATOM   393 C CA  . VAL A 1 51 ? -0.30963  4.28492   0.17399   1.000 10.45825 ? 244 VAL A CA  1 
ATOM   394 C C   . VAL A 1 51 ? 0.78160   5.31318   0.41546   1.000 13.06416 ? 244 VAL A C   1 
ATOM   395 O O   . VAL A 1 51 ? 1.38097   5.36947   1.49321   1.000 11.07174 ? 244 VAL A O   1 
ATOM   396 C CB  . VAL A 1 51 ? -1.70236  4.92383   0.38953   1.000 16.72533 ? 244 VAL A CB  1 
ATOM   397 C CG1 . VAL A 1 51 ? -2.80293  3.96661   -0.04402  1.000 15.62696 ? 244 VAL A CG1 1 
ATOM   398 C CG2 . VAL A 1 51 ? -1.88956  5.32369   1.84129   1.000 15.65958 ? 244 VAL A CG2 1 
ATOM   399 N N   . GLU A 1 52 ? 1.02916   6.11751   -0.60762  1.000 17.29815 ? 245 GLU A N   1 
ATOM   400 C CA  . GLU A 1 52 ? 2.02984   7.16299   -0.55538  1.000 18.66216 ? 245 GLU A CA  1 
ATOM   401 C C   . GLU A 1 52 ? 1.32276   8.50118   -0.67584  1.000 20.48204 ? 245 GLU A C   1 
ATOM   402 O O   . GLU A 1 52 ? 0.40104   8.65289   -1.48102  1.000 27.10270 ? 245 GLU A O   1 
ATOM   403 C CB  . GLU A 1 52 ? 3.04963   7.00063   -1.68214  1.000 24.51900 ? 245 GLU A CB  1 
ATOM   404 C CG  . GLU A 1 52 ? 3.63678   5.61451   -1.80746  1.000 31.36188 ? 245 GLU A CG  1 
ATOM   405 C CD  . GLU A 1 52 ? 4.70295   5.34585   -0.77702  1.000 41.25820 ? 245 GLU A CD  1 
ATOM   406 O OE1 . GLU A 1 52 ? 5.09069   6.29632   -0.05976  1.000 43.84582 ? 245 GLU A OE1 1 
ATOM   407 O OE2 . GLU A 1 52 ? 5.15369   4.18423   -0.68518  1.000 43.79077 ? 245 GLU A OE2 1 
ATOM   408 N N   . SER A 1 53 ? 1.75493   9.46525   0.12083   1.000 20.39432 ? 246 SER A N   1 
ATOM   409 C CA  . SER A 1 53 ? 1.12662   10.77471  0.15989   1.000 23.08655 ? 246 SER A CA  1 
ATOM   410 C C   . SER A 1 53 ? 2.21261   11.84882  0.24771   1.000 20.72586 ? 246 SER A C   1 
ATOM   411 O O   . SER A 1 53 ? 3.16322   11.70632  1.00678   1.000 27.32211 ? 246 SER A O   1 
ATOM   412 C CB  . SER A 1 53 ? 0.17098   10.85385  1.35549   1.000 24.29150 ? 246 SER A CB  1 
ATOM   413 O OG  . SER A 1 53 ? -0.33963  12.16054  1.54456   1.000 22.02213 ? 246 SER A OG  1 
ATOM   414 N N   . SER A 1 54 ? 2.08967   12.92133  -0.52436  1.000 30.16549 ? 247 SER A N   1 
ATOM   415 C CA  . SER A 1 54 ? 3.08172   13.98494  -0.42196  1.000 25.61598 ? 247 SER A CA  1 
ATOM   416 C C   . SER A 1 54 ? 2.88125   14.78027  0.86931   1.000 21.17719 ? 247 SER A C   1 
ATOM   417 O O   . SER A 1 54 ? 3.80969   15.41880  1.36044   1.000 32.26843 ? 247 SER A O   1 
ATOM   418 C CB  . SER A 1 54 ? 3.02648   14.90632  -1.64531  1.000 35.17111 ? 247 SER A CB  1 
ATOM   419 O OG  . SER A 1 54 ? 1.69174   15.22121  -1.98396  1.000 40.79495 ? 247 SER A OG  1 
ATOM   420 N N   . GLU A 1 55 ? 1.67822   14.72432  1.43092   1.000 17.29306 ? 248 GLU A N   1 
ATOM   421 C CA  . GLU A 1 55 ? 1.39827   15.43183  2.67581   1.000 24.42799 ? 248 GLU A CA  1 
ATOM   422 C C   . GLU A 1 55 ? 1.62519   14.54720  3.90033   1.000 23.28191 ? 248 GLU A C   1 
ATOM   423 O O   . GLU A 1 55 ? 2.14934   15.01143  4.91750   1.000 27.65240 ? 248 GLU A O   1 
ATOM   424 C CB  . GLU A 1 55 ? -0.03766  15.96610  2.68923   1.000 34.55758 ? 248 GLU A CB  1 
ATOM   425 C CG  . GLU A 1 55 ? -0.44239  16.60341  4.02255   1.000 45.89350 ? 248 GLU A CG  1 
ATOM   426 C CD  . GLU A 1 55 ? -1.75720  17.36990  3.95198   1.000 60.65869 ? 248 GLU A CD  1 
ATOM   427 O OE1 . GLU A 1 55 ? -2.21243  17.68683  2.83131   1.000 64.53257 ? 248 GLU A OE1 1 
ATOM   428 O OE2 . GLU A 1 55 ? -2.32862  17.67122  5.02333   1.000 64.37122 ? 248 GLU A OE2 1 
ATOM   429 N N   . PHE A 1 56 ? 1.24028   13.27483  3.80605   1.000 19.28019 ? 249 PHE A N   1 
ATOM   430 C CA  . PHE A 1 56 ? 1.28062   12.39219  4.97076   1.000 13.94675 ? 249 PHE A CA  1 
ATOM   431 C C   . PHE A 1 56 ? 2.36426   11.31543  4.91353   1.000 13.90494 ? 249 PHE A C   1 
ATOM   432 O O   . PHE A 1 56 ? 2.52249   10.54425  5.86405   1.000 15.80730 ? 249 PHE A O   1 
ATOM   433 C CB  . PHE A 1 56 ? -0.08526  11.72484  5.16077   1.000 15.97243 ? 249 PHE A CB  1 
ATOM   434 C CG  . PHE A 1 56 ? -1.14816  12.66869  5.61810   1.000 15.03816 ? 249 PHE A CG  1 
ATOM   435 C CD1 . PHE A 1 56 ? -1.30804  12.94541  6.97061   1.000 14.93096 ? 249 PHE A CD1 1 
ATOM   436 C CD2 . PHE A 1 56 ? -1.96779  13.30284  4.70229   1.000 22.53134 ? 249 PHE A CD2 1 
ATOM   437 C CE1 . PHE A 1 56 ? -2.28386  13.82621  7.40558   1.000 22.18969 ? 249 PHE A CE1 1 
ATOM   438 C CE2 . PHE A 1 56 ? -2.94701  14.19533  5.12829   1.000 17.86849 ? 249 PHE A CE2 1 
ATOM   439 C CZ  . PHE A 1 56 ? -3.09949  14.45444  6.48357   1.000 20.73353 ? 249 PHE A CZ  1 
ATOM   440 N N   . GLY A 1 57 ? 3.10205   11.25356  3.81280   1.000 14.75177 ? 250 GLY A N   1 
ATOM   441 C CA  . GLY A 1 57 ? 4.12456   10.22720  3.67029   1.000 15.08818 ? 250 GLY A CA  1 
ATOM   442 C C   . GLY A 1 57 ? 3.51174   8.85381   3.43331   1.000 12.46948 ? 250 GLY A C   1 
ATOM   443 O O   . GLY A 1 57 ? 2.40950   8.73627   2.90108   1.000 14.87136 ? 250 GLY A O   1 
ATOM   444 N N   . THR A 1 58 ? 4.23552   7.80835   3.81967   1.000 11.28771 ? 251 THR A N   1 
ATOM   445 C CA  . THR A 1 58 ? 3.77983   6.45048   3.59262   1.000 9.89430  ? 251 THR A CA  1 
ATOM   446 C C   . THR A 1 58 ? 2.94101   5.99098   4.76388   1.000 15.33602 ? 251 THR A C   1 
ATOM   447 O O   . THR A 1 58 ? 3.37786   6.03853   5.91509   1.000 13.82268 ? 251 THR A O   1 
ATOM   448 C CB  . THR A 1 58 ? 4.95049   5.48245   3.39507   1.000 14.98437 ? 251 THR A CB  1 
ATOM   449 O OG1 . THR A 1 58 ? 5.81794   6.01201   2.39096   1.000 17.86627 ? 251 THR A OG1 1 
ATOM   450 C CG2 . THR A 1 58 ? 4.45092   4.11835   2.93461   1.000 19.88641 ? 251 THR A CG2 1 
ATOM   451 N N   . TYR A 1 59 ? 1.72987   5.54196   4.47547   1.000 10.84996 ? 252 TYR A N   1 
ATOM   452 C CA  . TYR A 1 59 ? 0.89969   4.98436   5.52710   1.000 10.76886 ? 252 TYR A CA  1 
ATOM   453 C C   . TYR A 1 59 ? 0.04916   3.84345   5.00116   1.000 9.08296  ? 252 TYR A C   1 
ATOM   454 O O   . TYR A 1 59 ? 0.23737   3.37645   3.87776   1.000 10.59807 ? 252 TYR A O   1 
ATOM   455 C CB  . TYR A 1 59 ? 0.03263   6.07856   6.17087   1.000 12.93847 ? 252 TYR A CB  1 
ATOM   456 C CG  . TYR A 1 59 ? -1.00362  6.79270   5.30907   1.000 11.58761 ? 252 TYR A CG  1 
ATOM   457 C CD1 . TYR A 1 59 ? -0.66664  7.91412   4.55907   1.000 12.16020 ? 252 TYR A CD1 1 
ATOM   458 C CD2 . TYR A 1 59 ? -2.32663  6.39924   5.32541   1.000 10.88512 ? 252 TYR A CD2 1 
ATOM   459 C CE1 . TYR A 1 59 ? -1.62732  8.59930   3.82663   1.000 16.00828 ? 252 TYR A CE1 1 
ATOM   460 C CE2 . TYR A 1 59 ? -3.29471  7.08611   4.60676   1.000 11.78684 ? 252 TYR A CE2 1 
ATOM   461 C CZ  . TYR A 1 59 ? -2.93821  8.17507   3.85658   1.000 12.95754 ? 252 TYR A CZ  1 
ATOM   462 O OH  . TYR A 1 59 ? -3.92177  8.83891   3.13514   1.000 16.47525 ? 252 TYR A OH  1 
ATOM   463 N N   . TYR A 1 60 ? -0.86791  3.37477   5.83736   1.000 8.91331  ? 253 TYR A N   1 
ATOM   464 C CA  . TYR A 1 60 ? -1.63360  2.18209   5.51680   1.000 9.57135  ? 253 TYR A CA  1 
ATOM   465 C C   . TYR A 1 60 ? -3.11248  2.42718   5.68911   1.000 11.19372 ? 253 TYR A C   1 
ATOM   466 O O   . TYR A 1 60 ? -3.52295  3.08073   6.64703   1.000 11.74433 ? 253 TYR A O   1 
ATOM   467 C CB  . TYR A 1 60 ? -1.18264  1.01221   6.41075   1.000 10.43311 ? 253 TYR A CB  1 
ATOM   468 C CG  . TYR A 1 60 ? 0.26786   0.66880   6.21320   1.000 9.71712  ? 253 TYR A CG  1 
ATOM   469 C CD1 . TYR A 1 60 ? 0.64818   -0.28762  5.28930   1.000 8.86308  ? 253 TYR A CD1 1 
ATOM   470 C CD2 . TYR A 1 60 ? 1.26055   1.34890   6.90979   1.000 8.95930  ? 253 TYR A CD2 1 
ATOM   471 C CE1 . TYR A 1 60 ? 1.98938   -0.59517  5.08828   1.000 9.75212  ? 253 TYR A CE1 1 
ATOM   472 C CE2 . TYR A 1 60 ? 2.58795   1.06199   6.71269   1.000 11.00775 ? 253 TYR A CE2 1 
ATOM   473 C CZ  . TYR A 1 60 ? 2.95113   0.09088   5.79476   1.000 12.40902 ? 253 TYR A CZ  1 
ATOM   474 O OH  . TYR A 1 60 ? 4.27335   -0.20902  5.59207   1.000 12.72605 ? 253 TYR A OH  1 
ATOM   475 N N   . VAL A 1 61 ? -3.90949  1.92785   4.74807   1.000 10.47460 ? 254 VAL A N   1 
ATOM   476 C CA  . VAL A 1 61 ? -5.36035  2.06579   4.85235   1.000 11.53343 ? 254 VAL A CA  1 
ATOM   477 C C   . VAL A 1 61 ? -5.99416  0.69369   5.04129   1.000 9.42091  ? 254 VAL A C   1 
ATOM   478 O O   . VAL A 1 61 ? -5.55282  -0.30014  4.45945   1.000 9.91212  ? 254 VAL A O   1 
ATOM   479 C CB  . VAL A 1 61 ? -5.97044  2.77555   3.63097   1.000 11.16081 ? 254 VAL A CB  1 
ATOM   480 C CG1 . VAL A 1 61 ? -5.45981  4.20812   3.54939   1.000 13.89028 ? 254 VAL A CG1 1 
ATOM   481 C CG2 . VAL A 1 61 ? -5.67181  2.02042   2.31561   1.000 10.89764 ? 254 VAL A CG2 1 
ATOM   482 N N   . ASP A 1 62 ? -7.01846  0.65121   5.88893   1.000 11.39454 ? 255 ASP A N   1 
ATOM   483 C CA  . ASP A 1 62 ? -7.82368  -0.54760  6.13967   1.000 11.01415 ? 255 ASP A CA  1 
ATOM   484 C C   . ASP A 1 62 ? -9.18823  -0.30481  5.51975   1.000 9.34269  ? 255 ASP A C   1 
ATOM   485 O O   . ASP A 1 62 ? -10.00879 0.39992   6.10417   1.000 11.58705 ? 255 ASP A O   1 
ATOM   486 C CB  . ASP A 1 62 ? -7.95324  -0.81328  7.64431   1.000 12.74647 ? 255 ASP A CB  1 
ATOM   487 C CG  . ASP A 1 62 ? -8.83319  -2.02492  7.96624   1.000 14.88747 ? 255 ASP A CG  1 
ATOM   488 O OD1 . ASP A 1 62 ? -9.41168  -2.62391  7.04463   1.000 16.14991 ? 255 ASP A OD1 1 
ATOM   489 O OD2 . ASP A 1 62 ? -8.95115  -2.37111  9.15956   1.000 14.80486 ? 255 ASP A OD2 1 
ATOM   490 N N   . HIS A 1 63 ? -9.41459  -0.86504  4.33325   1.000 11.22064 ? 256 HIS A N   1 
ATOM   491 C CA  . HIS A 1 63 ? -10.67411 -0.67251  3.62831   1.000 10.94782 ? 256 HIS A CA  1 
ATOM   492 C C   . HIS A 1 63 ? -11.84658 -1.32334  4.34778   1.000 9.67584  ? 256 HIS A C   1 
ATOM   493 O O   . HIS A 1 63 ? -12.99922 -0.95242  4.12208   1.000 16.54785 ? 256 HIS A O   1 
ATOM   494 C CB  . HIS A 1 63 ? -10.58211 -1.23263  2.20991   1.000 10.07710 ? 256 HIS A CB  1 
ATOM   495 C CG  . HIS A 1 63 ? -9.60354  -0.51910  1.33262   1.000 8.89328  ? 256 HIS A CG  1 
ATOM   496 N ND1 . HIS A 1 63 ? -9.66713  0.83541   1.07969   1.000 11.03143 ? 256 HIS A ND1 1 
ATOM   497 C CD2 . HIS A 1 63 ? -8.55007  -0.98543  0.61867   1.000 10.05771 ? 256 HIS A CD2 1 
ATOM   498 C CE1 . HIS A 1 63 ? -8.68810  1.17617   0.25994   1.000 14.65288 ? 256 HIS A CE1 1 
ATOM   499 N NE2 . HIS A 1 63 ? -7.98675  0.09117   -0.02556  1.000 11.56237 ? 256 HIS A NE2 1 
ATOM   500 N N   . THR A 1 64 ? -11.57303 -2.29864  5.21635   1.000 10.52643 ? 257 THR A N   1 
ATOM   501 C CA  . THR A 1 64 ? -12.66953 -3.00183  5.88770   1.000 14.99591 ? 257 THR A CA  1 
ATOM   502 C C   . THR A 1 64 ? -13.20140 -2.22811  7.09161   1.000 19.49754 ? 257 THR A C   1 
ATOM   503 O O   . THR A 1 64 ? -14.28349 -2.53083  7.59608   1.000 27.27911 ? 257 THR A O   1 
ATOM   504 C CB  . THR A 1 64 ? -12.26163 -4.41327  6.36598   1.000 13.34881 ? 257 THR A CB  1 
ATOM   505 O OG1 . THR A 1 64 ? -11.47876 -4.32301  7.57182   1.000 22.51287 ? 257 THR A OG1 1 
ATOM   506 C CG2 . THR A 1 64 ? -11.49185 -5.15721  5.28258   1.000 21.55473 ? 257 THR A CG2 1 
ATOM   507 N N   . ASN A 1 65 ? -12.44316 -1.23949  7.55357   1.000 14.99385 ? 258 ASN A N   1 
ATOM   508 C CA  . ASN A 1 65 ? -12.86568 -0.38498  8.66247   1.000 13.42641 ? 258 ASN A CA  1 
ATOM   509 C C   . ASN A 1 65 ? -12.88775 1.09539   8.28190   1.000 15.13337 ? 258 ASN A C   1 
ATOM   510 O O   . ASN A 1 65 ? -13.24213 1.95417   9.11162   1.000 16.89234 ? 258 ASN A O   1 
ATOM   511 C CB  . ASN A 1 65 ? -11.96017 -0.58772  9.88129   1.000 15.72815 ? 258 ASN A CB  1 
ATOM   512 C CG  . ASN A 1 65 ? -12.25218 -1.88243  10.62114  1.000 18.70237 ? 258 ASN A CG  1 
ATOM   513 O OD1 . ASN A 1 65 ? -13.30900 -2.02894  11.23962  1.000 20.87477 ? 258 ASN A OD1 1 
ATOM   514 N ND2 . ASN A 1 65 ? -11.30540 -2.81718  10.58881  1.000 16.28378 ? 258 ASN A ND2 1 
ATOM   515 N N   . LYS A 1 66 ? -12.52254 1.37674   7.02904   1.000 12.49681 ? 259 LYS A N   1 
ATOM   516 C CA  . LYS A 1 66 ? -12.44010 2.74176   6.50352   1.000 13.04034 ? 259 LYS A CA  1 
ATOM   517 C C   . LYS A 1 66 ? -11.64430 3.63699   7.45167   1.000 12.55191 ? 259 LYS A C   1 
ATOM   518 O O   . LYS A 1 66 ? -12.10905 4.69223   7.89017   1.000 14.95976 ? 259 LYS A O   1 
ATOM   519 C CB  . LYS A 1 66 ? -13.83613 3.31266   6.23964   1.000 17.91441 ? 259 LYS A CB  1 
ATOM   520 C CG  . LYS A 1 66 ? -14.58179 2.51508   5.18086   1.000 18.60332 ? 259 LYS A CG  1 
ATOM   521 C CD  . LYS A 1 66 ? -15.82669 3.24064   4.68632   1.000 29.19036 ? 259 LYS A CD  1 
ATOM   522 C CE  . LYS A 1 66 ? -16.58538 2.39577   3.67467   1.000 40.51100 ? 259 LYS A CE  1 
ATOM   523 N NZ  . LYS A 1 66 ? -17.80932 3.08683   3.17539   1.000 46.30760 ? 259 LYS A NZ  1 
ATOM   524 N N   . ARG A 1 67 ? -10.42985 3.19424   7.76193   1.000 12.56239 ? 260 ARG A N   1 
ATOM   525 C CA  . ARG A 1 67 ? -9.51878  3.97750   8.57833   1.000 10.59233 ? 260 ARG A CA  1 
ATOM   526 C C   . ARG A 1 67 ? -8.08476  3.84092   8.07346   1.000 11.49284 ? 260 ARG A C   1 
ATOM   527 O O   . ARG A 1 67 ? -7.78696  3.01809   7.20853   1.000 11.85352 ? 260 ARG A O   1 
ATOM   528 C CB  . ARG A 1 67 ? -9.61010  3.56191   10.04711  1.000 13.09595 ? 260 ARG A CB  1 
ATOM   529 C CG  . ARG A 1 67 ? -9.37236  2.07530   10.30761  1.000 18.53368 ? 260 ARG A CG  1 
ATOM   530 C CD  . ARG A 1 67 ? -9.42169  1.74051   11.79548  1.000 17.61991 ? 260 ARG A CD  1 
ATOM   531 N NE  . ARG A 1 67 ? -8.40854  2.47805   12.55705  1.000 18.18195 ? 260 ARG A NE  1 
ATOM   532 C CZ  . ARG A 1 67 ? -7.12043  2.14919   12.58715  1.000 17.33594 ? 260 ARG A CZ  1 
ATOM   533 N NH1 . ARG A 1 67 ? -6.68887  1.09065   11.90672  1.000 15.72979 ? 260 ARG A NH1 1 
ATOM   534 N NH2 . ARG A 1 67 ? -6.26079  2.88663   13.27865  1.000 18.45474 ? 260 ARG A NH2 1 
ATOM   535 N N   . ALA A 1 68 ? -7.20215  4.66373   8.63029   1.000 11.44407 ? 261 ALA A N   1 
ATOM   536 C CA  . ALA A 1 68 ? -5.80681  4.70288   8.20276   1.000 10.29086 ? 261 ALA A CA  1 
ATOM   537 C C   . ALA A 1 68 ? -4.89547  4.87033   9.40506   1.000 10.59575 ? 261 ALA A C   1 
ATOM   538 O O   . ALA A 1 68 ? -5.32231  5.38355   10.45501  1.000 13.97271 ? 261 ALA A O   1 
ATOM   539 C CB  . ALA A 1 68 ? -5.58792  5.83002   7.20761   1.000 12.96311 ? 261 ALA A CB  1 
ATOM   540 N N   . GLN A 1 69 ? -3.64585  4.42473   9.25443   1.000 9.60299  ? 262 GLN A N   1 
ATOM   541 C CA  . GLN A 1 69 ? -2.65788  4.55839   10.31185  1.000 10.92555 ? 262 GLN A CA  1 
ATOM   542 C C   . GLN A 1 69 ? -1.26142  4.55477   9.71805   1.000 11.23025 ? 262 GLN A C   1 
ATOM   543 O O   . GLN A 1 69 ? -1.04403  4.01712   8.63164   1.000 11.86550 ? 262 GLN A O   1 
ATOM   544 C CB  . GLN A 1 69 ? -2.81098  3.42990   11.33284  1.000 13.24161 ? 262 GLN A CB  1 
ATOM   545 C CG  . GLN A 1 69 ? -2.62417  2.03840   10.74803  1.000 12.98660 ? 262 GLN A CG  1 
ATOM   546 C CD  . GLN A 1 69 ? -2.88020  0.94619   11.77199  1.000 13.98502 ? 262 GLN A CD  1 
ATOM   547 O OE1 . GLN A 1 69 ? -3.90373  0.95113   12.46165  1.000 16.02770 ? 262 GLN A OE1 1 
ATOM   548 N NE2 . GLN A 1 69 ? -1.94408  0.00856   11.88477  1.000 13.43966 ? 262 GLN A NE2 1 
ATOM   549 N N   . TYR A 1 70 ? -0.30389  5.14409   10.42854  1.000 9.64020  ? 263 TYR A N   1 
ATOM   550 C CA  . TYR A 1 70 ? 1.05499   5.21013   9.89989   1.000 11.56673 ? 263 TYR A CA  1 
ATOM   551 C C   . TYR A 1 70 ? 1.78020   3.88083   9.95661   1.000 12.59613 ? 263 TYR A C   1 
ATOM   552 O O   . TYR A 1 70 ? 2.66540   3.60834   9.14074   1.000 12.94942 ? 263 TYR A O   1 
ATOM   553 C CB  . TYR A 1 70 ? 1.86480   6.25013   10.65676  1.000 12.84893 ? 263 TYR A CB  1 
ATOM   554 C CG  . TYR A 1 70 ? 1.40125   7.65850   10.41184  1.000 11.11029 ? 263 TYR A CG  1 
ATOM   555 C CD1 . TYR A 1 70 ? 1.54195   8.23604   9.15992   1.000 10.38396 ? 263 TYR A CD1 1 
ATOM   556 C CD2 . TYR A 1 70 ? 0.82985   8.40718   11.43452  1.000 15.71232 ? 263 TYR A CD2 1 
ATOM   557 C CE1 . TYR A 1 70 ? 1.13655   9.52864   8.93410   1.000 12.67557 ? 263 TYR A CE1 1 
ATOM   558 C CE2 . TYR A 1 70 ? 0.40650   9.69956   11.21373  1.000 15.04228 ? 263 TYR A CE2 1 
ATOM   559 C CZ  . TYR A 1 70 ? 0.56636   10.25137  9.95742   1.000 12.51512 ? 263 TYR A CZ  1 
ATOM   560 O OH  . TYR A 1 70 ? 0.16090   11.54492  9.70395   1.000 19.61688 ? 263 TYR A OH  1 
ATOM   561 N N   . ARG A 1 71 ? 1.40705   3.06778   10.94228  1.000 15.11745 ? 264 ARG A N   1 
ATOM   562 C CA  . ARG A 1 71 ? 2.08342   1.80322   11.22340  1.000 14.70276 ? 264 ARG A CA  1 
ATOM   563 C C   . ARG A 1 71 ? 1.50717   0.66423   10.39828  1.000 13.88652 ? 264 ARG A C   1 
ATOM   564 O O   . ARG A 1 71 ? 0.29114   0.52426   10.28326  1.000 14.97031 ? 264 ARG A O   1 
ATOM   565 C CB  . ARG A 1 71 ? 1.96750   1.47862   12.71603  1.000 13.62368 ? 264 ARG A CB  1 
ATOM   566 C CG  . ARG A 1 71 ? 2.64341   0.18698   13.15588  1.000 22.87951 ? 264 ARG A CG  1 
ATOM   567 C CD  . ARG A 1 71 ? 2.43175   -0.04823  14.66317  1.000 21.74283 ? 264 ARG A CD  1 
ATOM   568 N NE  . ARG A 1 71 ? 1.07039   0.29893   15.06406  1.000 31.60659 ? 264 ARG A NE  1 
ATOM   569 C CZ  . ARG A 1 71 ? 0.04962   -0.55320  15.05991  1.000 38.81163 ? 264 ARG A CZ  1 
ATOM   570 N NH1 . ARG A 1 71 ? 0.23158   -1.81326  14.67783  1.000 40.69676 ? 264 ARG A NH1 1 
ATOM   571 N NH2 . ARG A 1 71 ? -1.15584  -0.14643  15.43553  1.000 40.42200 ? 264 ARG A NH2 1 
ATOM   572 N N   . HIS A 1 72 ? 2.38615   -0.15568  9.83658   1.000 11.98708 ? 265 HIS A N   1 
ATOM   573 C CA  . HIS A 1 72 ? 1.96539   -1.36952  9.15501   1.000 12.52983 ? 265 HIS A CA  1 
ATOM   574 C C   . HIS A 1 72 ? 1.04760   -2.16345  10.08332  1.000 14.30435 ? 265 HIS A C   1 
ATOM   575 O O   . HIS A 1 72 ? 1.32123   -2.27072  11.27861  1.000 16.05503 ? 265 HIS A O   1 
ATOM   576 C CB  . HIS A 1 72 ? 3.19870   -2.17338  8.76259   1.000 12.65747 ? 265 HIS A CB  1 
ATOM   577 C CG  . HIS A 1 72 ? 2.92342   -3.33135  7.85703   1.000 11.85010 ? 265 HIS A CG  1 
ATOM   578 N ND1 . HIS A 1 72 ? 2.23990   -4.45478  8.27294   1.000 11.77200 ? 265 HIS A ND1 1 
ATOM   579 C CD2 . HIS A 1 72 ? 3.29494   -3.56616  6.57706   1.000 14.99419 ? 265 HIS A CD2 1 
ATOM   580 C CE1 . HIS A 1 72 ? 2.18168   -5.32219  7.27689   1.000 12.65180 ? 265 HIS A CE1 1 
ATOM   581 N NE2 . HIS A 1 72 ? 2.81833   -4.80930  6.23967   1.000 14.81238 ? 265 HIS A NE2 1 
ATOM   582 N N   . PRO A 1 73 ? -0.06143  -2.70092  9.54622   1.000 11.98618 ? 266 PRO A N   1 
ATOM   583 C CA  . PRO A 1 73 ? -1.03442  -3.38969  10.41019  1.000 13.66310 ? 266 PRO A CA  1 
ATOM   584 C C   . PRO A 1 73 ? -0.38922  -4.49326  11.22779  1.000 18.30658 ? 266 PRO A C   1 
ATOM   585 O O   . PRO A 1 73 ? -0.82824  -4.73588  12.35011  1.000 21.55464 ? 266 PRO A O   1 
ATOM   586 C CB  . PRO A 1 73 ? -2.05067  -3.96892  9.41429   1.000 12.05471 ? 266 PRO A CB  1 
ATOM   587 C CG  . PRO A 1 73 ? -1.34464  -3.92677  8.07193   1.000 11.89849 ? 266 PRO A CG  1 
ATOM   588 C CD  . PRO A 1 73 ? -0.46337  -2.72668  8.13128   1.000 11.88281 ? 266 PRO A CD  1 
ATOM   589 N N   . CYS A 1 74 ? 0.65816   -5.12346  10.69570  1.000 16.52712 ? 267 CYS A N   1 
ATOM   590 C CA  . CYS A 1 74 ? 1.25930   -6.26966  11.37109  1.000 18.62944 ? 267 CYS A CA  1 
ATOM   591 C C   . CYS A 1 74 ? 2.48435   -5.90836  12.19692  1.000 20.29308 ? 267 CYS A C   1 
ATOM   592 O O   . CYS A 1 74 ? 3.02681   -6.76119  12.89822  1.000 21.23333 ? 267 CYS A O   1 
ATOM   593 C CB  . CYS A 1 74 ? 1.61679   -7.34541  10.34872  1.000 16.08956 ? 267 CYS A CB  1 
ATOM   594 S SG  . CYS A 1 74 ? 0.16463   -7.92761  9.43435   1.000 22.88520 ? 267 CYS A SG  1 
ATOM   595 N N   . ALA A 1 75 ? 2.92092   -4.65362  12.12712  1.000 19.45955 ? 268 ALA A N   1 
ATOM   596 C CA  . ALA A 1 75 ? 4.07449   -4.22175  12.91789  1.000 23.13514 ? 268 ALA A CA  1 
ATOM   597 C C   . ALA A 1 75 ? 3.76020   -4.22361  14.40930  1.000 28.62487 ? 268 ALA A C   1 
ATOM   598 O O   . ALA A 1 75 ? 2.63545   -3.92735  14.80272  1.000 26.59234 ? 268 ALA A O   1 
ATOM   599 C CB  . ALA A 1 75 ? 4.53032   -2.82957  12.48229  1.000 19.30576 ? 268 ALA A CB  1 
ATOM   600 N N   . PRO A 1 76 ? 4.75795   -4.55985  15.24464  1.000 29.53212 ? 269 PRO A N   1 
ATOM   601 C CA  . PRO A 1 76 ? 4.61434   -4.43741  16.69890  1.000 33.90249 ? 269 PRO A CA  1 
ATOM   602 C C   . PRO A 1 76 ? 4.05456   -3.07554  17.07156  1.000 36.15150 ? 269 PRO A C   1 
ATOM   603 O O   . PRO A 1 76 ? 4.47072   -2.06960  16.50242  1.000 34.82296 ? 269 PRO A O   1 
ATOM   604 C CB  . PRO A 1 76 ? 6.05034   -4.59488  17.20710  1.000 27.76684 ? 269 PRO A CB  1 
ATOM   605 C CG  . PRO A 1 76 ? 6.69801   -5.47294  16.19236  1.000 27.03811 ? 269 PRO A CG  1 
ATOM   606 C CD  . PRO A 1 76 ? 6.07587   -5.09865  14.86362  1.000 30.10160 ? 269 PRO A CD  1 
ATOM   607 N N   A SER A 1 77 ? 3.12005   -3.04932  18.01507  0.706 34.90133 ? 270 SER A N   1 
ATOM   608 N N   B SER A 1 77 ? 3.11800   -3.03469  18.01286  0.294 36.04074 ? 270 SER A N   1 
ATOM   609 C CA  A SER A 1 77 ? 2.49591   -1.80225  18.43719  0.706 37.91058 ? 270 SER A CA  1 
ATOM   610 C CA  B SER A 1 77 ? 2.50088   -1.76907  18.39533  0.294 37.68136 ? 270 SER A CA  1 
ATOM   611 C C   A SER A 1 77 ? 3.42153   -1.00344  19.35415  0.706 39.76596 ? 270 SER A C   1 
ATOM   612 C C   B SER A 1 77 ? 3.41041   -0.96085  19.31696  0.294 39.21500 ? 270 SER A C   1 
ATOM   613 O O   A SER A 1 77 ? 2.99835   -0.49563  20.39287  0.706 41.03305 ? 270 SER A O   1 
ATOM   614 O O   B SER A 1 77 ? 2.96537   -0.40634  20.32182  0.294 40.96820 ? 270 SER A O   1 
ATOM   615 C CB  A SER A 1 77 ? 1.16189   -2.08099  19.13861  0.706 42.74559 ? 270 SER A CB  1 
ATOM   616 C CB  B SER A 1 77 ? 1.14839   -2.00690  19.06648  0.294 41.18134 ? 270 SER A CB  1 
ATOM   617 O OG  A SER A 1 77 ? 0.25551   -2.75498  18.27797  0.706 41.62662 ? 270 SER A OG  1 
ATOM   618 O OG  B SER A 1 77 ? 0.40041   -0.80470  19.12118  0.294 41.14365 ? 270 SER A OG  1 
ATOM   619 N N   . VAL A 1 78 ? 4.69038   -0.91196  18.96407  1.000 34.52922 ? 271 VAL A N   1 
ATOM   620 C CA  . VAL A 1 78 ? 5.67320   -0.08376  19.65301  1.000 26.14694 ? 271 VAL A CA  1 
ATOM   621 C C   . VAL A 1 78 ? 6.44922   0.64015   18.56043  1.000 21.18739 ? 271 VAL A C   1 
ATOM   622 O O   . VAL A 1 78 ? 6.44275   0.18537   17.41996  1.000 23.28358 ? 271 VAL A O   1 
ATOM   623 C CB  . VAL A 1 78 ? 6.63549   -0.90989  20.53065  1.000 24.84952 ? 271 VAL A CB  1 
ATOM   624 C CG1 . VAL A 1 78 ? 5.87537   -1.62316  21.63634  1.000 32.57842 ? 271 VAL A CG1 1 
ATOM   625 C CG2 . VAL A 1 78 ? 7.42819   -1.89593  19.67984  1.000 24.52252 ? 271 VAL A CG2 1 
ATOM   626 N N   . PRO A 1 79 ? 7.09893   1.77016   18.88896  1.000 26.98342 ? 272 PRO A N   1 
ATOM   627 C CA  . PRO A 1 79 ? 7.91477   2.44435   17.86893  1.000 21.12219 ? 272 PRO A CA  1 
ATOM   628 C C   . PRO A 1 79 ? 8.98355   1.51553   17.29450  1.000 16.81622 ? 272 PRO A C   1 
ATOM   629 O O   . PRO A 1 79 ? 9.50966   0.64588   18.00097  1.000 18.41374 ? 272 PRO A O   1 
ATOM   630 C CB  . PRO A 1 79 ? 8.54747   3.61275   18.63204  1.000 25.27411 ? 272 PRO A CB  1 
ATOM   631 C CG  . PRO A 1 79 ? 7.59043   3.87855   19.76008  1.000 30.28109 ? 272 PRO A CG  1 
ATOM   632 C CD  . PRO A 1 79 ? 7.03190   2.53972   20.14380  1.000 34.15140 ? 272 PRO A CD  1 
ATOM   633 N N   . PRO A 1 80 ? 9.29924   1.69451   16.01002  1.000 15.65092 ? 273 PRO A N   1 
ATOM   634 C CA  . PRO A 1 80 ? 10.23636  0.84971   15.27440  1.000 12.38386 ? 273 PRO A CA  1 
ATOM   635 C C   . PRO A 1 80 ? 11.68266  1.14802   15.66112  1.000 14.94429 ? 273 PRO A C   1 
ATOM   636 O O   . PRO A 1 80 ? 11.94505  2.20537   16.22678  1.000 16.51120 ? 273 PRO A O   1 
ATOM   637 C CB  . PRO A 1 80 ? 9.95997   1.23183   13.82303  1.000 13.87206 ? 273 PRO A CB  1 
ATOM   638 C CG  . PRO A 1 80 ? 9.55242   2.65214   13.89998  1.000 10.92499 ? 273 PRO A CG  1 
ATOM   639 C CD  . PRO A 1 80 ? 8.76374   2.77653   15.16567  1.000 14.70152 ? 273 PRO A CD  1 
ATOM   640 N N   . PRO A 1 81 ? 12.60880  0.22483   15.35919  1.000 13.23710 ? 274 PRO A N   1 
ATOM   641 C CA  . PRO A 1 81 ? 13.99580  0.32815   15.82425  1.000 12.21205 ? 274 PRO A CA  1 
ATOM   642 C C   . PRO A 1 81 ? 14.90504  1.19677   14.95502  1.000 12.12080 ? 274 PRO A C   1 
ATOM   643 O O   . PRO A 1 81 ? 14.86920  1.11875   13.71913  1.000 13.79266 ? 274 PRO A O   1 
ATOM   644 C CB  . PRO A 1 81 ? 14.47517  -1.12699  15.77744  1.000 13.48639 ? 274 PRO A CB  1 
ATOM   645 C CG  . PRO A 1 81 ? 13.71665  -1.71178  14.63779  1.000 17.84796 ? 274 PRO A CG  1 
ATOM   646 C CD  . PRO A 1 81 ? 12.35995  -1.05437  14.66457  1.000 17.79515 ? 274 PRO A CD  1 
ATOM   647 N N   . TYR A 1 82 ? 15.73584  2.00102   15.60566  1.000 13.35811 ? 275 TYR A N   1 
ATOM   648 C CA  . TYR A 1 82 ? 16.75160  2.75486   14.89221  1.000 11.48455 ? 275 TYR A CA  1 
ATOM   649 C C   . TYR A 1 82 ? 17.96266  1.87883   14.62511  1.000 13.23290 ? 275 TYR A C   1 
ATOM   650 O O   . TYR A 1 82 ? 18.53430  1.30304   15.54970  1.000 14.07665 ? 275 TYR A O   1 
ATOM   651 C CB  . TYR A 1 82 ? 17.19314  4.00501   15.66122  1.000 14.69521 ? 275 TYR A CB  1 
ATOM   652 C CG  . TYR A 1 82 ? 18.32229  4.68570   14.92309  1.000 12.47988 ? 275 TYR A CG  1 
ATOM   653 C CD1 . TYR A 1 82 ? 18.06841  5.43492   13.78581  1.000 13.25851 ? 275 TYR A CD1 1 
ATOM   654 C CD2 . TYR A 1 82 ? 19.64494  4.52472   15.32139  1.000 10.26593 ? 275 TYR A CD2 1 
ATOM   655 C CE1 . TYR A 1 82 ? 19.09901  6.02331   13.07063  1.000 10.91335 ? 275 TYR A CE1 1 
ATOM   656 C CE2 . TYR A 1 82 ? 20.68496  5.10362   14.60664  1.000 11.52004 ? 275 TYR A CE2 1 
ATOM   657 C CZ  . TYR A 1 82 ? 20.40716  5.85997   13.49011  1.000 11.53613 ? 275 TYR A CZ  1 
ATOM   658 O OH  . TYR A 1 82 ? 21.43507  6.44575   12.77567  1.000 12.29131 ? 275 TYR A OH  1 
ATOM   659 N N   . VAL A 1 83 ? 18.34839  1.78484   13.35527  1.000 12.13498 ? 276 VAL A N   1 
ATOM   660 C CA  . VAL A 1 83 ? 19.59776  1.14884   12.96924  1.000 12.61109 ? 276 VAL A CA  1 
ATOM   661 C C   . VAL A 1 83 ? 20.34236  2.04825   11.97541  1.000 10.46771 ? 276 VAL A C   1 
ATOM   662 O O   . VAL A 1 83 ? 19.75775  2.52542   10.99401  1.000 14.40725 ? 276 VAL A O   1 
ATOM   663 C CB  . VAL A 1 83 ? 19.37047  -0.24243  12.33607  1.000 17.45075 ? 276 VAL A CB  1 
ATOM   664 C CG1 . VAL A 1 83 ? 20.69600  -0.93366  12.10025  1.000 16.71849 ? 276 VAL A CG1 1 
ATOM   665 C CG2 . VAL A 1 83 ? 18.47852  -1.11831  13.22564  1.000 18.44888 ? 276 VAL A CG2 1 
ATOM   666 N N   . ALA A 1 84 ? 21.61345  2.30500   12.26372  1.000 11.55495 ? 277 ALA A N   1 
ATOM   667 C CA  . ALA A 1 84 ? 22.48308  3.05062   11.36000  1.000 11.85219 ? 277 ALA A CA  1 
ATOM   668 C C   . ALA A 1 84 ? 23.20016  2.11586   10.40375  1.000 10.65722 ? 277 ALA A C   1 
ATOM   669 O O   . ALA A 1 84 ? 23.52428  0.98563   10.77114  1.000 14.24411 ? 277 ALA A O   1 
ATOM   670 C CB  . ALA A 1 84 ? 23.49246  3.84194   12.14248  1.000 15.15512 ? 277 ALA A CB  1 
ATOM   671 N N   . PRO A 1 85 ? 23.50124  2.60247   9.18311   1.000 11.61275 ? 278 PRO A N   1 
ATOM   672 C CA  . PRO A 1 85 ? 24.39611  1.86138   8.29302   1.000 11.75515 ? 278 PRO A CA  1 
ATOM   673 C C   . PRO A 1 85 ? 25.82295  1.86729   8.85502   1.000 10.42810 ? 278 PRO A C   1 
ATOM   674 O O   . PRO A 1 85 ? 26.13790  2.64857   9.75897   1.000 13.65894 ? 278 PRO A O   1 
ATOM   675 C CB  . PRO A 1 85 ? 24.30098  2.64000   6.96090   1.000 14.28540 ? 278 PRO A CB  1 
ATOM   676 C CG  . PRO A 1 85 ? 23.86025  3.99863   7.34857   1.000 13.88080 ? 278 PRO A CG  1 
ATOM   677 C CD  . PRO A 1 85 ? 22.98749  3.83750   8.56038   1.000 10.48133 ? 278 PRO A CD  1 
ATOM   678 N N   . PRO A 1 86 ? 26.68079  0.97503   8.35439   1.000 10.65023 ? 279 PRO A N   1 
ATOM   679 C CA  . PRO A 1 86 ? 28.07167  0.94815   8.81058   1.000 12.44536 ? 279 PRO A CA  1 
ATOM   680 C C   . PRO A 1 86 ? 28.72174  2.32246   8.68833   1.000 14.78205 ? 279 PRO A C   1 
ATOM   681 O O   . PRO A 1 86 ? 28.45245  3.04413   7.73627   1.000 11.05874 ? 279 PRO A O   1 
ATOM   682 C CB  . PRO A 1 86 ? 28.72269  -0.07083  7.86982   1.000 11.12193 ? 279 PRO A CB  1 
ATOM   683 C CG  . PRO A 1 86 ? 27.57133  -0.95481  7.43816   1.000 12.57590 ? 279 PRO A CG  1 
ATOM   684 C CD  . PRO A 1 86 ? 26.40953  -0.03980  7.32117   1.000 10.76676 ? 279 PRO A CD  1 
ATOM   685 N N   . SER A 1 87 ? 29.54612  2.69314   9.65738   1.000 12.30381 ? 280 SER A N   1 
ATOM   686 C CA  . SER A 1 87 ? 30.23063  3.98130   9.61509   1.000 14.13045 ? 280 SER A CA  1 
ATOM   687 C C   . SER A 1 87 ? 31.13366  4.10578   8.40004   1.000 12.23172 ? 280 SER A C   1 
ATOM   688 O O   . SER A 1 87 ? 31.65620  3.10999   7.89841   1.000 13.09957 ? 280 SER A O   1 
ATOM   689 C CB  . SER A 1 87 ? 31.05131  4.18927   10.88620  1.000 19.78815 ? 280 SER A CB  1 
ATOM   690 O OG  . SER A 1 87 ? 30.20298  4.22204   12.02197  1.000 27.50699 ? 280 SER A OG  1 
ATOM   691 N N   . TYR A 1 88 ? 31.31888  5.33805   7.93943   1.000 13.85710 ? 281 TYR A N   1 
ATOM   692 C CA  . TYR A 1 88 ? 32.17554  5.59569   6.79145   1.000 14.30931 ? 281 TYR A CA  1 
ATOM   693 C C   . TYR A 1 88 ? 33.59451  5.09251   7.04553   1.000 16.95358 ? 281 TYR A C   1 
ATOM   694 O O   . TYR A 1 88 ? 34.21736  5.41629   8.05656   1.000 20.22580 ? 281 TYR A O   1 
ATOM   695 C CB  . TYR A 1 88 ? 32.17857  7.09393   6.45353   1.000 11.99450 ? 281 TYR A CB  1 
ATOM   696 C CG  . TYR A 1 88 ? 32.99275  7.44066   5.21955   1.000 11.56990 ? 281 TYR A CG  1 
ATOM   697 C CD1 . TYR A 1 88 ? 32.43967  7.34511   3.94109   1.000 15.01593 ? 281 TYR A CD1 1 
ATOM   698 C CD2 . TYR A 1 88 ? 34.30363  7.88097   5.33280   1.000 13.02347 ? 281 TYR A CD2 1 
ATOM   699 C CE1 . TYR A 1 88 ? 33.19371  7.66702   2.81385   1.000 11.95776 ? 281 TYR A CE1 1 
ATOM   700 C CE2 . TYR A 1 88 ? 35.06291  8.18689   4.21916   1.000 15.21614 ? 281 TYR A CE2 1 
ATOM   701 C CZ  . TYR A 1 88 ? 34.50641  8.08273   2.95689   1.000 12.23065 ? 281 TYR A CZ  1 
ATOM   702 O OH  . TYR A 1 88 ? 35.27740  8.39945   1.85498   1.000 12.62077 ? 281 TYR A OH  1 
ATOM   703 N N   . GLU A 1 89 ? 34.07325  4.27433   6.11327   1.000 17.05379 ? 282 GLU A N   1 
ATOM   704 C CA  . GLU A 1 89 ? 35.41390  3.70497   6.12367   1.000 30.24657 ? 282 GLU A CA  1 
ATOM   705 C C   . GLU A 1 89 ? 36.42506  4.27031   5.10269   1.000 36.78030 ? 282 GLU A C   1 
ATOM   706 O O   . GLU A 1 89 ? 37.59239  4.41933   5.46162   1.000 45.46370 ? 282 GLU A O   1 
ATOM   707 C CB  . GLU A 1 89 ? 35.32645  2.18749   5.92022   1.000 36.75610 ? 282 GLU A CB  1 
ATOM   708 C CG  . GLU A 1 89 ? 35.12322  1.39013   7.20086   1.000 48.79985 ? 282 GLU A CG  1 
ATOM   709 C CD  . GLU A 1 89 ? 34.28944  0.13939   6.98486   1.000 58.69150 ? 282 GLU A CD  1 
ATOM   710 O OE1 . GLU A 1 89 ? 34.17958  -0.31342  5.82435   1.000 60.29854 ? 282 GLU A OE1 1 
ATOM   711 O OE2 . GLU A 1 89 ? 33.75080  -0.39672  7.97745   1.000 62.55243 ? 282 GLU A OE2 1 
ATOM   712 N N   . GLY A 1 90 ? 36.04147  4.59395   3.85920   1.000 40.43153 ? 283 GLY A N   1 
ATOM   713 C CA  . GLY A 1 90 ? 34.67523  4.71719   3.36802   1.000 46.94953 ? 283 GLY A CA  1 
ATOM   714 C C   . GLY A 1 90 ? 33.87307  3.48230   2.99806   1.000 42.44331 ? 283 GLY A C   1 
ATOM   715 O O   . GLY A 1 90 ? 34.13744  2.83965   1.97693   1.000 33.52485 ? 283 GLY A O   1 
ATOM   716 O OXT . GLY A 1 90 ? 32.90767  3.13122   3.69586   1.000 37.98603 ? 283 GLY A OXT 1 
HETATM 717 K K   . K   B 2 .  ? 4.77668   4.48429   7.71154   0.50  13.20539 ? 301 K   A K   1 
HETATM 718 K K   . K   C 2 .  ? -6.50697  -7.06498  -18.39594 1.000 15.71405 ? 302 K   A K   1 
HETATM 719 K K   . K   D 2 .  ? -9.61421  -14.79659 -13.38813 0.50  19.66181 ? 303 K   A K   1 
HETATM 720 O O   . HOH E 3 .  ? 4.95831   -5.24119  0.30584   1.000 35.69387 ? 401 HOH A O   1 
HETATM 721 O O   . HOH E 3 .  ? 32.33134  0.95024   9.46691   1.000 22.63651 ? 402 HOH A O   1 
HETATM 722 O O   . HOH E 3 .  ? 1.25709   -0.47191  -6.56301  1.000 21.37242 ? 403 HOH A O   1 
HETATM 723 O O   . HOH E 3 .  ? -16.61178 -9.21684  -4.06774  1.000 22.09590 ? 404 HOH A O   1 
HETATM 724 O O   . HOH E 3 .  ? -6.57972  -7.78660  -4.20748  1.000 28.11247 ? 405 HOH A O   1 
HETATM 725 O O   . HOH E 3 .  ? 2.35352   -2.37275  -0.99003  1.000 28.01498 ? 406 HOH A O   1 
HETATM 726 O O   . HOH E 3 .  ? 4.11963   -5.37022  3.73350   1.000 23.55805 ? 407 HOH A O   1 
HETATM 727 O O   . HOH E 3 .  ? 5.08457   -2.00269  3.91829   1.000 19.43824 ? 408 HOH A O   1 
HETATM 728 O O   . HOH E 3 .  ? -0.57632  -10.00165 0.87446   1.000 18.08772 ? 409 HOH A O   1 
HETATM 729 O O   . HOH E 3 .  ? -7.39926  2.18377   -18.52239 1.000 32.45864 ? 410 HOH A O   1 
HETATM 730 O O   . HOH E 3 .  ? -1.82000  -8.72763  -17.61157 1.000 47.06997 ? 411 HOH A O   1 
HETATM 731 O O   . HOH E 3 .  ? -5.10408  -8.77127  -16.52253 1.000 22.70276 ? 412 HOH A O   1 
HETATM 732 O O   . HOH E 3 .  ? -6.42490  6.03447   12.72433  1.000 19.04632 ? 413 HOH A O   1 
HETATM 733 O O   . HOH E 3 .  ? 20.90549  0.61883   16.43361  1.000 16.54690 ? 414 HOH A O   1 
HETATM 734 O O   . HOH E 3 .  ? -2.57601  4.34862   -6.66397  1.000 23.09012 ? 415 HOH A O   1 
HETATM 735 O O   . HOH E 3 .  ? -8.20143  -1.28937  11.43516  1.000 17.02419 ? 416 HOH A O   1 
HETATM 736 O O   . HOH E 3 .  ? 23.70303  7.77110   13.02370  1.000 26.44317 ? 417 HOH A O   1 
HETATM 737 O O   . HOH E 3 .  ? 11.69494  -0.85782  18.18384  1.000 25.09946 ? 418 HOH A O   1 
HETATM 738 O O   . HOH E 3 .  ? -9.19505  -8.24178  -4.99016  1.000 19.70140 ? 419 HOH A O   1 
HETATM 739 O O   . HOH E 3 .  ? 24.38509  0.18760   13.17715  1.000 17.14401 ? 420 HOH A O   1 
HETATM 740 O O   . HOH E 3 .  ? -0.86077  -6.10633  14.65396  1.000 29.43909 ? 421 HOH A O   1 
HETATM 741 O O   . HOH E 3 .  ? -0.62055  10.62222  -12.33795 1.000 17.38196 ? 422 HOH A O   1 
HETATM 742 O O   . HOH E 3 .  ? -7.78716  10.81065  -6.34944  1.000 25.63895 ? 423 HOH A O   1 
HETATM 743 O O   . HOH E 3 .  ? 26.80938  1.89984   12.30369  1.000 20.15144 ? 424 HOH A O   1 
HETATM 744 O O   . HOH E 3 .  ? 34.61513  4.93676   10.72509  1.000 32.99590 ? 425 HOH A O   1 
HETATM 745 O O   . HOH E 3 .  ? 26.69852  5.32926   9.94911   1.000 21.79064 ? 426 HOH A O   1 
HETATM 746 O O   . HOH E 3 .  ? 3.48739   -10.73439 -4.67988  1.000 22.77082 ? 427 HOH A O   1 
HETATM 747 O O   . HOH E 3 .  ? 4.10939   8.63227   7.04479   1.000 13.72888 ? 428 HOH A O   1 
HETATM 748 O O   . HOH E 3 .  ? -0.37142  13.24887  -1.74385  1.000 55.45542 ? 429 HOH A O   1 
HETATM 749 O O   . HOH E 3 .  ? 24.55108  -1.42941  9.89320   1.000 15.20566 ? 430 HOH A O   1 
HETATM 750 O O   . HOH E 3 .  ? -7.53020  -3.83712  -0.98032  1.000 18.21715 ? 431 HOH A O   1 
HETATM 751 O O   . HOH E 3 .  ? -8.70119  -11.41035 -7.39797  1.000 12.82272 ? 432 HOH A O   1 
HETATM 752 O O   . HOH E 3 .  ? -13.02834 -5.36286  9.63865   1.000 24.32937 ? 433 HOH A O   1 
HETATM 753 O O   . HOH E 3 .  ? 4.43880   18.14731  1.37614   1.000 37.10037 ? 434 HOH A O   1 
HETATM 754 O O   . HOH E 3 .  ? -12.19558 6.86247   -13.41478 1.000 15.72443 ? 435 HOH A O   1 
HETATM 755 O O   . HOH E 3 .  ? -13.68151 2.57747   -14.83948 1.000 33.23437 ? 436 HOH A O   1 
HETATM 756 O O   . HOH E 3 .  ? -0.98882  2.51551   -3.19698  1.000 24.60404 ? 437 HOH A O   1 
HETATM 757 O O   . HOH E 3 .  ? -0.69461  -5.86733  -17.32623 1.000 38.81085 ? 438 HOH A O   1 
HETATM 758 O O   . HOH E 3 .  ? -10.23286 -0.07138  -16.89031 1.000 23.63019 ? 439 HOH A O   1 
HETATM 759 O O   . HOH E 3 .  ? 1.41028   -9.00975  -3.70204  1.000 17.95819 ? 440 HOH A O   1 
HETATM 760 O O   . HOH E 3 .  ? -0.39848  -2.05561  -0.85514  1.000 13.84004 ? 441 HOH A O   1 
HETATM 761 O O   . HOH E 3 .  ? -6.32133  -11.72671 -9.03143  1.000 19.23522 ? 442 HOH A O   1 
HETATM 762 O O   . HOH E 3 .  ? 29.94067  7.53924   9.10523   1.000 24.27745 ? 443 HOH A O   1 
HETATM 763 O O   . HOH E 3 .  ? 4.19448   -8.05287  7.24364   1.000 31.73604 ? 444 HOH A O   1 
HETATM 764 O O   . HOH E 3 .  ? -6.34189  -13.33067 -11.19951 1.000 20.92958 ? 445 HOH A O   1 
HETATM 765 O O   . HOH E 3 .  ? 6.17444   -6.98417  -5.08703  1.000 28.31377 ? 446 HOH A O   1 
HETATM 766 O O   . HOH E 3 .  ? -14.07702 4.54780   10.02045  1.000 30.50066 ? 447 HOH A O   1 
HETATM 767 O O   . HOH E 3 .  ? -0.37903  -11.95351 -15.84913 1.000 26.87614 ? 448 HOH A O   1 
HETATM 768 O O   . HOH E 3 .  ? 22.79812  1.63384   14.82232  1.000 16.16539 ? 449 HOH A O   1 
HETATM 769 O O   . HOH E 3 .  ? -17.66981 -6.44806  -4.55551  1.000 24.46420 ? 450 HOH A O   1 
HETATM 770 O O   . HOH E 3 .  ? 15.46000  2.29516   18.49556  1.000 16.36472 ? 451 HOH A O   1 
HETATM 771 O O   . HOH E 3 .  ? 30.58962  1.78763   13.60335  1.000 28.34333 ? 452 HOH A O   1 
HETATM 772 O O   . HOH E 3 .  ? -1.00979  7.42041   -9.42275  1.000 18.69506 ? 453 HOH A O   1 
HETATM 773 O O   . HOH E 3 .  ? -16.84022 -10.83509 -10.55280 1.000 15.42493 ? 454 HOH A O   1 
HETATM 774 O O   . HOH E 3 .  ? 0.30461   -11.07702 -13.46477 1.000 25.53331 ? 455 HOH A O   1 
HETATM 775 O O   . HOH E 3 .  ? -14.12209 2.29847   -11.58448 1.000 37.83223 ? 456 HOH A O   1 
HETATM 776 O O   . HOH E 3 .  ? -13.61801 7.04702   6.89614   1.000 24.41165 ? 457 HOH A O   1 
HETATM 777 O O   . HOH E 3 .  ? -13.87832 -1.83950  -3.89355  1.000 26.37539 ? 458 HOH A O   1 
HETATM 778 O O   . HOH E 3 .  ? 5.18215   -6.50105  -2.55063  1.000 27.23664 ? 459 HOH A O   1 
HETATM 779 O O   . HOH E 3 .  ? -6.60122  -1.45553  -18.20846 1.000 17.20806 ? 460 HOH A O   1 
HETATM 780 O O   . HOH E 3 .  ? -0.17849  5.33589   -3.23629  1.000 26.00918 ? 461 HOH A O   1 
HETATM 781 O O   . HOH E 3 .  ? 1.58672   -11.45758 1.83799   1.000 29.55118 ? 462 HOH A O   1 
HETATM 782 O O   . HOH E 3 .  ? 30.19807  0.56527   11.69413  1.000 33.98229 ? 463 HOH A O   1 
HETATM 783 O O   . HOH E 3 .  ? 5.38729   -8.07310  11.51285  1.000 29.28882 ? 464 HOH A O   1 
HETATM 784 O O   . HOH E 3 .  ? 0.11182   4.06610   13.54747  1.000 17.45299 ? 465 HOH A O   1 
HETATM 785 O O   . HOH E 3 .  ? -1.54700  6.40273   13.02330  1.000 18.81896 ? 466 HOH A O   1 
HETATM 786 O O   . HOH E 3 .  ? -12.54855 10.16280  -9.63977  1.000 25.26595 ? 467 HOH A O   1 
HETATM 787 O O   . HOH E 3 .  ? -3.78781  3.11199   15.29286  1.000 37.95133 ? 468 HOH A O   1 
HETATM 788 O O   . HOH E 3 .  ? -12.32575 -1.94810  -1.79116  1.000 40.50401 ? 469 HOH A O   1 
HETATM 789 O O   . HOH E 3 .  ? -0.81882  9.94864   -8.43825  1.000 34.58042 ? 470 HOH A O   1 
HETATM 790 O O   . HOH E 3 .  ? -17.35009 -13.31426 -10.68269 1.000 39.25851 ? 471 HOH A O   1 
HETATM 791 O O   . HOH E 3 .  ? -8.42378  -15.05444 -10.71120 1.000 36.58075 ? 472 HOH A O   1 
HETATM 792 O O   . HOH E 3 .  ? -4.14281  5.73039   13.94572  1.000 30.80547 ? 473 HOH A O   1 
HETATM 793 O O   . HOH E 3 .  ? 33.24582  5.17975   13.83760  1.000 42.07525 ? 474 HOH A O   1 
HETATM 794 O O   . HOH E 3 .  ? 4.20288   -14.92309 -4.32506  1.000 29.28630 ? 475 HOH A O   1 
HETATM 795 O O   . HOH E 3 .  ? 3.74181   -2.94329  2.37271   1.000 29.71071 ? 476 HOH A O   1 
HETATM 796 O O   . HOH E 3 .  ? -5.15620  -9.72826  -4.97118  1.000 32.77526 ? 477 HOH A O   1 
HETATM 797 O O   . HOH E 3 .  ? 33.24541  2.52470   13.89119  1.000 28.74415 ? 478 HOH A O   1 
HETATM 798 O O   . HOH E 3 .  ? 26.92258  -1.93884  11.02544  1.000 26.70888 ? 479 HOH A O   1 
HETATM 799 O O   . HOH E 3 .  ? 24.33302  7.14725   10.15081  1.000 27.16096 ? 480 HOH A O   1 
HETATM 800 O O   . HOH E 3 .  ? -7.37578  -8.61975  -1.23042  1.000 30.98001 ? 481 HOH A O   1 
HETATM 801 O O   . HOH E 3 .  ? 21.02250  2.05963   18.84734  1.000 21.79410 ? 482 HOH A O   1 
HETATM 802 O O   . HOH E 3 .  ? -13.88420 -9.23676  -2.41661  1.000 27.26957 ? 483 HOH A O   1 
HETATM 803 O O   . HOH E 3 .  ? -7.34656  -11.18132 -4.93983  1.000 31.18702 ? 484 HOH A O   1 
HETATM 804 O O   . HOH E 3 .  ? -9.50344  -1.00490  -19.62164 1.000 39.23939 ? 485 HOH A O   1 
HETATM 805 O O   . HOH E 3 .  ? -4.16791  -11.69446 -7.58627  1.000 35.21154 ? 486 HOH A O   1 
HETATM 806 O O   . HOH E 3 .  ? -20.12196 -7.02779  -5.44908  1.000 41.32642 ? 487 HOH A O   1 
HETATM 807 O O   . HOH E 3 .  ? 23.99799  3.70900   16.02960  1.000 19.56973 ? 488 HOH A O   1 
HETATM 808 O O   . HOH E 3 .  ? -3.56321  -6.71486  -18.81742 1.000 30.70885 ? 489 HOH A O   1 
HETATM 809 O O   . HOH E 3 .  ? 17.20238  2.86540   20.42514  1.000 31.37310 ? 490 HOH A O   1 
HETATM 810 O O   . HOH E 3 .  ? -0.55156  8.74329   14.41040  1.000 33.01969 ? 491 HOH A O   1 
HETATM 811 O O   . HOH E 3 .  ? 23.98459  3.26048   18.52651  1.000 31.91584 ? 492 HOH A O   1 
# 
loop_
_atom_site_anisotrop.id 
_atom_site_anisotrop.type_symbol 
_atom_site_anisotrop.pdbx_label_atom_id 
_atom_site_anisotrop.pdbx_label_alt_id 
_atom_site_anisotrop.pdbx_label_comp_id 
_atom_site_anisotrop.pdbx_label_asym_id 
_atom_site_anisotrop.pdbx_label_seq_id 
_atom_site_anisotrop.pdbx_PDB_ins_code 
_atom_site_anisotrop.U[1][1] 
_atom_site_anisotrop.U[2][2] 
_atom_site_anisotrop.U[3][3] 
_atom_site_anisotrop.U[1][2] 
_atom_site_anisotrop.U[1][3] 
_atom_site_anisotrop.U[2][3] 
_atom_site_anisotrop.pdbx_auth_seq_id 
_atom_site_anisotrop.pdbx_auth_comp_id 
_atom_site_anisotrop.pdbx_auth_asym_id 
_atom_site_anisotrop.pdbx_auth_atom_id 
1   N N   . ASP A 6  ? 0.59896 0.61586 0.58075 0.00584  0.01882  -0.00947 199 ASP A N   
2   C CA  . ASP A 6  ? 0.56728 0.59094 0.55362 0.00820  0.01894  -0.01555 199 ASP A CA  
3   C C   . ASP A 6  ? 0.49043 0.50982 0.48077 0.01127  0.01703  -0.02128 199 ASP A C   
4   O O   . ASP A 6  ? 0.55382 0.58096 0.54620 0.01277  0.01720  -0.02729 199 ASP A O   
5   C CB  . ASP A 6  ? 0.59879 0.62085 0.58792 0.00869  0.01871  -0.01442 199 ASP A CB  
6   N N   . LEU A 7  ? 0.34424 0.35209 0.33616 0.01202  0.01492  -0.01944 200 LEU A N   
7   C CA  . LEU A 7  ? 0.26285 0.26546 0.25952 0.01442  0.01223  -0.02375 200 LEU A CA  
8   C C   . LEU A 7  ? 0.18597 0.18835 0.18001 0.01382  0.01219  -0.02476 200 LEU A C   
9   O O   . LEU A 7  ? 0.22788 0.22828 0.21634 0.01147  0.01331  -0.01997 200 LEU A O   
10  C CB  . LEU A 7  ? 0.25488 0.24645 0.25378 0.01448  0.00970  -0.02010 200 LEU A CB  
11  C CG  . LEU A 7  ? 0.38653 0.37671 0.39101 0.01619  0.00819  -0.02106 200 LEU A CG  
12  C CD1 . LEU A 7  ? 0.49848 0.49470 0.50081 0.01530  0.01077  -0.01923 200 LEU A CD1 
13  C CD2 . LEU A 7  ? 0.36768 0.34803 0.37382 0.01553  0.00544  -0.01660 200 LEU A CD2 
14  N N   . PRO A 8  ? 0.20413 0.20857 0.20271 0.01611  0.01062  -0.03141 201 PRO A N   
15  C CA  . PRO A 8  ? 0.17572 0.18028 0.17244 0.01571  0.01037  -0.03311 201 PRO A CA  
16  C C   . PRO A 8  ? 0.20917 0.20243 0.20391 0.01418  0.00863  -0.02799 201 PRO A C   
17  O O   . PRO A 8  ? 0.22228 0.20755 0.22030 0.01446  0.00621  -0.02582 201 PRO A O   
18  C CB  . PRO A 8  ? 0.25073 0.25817 0.25511 0.01904  0.00798  -0.04201 201 PRO A CB  
19  C CG  . PRO A 8  ? 0.32396 0.33706 0.33294 0.02110  0.00806  -0.04552 201 PRO A CG  
20  C CD  . PRO A 8  ? 0.26826 0.27497 0.27484 0.01945  0.00855  -0.03818 201 PRO A CD  
21  N N   . LEU A 9  ? 0.23856 0.23212 0.22804 0.01240  0.00975  -0.02587 202 LEU A N   
22  C CA  . LEU A 9  ? 0.19390 0.17853 0.18186 0.01105  0.00797  -0.02202 202 LEU A CA  
23  C C   . LEU A 9  ? 0.18451 0.16476 0.17848 0.01248  0.00449  -0.02627 202 LEU A C   
24  O O   . LEU A 9  ? 0.24757 0.23294 0.24455 0.01420  0.00421  -0.03272 202 LEU A O   
25  C CB  . LEU A 9  ? 0.23828 0.22494 0.21953 0.00904  0.00986  -0.01918 202 LEU A CB  
26  C CG  . LEU A 9  ? 0.27488 0.26406 0.25072 0.00723  0.01227  -0.01407 202 LEU A CG  
27  C CD1 . LEU A 9  ? 0.32735 0.31889 0.29802 0.00570  0.01337  -0.01234 202 LEU A CD1 
28  C CD2 . LEU A 9  ? 0.32112 0.30335 0.29662 0.00642  0.01134  -0.00917 202 LEU A CD2 
29  N N   . PRO A 10 ? 0.16815 0.13960 0.16435 0.01157  0.00149  -0.02265 203 PRO A N   
30  C CA  . PRO A 10 ? 0.21785 0.18442 0.21976 0.01211  -0.00245 -0.02550 203 PRO A CA  
31  C C   . PRO A 10 ? 0.17714 0.14602 0.17541 0.01127  -0.00156 -0.02720 203 PRO A C   
32  O O   . PRO A 10 ? 0.19180 0.16384 0.18271 0.00966  0.00156  -0.02402 203 PRO A O   
33  C CB  . PRO A 10 ? 0.20251 0.16099 0.20546 0.00996  -0.00535 -0.01897 203 PRO A CB  
34  C CG  . PRO A 10 ? 0.16293 0.12250 0.16297 0.00946  -0.00326 -0.01479 203 PRO A CG  
35  C CD  . PRO A 10 ? 0.17725 0.14388 0.17100 0.00963  0.00128  -0.01580 203 PRO A CD  
36  N N   . PRO A 11 ? 0.16706 0.13429 0.17098 0.01238  -0.00460 -0.03225 204 PRO A N   
37  C CA  . PRO A 11 ? 0.15552 0.12508 0.15629 0.01153  -0.00395 -0.03412 204 PRO A CA  
38  C C   . PRO A 11 ? 0.15336 0.11908 0.14757 0.00827  -0.00334 -0.02690 204 PRO A C   
39  O O   . PRO A 11 ? 0.16278 0.12187 0.15841 0.00655  -0.00591 -0.02193 204 PRO A O   
40  C CB  . PRO A 11 ? 0.20358 0.16903 0.21347 0.01299  -0.00878 -0.03970 204 PRO A CB  
41  C CG  . PRO A 11 ? 0.24581 0.21080 0.26351 0.01579  -0.01086 -0.04355 204 PRO A CG  
42  C CD  . PRO A 11 ? 0.17647 0.13913 0.19071 0.01449  -0.00936 -0.03653 204 PRO A CD  
43  N N   . GLY A 12 ? 0.15113 0.12206 0.13835 0.00735  -0.00009 -0.02625 205 GLY A N   
44  C CA  . GLY A 12 ? 0.14950 0.11789 0.13117 0.00473  0.00022  -0.02084 205 GLY A CA  
45  C C   . GLY A 12 ? 0.14546 0.11498 0.12098 0.00357  0.00287  -0.01528 205 GLY A C   
46  O O   . GLY A 12 ? 0.14403 0.11200 0.11557 0.00172  0.00288  -0.01116 205 GLY A O   
47  N N   . TRP A 13 ? 0.14388 0.11665 0.11918 0.00472  0.00486  -0.01557 206 TRP A N   
48  C CA  . TRP A 13 ? 0.14058 0.11411 0.11131 0.00379  0.00686  -0.01077 206 TRP A CA  
49  C C   . TRP A 13 ? 0.13946 0.11990 0.10603 0.00383  0.00979  -0.01115 206 TRP A C   
50  O O   . TRP A 13 ? 0.17149 0.15779 0.13905 0.00474  0.01072  -0.01540 206 TRP A O   
51  C CB  . TRP A 13 ? 0.14929 0.12087 0.12314 0.00446  0.00646  -0.00951 206 TRP A CB  
52  C CG  . TRP A 13 ? 0.14057 0.10610 0.11797 0.00377  0.00348  -0.00718 206 TRP A CG  
53  C CD1 . TRP A 13 ? 0.14383 0.10553 0.12706 0.00410  0.00022  -0.00910 206 TRP A CD1 
54  C CD2 . TRP A 13 ? 0.13845 0.10191 0.11438 0.00238  0.00305  -0.00228 206 TRP A CD2 
55  N NE1 . TRP A 13 ? 0.14394 0.10139 0.12913 0.00256  -0.00226 -0.00470 206 TRP A NE1 
56  C CE2 . TRP A 13 ? 0.14503 0.10426 0.12553 0.00152  -0.00033 -0.00074 206 TRP A CE2 
57  C CE3 . TRP A 13 ? 0.13538 0.10066 0.10722 0.00177  0.00485  0.00075  206 TRP A CE3 
58  C CZ2 . TRP A 13 ? 0.15730 0.11560 0.13766 -0.00017 -0.00155 0.00392  206 TRP A CZ2 
59  C CZ3 . TRP A 13 ? 0.15537 0.11939 0.12747 0.00060  0.00366  0.00428  206 TRP A CZ3 
60  C CH2 . TRP A 13 ? 0.14400 0.10528 0.11990 -0.00050 0.00070  0.00595  206 TRP A CH2 
61  N N   . SER A 14 ? 0.13851 0.11896 0.10105 0.00273  0.01087  -0.00674 207 SER A N   
62  C CA  . SER A 14 ? 0.13949 0.12583 0.09904 0.00227  0.01291  -0.00552 207 SER A CA  
63  C C   . SER A 14 ? 0.14742 0.13142 0.10607 0.00167  0.01298  -0.00111 207 SER A C   
64  O O   . SER A 14 ? 0.16323 0.14219 0.12327 0.00180  0.01177  0.00025  207 SER A O   
65  C CB  . SER A 14 ? 0.17029 0.15985 0.12598 0.00139  0.01347  -0.00525 207 SER A CB  
66  O OG  . SER A 14 ? 0.19839 0.18363 0.15163 0.00065  0.01250  -0.00213 207 SER A OG  
67  N N   . VAL A 15 ? 0.13990 0.12819 0.09681 0.00084  0.01407  0.00111  208 VAL A N   
68  C CA  . VAL A 15 ? 0.15817 0.14418 0.11526 0.00029  0.01363  0.00492  208 VAL A CA  
69  C C   . VAL A 15 ? 0.20005 0.18703 0.15462 -0.00086 0.01314  0.00830  208 VAL A C   
70  O O   . VAL A 15 ? 0.21225 0.20381 0.16469 -0.00162 0.01371  0.00833  208 VAL A O   
71  C CB  . VAL A 15 ? 0.21694 0.20645 0.17614 0.00012  0.01455  0.00519  208 VAL A CB  
72  C CG1 . VAL A 15 ? 0.20675 0.19479 0.16930 0.00162  0.01455  0.00176  208 VAL A CG1 
73  C CG2 . VAL A 15 ? 0.33623 0.33445 0.29413 -0.00108 0.01588  0.00530  208 VAL A CG2 
74  N N   . ASP A 16 ? 0.17949 0.16245 0.13483 -0.00090 0.01175  0.01087  209 ASP A N   
75  C CA  . ASP A 16 ? 0.17258 0.15572 0.12715 -0.00175 0.01042  0.01412  209 ASP A CA  
76  C C   . ASP A 16 ? 0.15543 0.13541 0.11293 -0.00179 0.00883  0.01636  209 ASP A C   
77  O O   . ASP A 16 ? 0.15133 0.12994 0.11078 -0.00133 0.00926  0.01551  209 ASP A O   
78  C CB  . ASP A 16 ? 0.20156 0.18277 0.15425 -0.00113 0.00939  0.01340  209 ASP A CB  
79  C CG  . ASP A 16 ? 0.32072 0.30399 0.27225 -0.00206 0.00825  0.01621  209 ASP A CG  
80  O OD1 . ASP A 16 ? 0.34061 0.32600 0.29335 -0.00345 0.00764  0.01959  209 ASP A OD1 
81  O OD2 . ASP A 16 ? 0.39629 0.37941 0.34594 -0.00162 0.00772  0.01542  209 ASP A OD2 
82  N N   A TRP A 17 ? 0.16521 0.14421 0.12365 -0.00238 0.00669  0.01926  210 TRP A N   
83  N N   B TRP A 17 ? 0.16484 0.14354 0.12320 -0.00221 0.00664  0.01900  210 TRP A N   
84  C CA  A TRP A 17 ? 0.17760 0.15335 0.13990 -0.00238 0.00449  0.02106  210 TRP A CA  
85  C CA  B TRP A 17 ? 0.18487 0.16068 0.14703 -0.00239 0.00443  0.02112  210 TRP A CA  
86  C C   A TRP A 17 ? 0.17500 0.14724 0.13906 -0.00109 0.00154  0.02066  210 TRP A C   
87  C C   B TRP A 17 ? 0.17288 0.14506 0.13691 -0.00103 0.00151  0.02057  210 TRP A C   
88  O O   A TRP A 17 ? 0.18235 0.15532 0.14487 -0.00105 0.00074  0.02115  210 TRP A O   
89  O O   B TRP A 17 ? 0.19079 0.16358 0.15330 -0.00087 0.00068  0.02084  210 TRP A O   
90  C CB  A TRP A 17 ? 0.17266 0.15114 0.13652 -0.00479 0.00375  0.02560  210 TRP A CB  
91  C CB  B TRP A 17 ? 0.19595 0.17495 0.15916 -0.00487 0.00375  0.02572  210 TRP A CB  
92  C CG  A TRP A 17 ? 0.13755 0.11912 0.10181 -0.00567 0.00581  0.02554  210 TRP A CG  
93  C CG  B TRP A 17 ? 0.13816 0.12302 0.09953 -0.00603 0.00668  0.02538  210 TRP A CG  
94  C CD1 A TRP A 17 ? 0.13735 0.11703 0.10488 -0.00592 0.00507  0.02639  210 TRP A CD1 
95  C CD1 B TRP A 17 ? 0.13853 0.12943 0.09667 -0.00663 0.00875  0.02434  210 TRP A CD1 
96  C CD2 A TRP A 17 ? 0.13715 0.12491 0.09895 -0.00619 0.00875  0.02398  210 TRP A CD2 
97  C CD2 B TRP A 17 ? 0.13750 0.12373 0.10057 -0.00645 0.00778  0.02522  210 TRP A CD2 
98  N NE1 A TRP A 17 ? 0.21449 0.19882 0.18143 -0.00662 0.00750  0.02577  210 TRP A NE1 
99  N NE1 B TRP A 17 ? 0.20451 0.20082 0.16264 -0.00718 0.01093  0.02303  210 TRP A NE1 
100 C CE2 A TRP A 17 ? 0.19098 0.18045 0.15469 -0.00662 0.00969  0.02395  210 TRP A CE2 
101 C CE2 B TRP A 17 ? 0.13756 0.13101 0.09857 -0.00711 0.01041  0.02375  210 TRP A CE2 
102 C CE3 A TRP A 17 ? 0.14448 0.13692 0.10311 -0.00613 0.01051  0.02199  210 TRP A CE3 
103 C CE3 B TRP A 17 ? 0.18893 0.17154 0.15538 -0.00622 0.00670  0.02574  210 TRP A CE3 
104 C CZ2 A TRP A 17 ? 0.21849 0.21449 0.18128 -0.00678 0.01219  0.02174  210 TRP A CZ2 
105 C CZ2 B TRP A 17 ? 0.23251 0.22975 0.19479 -0.00742 0.01194  0.02281  210 TRP A CZ2 
106 C CZ3 A TRP A 17 ? 0.18126 0.18008 0.13928 -0.00626 0.01288  0.01950  210 TRP A CZ3 
107 C CZ3 B TRP A 17 ? 0.13638 0.12229 0.10365 -0.00680 0.00837  0.02538  210 TRP A CZ3 
108 C CH2 A TRP A 17 ? 0.19745 0.19812 0.15766 -0.00646 0.01365  0.01924  210 TRP A CH2 
109 C CH2 B TRP A 17 ? 0.21214 0.20530 0.17736 -0.00731 0.01094  0.02389  210 TRP A CH2 
110 N N   . THR A 18 ? 0.16425 0.13347 0.13188 0.00012  -0.00015 0.01926  211 THR A N   
111 C CA  . THR A 18 ? 0.17315 0.14008 0.14385 0.00179  -0.00344 0.01773  211 THR A CA  
112 C C   . THR A 18 ? 0.21150 0.17616 0.18645 0.00089  -0.00707 0.02140  211 THR A C   
113 O O   . THR A 18 ? 0.20344 0.16874 0.17892 -0.00145 -0.00697 0.02563  211 THR A O   
114 C CB  . THR A 18 ? 0.20612 0.17223 0.17983 0.00349  -0.00425 0.01416  211 THR A CB  
115 O OG1 . THR A 18 ? 0.17865 0.14280 0.15643 0.00281  -0.00544 0.01579  211 THR A OG1 
116 C CG2 . THR A 18 ? 0.22389 0.19240 0.19418 0.00367  -0.00119 0.01186  211 THR A CG2 
117 N N   . MET A 19 ? 0.23256 0.19508 0.21112 0.00267  -0.01068 0.01977  212 MET A N   
118 C CA  . MET A 19 ? 0.21499 0.17419 0.19933 0.00208  -0.01539 0.02311  212 MET A CA  
119 C C   . MET A 19 ? 0.30322 0.25936 0.29343 0.00165  -0.01768 0.02389  212 MET A C   
120 O O   . MET A 19 ? 0.31658 0.26927 0.31277 0.00077  -0.02223 0.02712  212 MET A O   
121 C CB  . MET A 19 ? 0.30986 0.26765 0.29755 0.00478  -0.01912 0.01994  212 MET A CB  
122 N N   . ARG A 20 ? 0.26725 0.22456 0.25624 0.00209  -0.01493 0.02120  213 ARG A N   
123 C CA  . ARG A 20 ? 0.26196 0.21715 0.25572 0.00137  -0.01640 0.02203  213 ARG A CA  
124 C C   . ARG A 20 ? 0.26106 0.21868 0.25135 -0.00149 -0.01293 0.02587  213 ARG A C   
125 O O   . ARG A 20 ? 0.27162 0.22839 0.26492 -0.00245 -0.01339 0.02684  213 ARG A O   
126 C CB  . ARG A 20 ? 0.33529 0.29099 0.33123 0.00406  -0.01637 0.01586  213 ARG A CB  
127 C CG  . ARG A 20 ? 0.42030 0.37521 0.42119 0.00709  -0.02040 0.01107  213 ARG A CG  
128 C CD  . ARG A 20 ? 0.55180 0.51063 0.55335 0.00947  -0.01949 0.00461  213 ARG A CD  
129 N NE  . ARG A 20 ? 0.62070 0.57963 0.62946 0.01246  -0.02424 -0.00079 213 ARG A NE  
130 C CZ  . ARG A 20 ? 0.65390 0.61181 0.66975 0.01361  -0.02734 -0.00383 213 ARG A CZ  
131 N NH1 . ARG A 20 ? 0.68106 0.63763 0.69715 0.01176  -0.02592 -0.00139 213 ARG A NH1 
132 N NH2 . ARG A 20 ? 0.68305 0.64181 0.70619 0.01678  -0.03201 -0.00984 213 ARG A NH2 
133 N N   . GLY A 21 ? 0.17810 0.13945 0.16240 -0.00271 -0.00953 0.02750  214 GLY A N   
134 C CA  . GLY A 21 ? 0.17543 0.14074 0.15682 -0.00507 -0.00635 0.03016  214 GLY A CA  
135 C C   . GLY A 21 ? 0.20206 0.16891 0.18086 -0.00377 -0.00267 0.02627  214 GLY A C   
136 O O   . GLY A 21 ? 0.23093 0.20052 0.20903 -0.00512 -0.00064 0.02744  214 GLY A O   
137 N N   . ARG A 22 ? 0.19062 0.15633 0.16830 -0.00131 -0.00209 0.02186  215 ARG A N   
138 C CA  . ARG A 22 ? 0.16476 0.13178 0.14064 -0.00037 0.00066  0.01892  215 ARG A CA  
139 C C   . ARG A 22 ? 0.15559 0.12513 0.12666 -0.00042 0.00346  0.01806  215 ARG A C   
140 O O   . ARG A 22 ? 0.16914 0.13878 0.13809 0.00011  0.00320  0.01725  215 ARG A O   
141 C CB  . ARG A 22 ? 0.19143 0.15742 0.16928 0.00171  -0.00060 0.01513  215 ARG A CB  
142 C CG  . ARG A 22 ? 0.24308 0.21071 0.21998 0.00218  0.00150  0.01315  215 ARG A CG  
143 C CD  . ARG A 22 ? 0.35998 0.32859 0.33966 0.00367  -0.00019 0.00996  215 ARG A CD  
144 N NE  . ARG A 22 ? 0.45137 0.42247 0.43019 0.00375  0.00144  0.00878  215 ARG A NE  
145 C CZ  . ARG A 22 ? 0.46486 0.43937 0.44501 0.00460  0.00053  0.00613  215 ARG A CZ  
146 N NH1 . ARG A 22 ? 0.46669 0.44281 0.44926 0.00589  -0.00188 0.00336  215 ARG A NH1 
147 N NH2 . ARG A 22 ? 0.39862 0.37578 0.37808 0.00414  0.00173  0.00614  215 ARG A NH2 
148 N N   . LYS A 23 ? 0.15004 0.12185 0.12000 -0.00100 0.00586  0.01799  216 LYS A N   
149 C CA  . LYS A 23 ? 0.14942 0.12356 0.11618 -0.00082 0.00808  0.01637  216 LYS A CA  
150 C C   . LYS A 23 ? 0.16913 0.14147 0.13510 0.00058  0.00810  0.01362  216 LYS A C   
151 O O   . LYS A 23 ? 0.16695 0.13798 0.13481 0.00124  0.00744  0.01275  216 LYS A O   
152 C CB  . LYS A 23 ? 0.20035 0.17775 0.16752 -0.00131 0.01004  0.01605  216 LYS A CB  
153 C CG  . LYS A 23 ? 0.26356 0.24392 0.22880 -0.00084 0.01184  0.01350  216 LYS A CG  
154 C CD  . LYS A 23 ? 0.32447 0.30915 0.29114 -0.00094 0.01337  0.01235  216 LYS A CD  
155 C CE  . LYS A 23 ? 0.47258 0.46281 0.43791 -0.00080 0.01481  0.00973  216 LYS A CE  
156 N NZ  . LYS A 23 ? 0.54032 0.53740 0.50724 -0.00102 0.01618  0.00837  216 LYS A NZ  
157 N N   . TYR A 24 ? 0.14564 0.11869 0.10896 0.00071  0.00868  0.01250  217 TYR A N   
158 C CA  . TYR A 24 ? 0.12736 0.09946 0.09021 0.00130  0.00865  0.01060  217 TYR A CA  
159 C C   . TYR A 24 ? 0.13858 0.11167 0.09998 0.00119  0.00977  0.00913  217 TYR A C   
160 O O   . TYR A 24 ? 0.15562 0.13113 0.11565 0.00084  0.01073  0.00904  217 TYR A O   
161 C CB  . TYR A 24 ? 0.16221 0.13403 0.12430 0.00165  0.00710  0.01019  217 TYR A CB  
162 C CG  . TYR A 24 ? 0.12765 0.10013 0.08737 0.00158  0.00671  0.01033  217 TYR A CG  
163 C CD1 . TYR A 24 ? 0.13776 0.11000 0.09811 0.00154  0.00571  0.01188  217 TYR A CD1 
164 C CD2 . TYR A 24 ? 0.15056 0.12386 0.10786 0.00137  0.00695  0.00925  217 TYR A CD2 
165 C CE1 . TYR A 24 ? 0.13658 0.10957 0.09511 0.00150  0.00503  0.01228  217 TYR A CE1 
166 C CE2 . TYR A 24 ? 0.16152 0.13581 0.11662 0.00134  0.00660  0.00931  217 TYR A CE2 
167 C CZ  . TYR A 24 ? 0.17207 0.14629 0.12774 0.00150  0.00571  0.01082  217 TYR A CZ  
168 O OH  . TYR A 24 ? 0.21775 0.19307 0.17158 0.00150  0.00505  0.01120  217 TYR A OH  
169 N N   . TYR A 25 ? 0.14350 0.11525 0.10576 0.00136  0.00930  0.00799  218 TYR A N   
170 C CA  . TYR A 25 ? 0.13795 0.10967 0.10059 0.00147  0.00955  0.00602  218 TYR A CA  
171 C C   . TYR A 25 ? 0.12968 0.10059 0.09070 0.00085  0.00846  0.00586  218 TYR A C   
172 O O   . TYR A 25 ? 0.15056 0.12103 0.11151 0.00024  0.00723  0.00717  218 TYR A O   
173 C CB  . TYR A 25 ? 0.15194 0.12220 0.11832 0.00197  0.00903  0.00529  218 TYR A CB  
174 C CG  . TYR A 25 ? 0.16320 0.13517 0.13120 0.00256  0.01023  0.00508  218 TYR A CG  
175 C CD1 . TYR A 25 ? 0.15682 0.12850 0.12547 0.00238  0.01021  0.00706  218 TYR A CD1 
176 C CD2 . TYR A 25 ? 0.15894 0.13389 0.12810 0.00326  0.01129  0.00252  218 TYR A CD2 
177 C CE1 . TYR A 25 ? 0.21662 0.19023 0.18682 0.00258  0.01121  0.00714  218 TYR A CE1 
178 C CE2 . TYR A 25 ? 0.19107 0.16913 0.16163 0.00352  0.01242  0.00237  218 TYR A CE2 
179 C CZ  . TYR A 25 ? 0.23252 0.20954 0.20349 0.00304  0.01237  0.00500  218 TYR A CZ  
180 O OH  . TYR A 25 ? 0.24611 0.22659 0.21850 0.00298  0.01340  0.00507  218 TYR A OH  
181 N N   . ILE A 26 ? 0.13121 0.10312 0.09096 0.00084  0.00892  0.00415  219 ILE A N   
182 C CA  . ILE A 26 ? 0.14278 0.11443 0.10069 0.00006  0.00802  0.00395  219 ILE A CA  
183 C C   . ILE A 26 ? 0.13389 0.10368 0.09459 -0.00009 0.00681  0.00202  219 ILE A C   
184 O O   . ILE A 26 ? 0.14430 0.11506 0.10663 0.00082  0.00741  -0.00093 219 ILE A O   
185 C CB  . ILE A 26 ? 0.13348 0.10785 0.08798 0.00005  0.00911  0.00348  219 ILE A CB  
186 C CG1 . ILE A 26 ? 0.14417 0.11949 0.09725 0.00021  0.00934  0.00567  219 ILE A CG1 
187 C CG2 . ILE A 26 ? 0.15294 0.12731 0.10564 -0.00076 0.00819  0.00295  219 ILE A CG2 
188 C CD1 . ILE A 26 ? 0.20673 0.18497 0.15743 0.00003  0.01010  0.00609  219 ILE A CD1 
189 N N   . ASP A 27 ? 0.13423 0.10206 0.09613 -0.00137 0.00473  0.00362  220 ASP A N   
190 C CA  . ASP A 27 ? 0.13703 0.10205 0.10276 -0.00194 0.00248  0.00259  220 ASP A CA  
191 C C   . ASP A 27 ? 0.14021 0.10564 0.10410 -0.00314 0.00168  0.00206  220 ASP A C   
192 O O   . ASP A 27 ? 0.13800 0.10414 0.10039 -0.00506 0.00041  0.00480  220 ASP A O   
193 C CB  . ASP A 27 ? 0.13727 0.10032 0.10617 -0.00335 0.00001  0.00581  220 ASP A CB  
194 C CG  . ASP A 27 ? 0.14103 0.10021 0.11535 -0.00412 -0.00329 0.00546  220 ASP A CG  
195 O OD1 . ASP A 27 ? 0.14448 0.10239 0.12056 -0.00303 -0.00354 0.00163  220 ASP A OD1 
196 O OD2 . ASP A 27 ? 0.16819 0.12600 0.14550 -0.00594 -0.00603 0.00903  220 ASP A OD2 
197 N N   . HIS A 28 ? 0.14013 0.10622 0.10429 -0.00213 0.00237  -0.00166 221 HIS A N   
198 C CA  . HIS A 28 ? 0.14164 0.10831 0.10426 -0.00319 0.00163  -0.00264 221 HIS A CA  
199 C C   . HIS A 28 ? 0.14667 0.10929 0.11415 -0.00471 -0.00206 -0.00239 221 HIS A C   
200 O O   . HIS A 28 ? 0.16112 0.12378 0.12804 -0.00602 -0.00323 -0.00286 221 HIS A O   
201 C CB  . HIS A 28 ? 0.14244 0.11255 0.10387 -0.00170 0.00357  -0.00697 221 HIS A CB  
202 C CG  . HIS A 28 ? 0.15163 0.12604 0.10865 -0.00094 0.00653  -0.00612 221 HIS A CG  
203 N ND1 . HIS A 28 ? 0.16910 0.14560 0.12137 -0.00167 0.00742  -0.00390 221 HIS A ND1 
204 C CD2 . HIS A 28 ? 0.13919 0.11632 0.09646 0.00028  0.00831  -0.00684 221 HIS A CD2 
205 C CE1 . HIS A 28 ? 0.14027 0.11974 0.09050 -0.00098 0.00925  -0.00299 221 HIS A CE1 
206 N NE2 . HIS A 28 ? 0.14636 0.12656 0.09932 -0.00005 0.00992  -0.00450 221 HIS A NE2 
207 N N   . ASN A 29 ? 0.14629 0.10542 0.11896 -0.00470 -0.00425 -0.00134 222 ASN A N   
208 C CA  . ASN A 29 ? 0.15014 0.10490 0.12842 -0.00663 -0.00870 0.00018  222 ASN A CA  
209 C C   . ASN A 29 ? 0.16561 0.12175 0.14150 -0.01011 -0.01017 0.00619  222 ASN A C   
210 O O   . ASN A 29 ? 0.18856 0.14348 0.16628 -0.01275 -0.01322 0.00816  222 ASN A O   
211 C CB  . ASN A 29 ? 0.15235 0.10304 0.13777 -0.00548 -0.01115 -0.00042 222 ASN A CB  
212 C CG  . ASN A 29 ? 0.15340 0.10449 0.14191 -0.00194 -0.00994 -0.00712 222 ASN A CG  
213 O OD1 . ASN A 29 ? 0.18875 0.13922 0.18048 -0.00101 -0.01127 -0.01186 222 ASN A OD1 
214 N ND2 . ASN A 29 ? 0.15203 0.10503 0.14002 -0.00002 -0.00762 -0.00785 222 ASN A ND2 
215 N N   . THR A 30 ? 0.14713 0.10679 0.11919 -0.01018 -0.00811 0.00886  223 THR A N   
216 C CA  . THR A 30 ? 0.15231 0.11569 0.12252 -0.01332 -0.00944 0.01399  223 THR A CA  
217 C C   . THR A 30 ? 0.14846 0.11787 0.11200 -0.01313 -0.00657 0.01387  223 THR A C   
218 O O   . THR A 30 ? 0.18799 0.16277 0.14963 -0.01541 -0.00736 0.01710  223 THR A O   
219 C CB  . THR A 30 ? 0.16900 0.13273 0.14185 -0.01383 -0.01047 0.01718  223 THR A CB  
220 O OG1 . THR A 30 ? 0.17658 0.14103 0.14743 -0.01080 -0.00711 0.01475  223 THR A OG1 
221 C CG2 . THR A 30 ? 0.17540 0.13321 0.15584 -0.01440 -0.01435 0.01819  223 THR A CG2 
222 N N   . ASN A 31 ? 0.14566 0.11508 0.10618 -0.01052 -0.00364 0.01015  224 ASN A N   
223 C CA  . ASN A 31 ? 0.15135 0.12539 0.10669 -0.00966 -0.00132 0.00962  224 ASN A CA  
224 C C   . ASN A 31 ? 0.16095 0.13825 0.11572 -0.00935 -0.00084 0.01126  224 ASN A C   
225 O O   . ASN A 31 ? 0.18587 0.16875 0.13841 -0.01031 -0.00112 0.01229  224 ASN A O   
226 C CB  . ASN A 31 ? 0.17046 0.14810 0.12302 -0.01167 -0.00218 0.01037  224 ASN A CB  
227 C CG  . ASN A 31 ? 0.20419 0.17936 0.15663 -0.01150 -0.00214 0.00787  224 ASN A CG  
228 O OD1 . ASN A 31 ? 0.18107 0.15234 0.13617 -0.01001 -0.00184 0.00532  224 ASN A OD1 
229 N ND2 . ASN A 31 ? 0.26429 0.24273 0.21387 -0.01295 -0.00248 0.00810  224 ASN A ND2 
230 N N   . THR A 32 ? 0.16496 0.13959 0.12214 -0.00788 -0.00019 0.01094  225 THR A N   
231 C CA  . THR A 32 ? 0.14809 0.12542 0.10540 -0.00735 0.00025  0.01193  225 THR A CA  
232 C C   . THR A 32 ? 0.14644 0.12130 0.10403 -0.00478 0.00230  0.01006  225 THR A C   
233 O O   . THR A 32 ? 0.16705 0.13888 0.12510 -0.00370 0.00329  0.00832  225 THR A O   
234 C CB  . THR A 32 ? 0.13943 0.11713 0.10022 -0.00918 -0.00182 0.01488  225 THR A CB  
235 O OG1 . THR A 32 ? 0.18411 0.15593 0.14877 -0.00856 -0.00249 0.01449  225 THR A OG1 
236 C CG2 . THR A 32 ? 0.18726 0.16905 0.14794 -0.01260 -0.00431 0.01793  225 THR A CG2 
237 N N   . THR A 33 ? 0.13817 0.11534 0.09571 -0.00398 0.00274  0.01026  226 THR A N   
238 C CA  . THR A 33 ? 0.12676 0.10202 0.08492 -0.00207 0.00423  0.00923  226 THR A CA  
239 C C   . THR A 33 ? 0.13009 0.10598 0.09090 -0.00199 0.00384  0.01017  226 THR A C   
240 O O   . THR A 33 ? 0.14994 0.12953 0.11138 -0.00320 0.00253  0.01134  226 THR A O   
241 C CB  . THR A 33 ? 0.13929 0.11613 0.09541 -0.00090 0.00476  0.00823  226 THR A CB  
242 O OG1 . THR A 33 ? 0.16385 0.14504 0.12000 -0.00101 0.00355  0.00797  226 THR A OG1 
243 C CG2 . THR A 33 ? 0.12715 0.10394 0.08054 -0.00099 0.00519  0.00751  226 THR A CG2 
244 N N   . HIS A 34 ? 0.12744 0.10091 0.08979 -0.00080 0.00494  0.00974  227 HIS A N   
245 C CA  . HIS A 34 ? 0.13931 0.11267 0.10453 -0.00070 0.00470  0.01054  227 HIS A CA  
246 C C   . HIS A 34 ? 0.14860 0.12108 0.11461 0.00057  0.00588  0.00996  227 HIS A C   
247 O O   . HIS A 34 ? 0.16385 0.13510 0.12887 0.00110  0.00700  0.00938  227 HIS A O   
248 C CB  . HIS A 34 ? 0.12639 0.09704 0.09420 -0.00109 0.00413  0.01100  227 HIS A CB  
249 C CG  . HIS A 34 ? 0.14725 0.11787 0.11525 -0.00278 0.00228  0.01218  227 HIS A CG  
250 N ND1 . HIS A 34 ? 0.16223 0.13513 0.13183 -0.00469 0.00022  0.01489  227 HIS A ND1 
251 C CD2 . HIS A 34 ? 0.17654 0.14579 0.14343 -0.00321 0.00192  0.01135  227 HIS A CD2 
252 C CE1 . HIS A 34 ? 0.16770 0.14025 0.13740 -0.00646 -0.00154 0.01613  227 HIS A CE1 
253 N NE2 . HIS A 34 ? 0.16737 0.13740 0.13545 -0.00546 -0.00050 0.01373  227 HIS A NE2 
254 N N   . TRP A 35 ? 0.14151 0.11531 0.10951 0.00075  0.00551  0.01032  228 TRP A N   
255 C CA  . TRP A 35 ? 0.13310 0.10583 0.10247 0.00158  0.00629  0.01015  228 TRP A CA  
256 C C   . TRP A 35 ? 0.12335 0.09447 0.09433 0.00178  0.00738  0.01034  228 TRP A C   
257 O O   . TRP A 35 ? 0.17015 0.14106 0.14154 0.00205  0.00834  0.01042  228 TRP A O   
258 C CB  . TRP A 35 ? 0.15907 0.13412 0.13055 0.00183  0.00534  0.00986  228 TRP A CB  
259 C CG  . TRP A 35 ? 0.15205 0.12961 0.12323 0.00231  0.00405  0.00840  228 TRP A CG  
260 C CD1 . TRP A 35 ? 0.14481 0.12750 0.11674 0.00223  0.00281  0.00717  228 TRP A CD1 
261 C CD2 . TRP A 35 ? 0.12537 0.10141 0.09610 0.00306  0.00352  0.00775  228 TRP A CD2 
262 N NE1 . TRP A 35 ? 0.12756 0.11211 0.09985 0.00332  0.00154  0.00487  228 TRP A NE1 
263 C CE2 . TRP A 35 ? 0.13634 0.11603 0.10808 0.00386  0.00178  0.00546  228 TRP A CE2 
264 C CE3 . TRP A 35 ? 0.17535 0.14821 0.14522 0.00300  0.00410  0.00896  228 TRP A CE3 
265 C CZ2 . TRP A 35 ? 0.15532 0.13425 0.12781 0.00495  0.00027  0.00418  228 TRP A CZ2 
266 C CZ3 . TRP A 35 ? 0.15436 0.12658 0.12460 0.00357  0.00264  0.00866  228 TRP A CZ3 
267 C CH2 . TRP A 35 ? 0.16580 0.14035 0.13761 0.00472  0.00059  0.00619  228 TRP A CH2 
268 N N   . SER A 36 ? 0.16753 0.13806 0.13996 0.00154  0.00687  0.01052  229 SER A N   
269 C CA  . SER A 36 ? 0.19155 0.16113 0.16656 0.00219  0.00745  0.00998  229 SER A CA  
270 C C   . SER A 36 ? 0.17540 0.14360 0.15111 0.00261  0.00732  0.00836  229 SER A C   
271 O O   . SER A 36 ? 0.16657 0.13377 0.14140 0.00203  0.00631  0.00834  229 SER A O   
272 C CB  . SER A 36 ? 0.19115 0.16117 0.16912 0.00196  0.00635  0.01120  229 SER A CB  
273 O OG  . SER A 36 ? 0.20655 0.17648 0.18529 0.00090  0.00443  0.01259  229 SER A OG  
274 N N   . HIS A 37 ? 0.17154 0.14046 0.14915 0.00366  0.00827  0.00656  230 HIS A N   
275 C CA  . HIS A 37 ? 0.20109 0.16970 0.18074 0.00462  0.00788  0.00367  230 HIS A CA  
276 C C   . HIS A 37 ? 0.18141 0.14655 0.16493 0.00455  0.00508  0.00413  230 HIS A C   
277 O O   . HIS A 37 ? 0.17963 0.14397 0.16573 0.00440  0.00398  0.00591  230 HIS A O   
278 C CB  . HIS A 37 ? 0.17106 0.14302 0.15270 0.00587  0.00927  0.00125  230 HIS A CB  
279 C CG  . HIS A 37 ? 0.16310 0.13735 0.14664 0.00721  0.00933  -0.00313 230 HIS A CG  
280 N ND1 . HIS A 37 ? 0.20598 0.17727 0.19406 0.00837  0.00692  -0.00561 230 HIS A ND1 
281 C CD2 . HIS A 37 ? 0.17982 0.16003 0.16210 0.00758  0.01118  -0.00579 230 HIS A CD2 
282 C CE1 . HIS A 37 ? 0.15308 0.12815 0.14278 0.00979  0.00731  -0.01048 230 HIS A CE1 
283 N NE2 . HIS A 37 ? 0.20340 0.18475 0.18932 0.00927  0.01012  -0.01069 230 HIS A NE2 
284 N N   . PRO A 38 ? 0.18013 0.14336 0.16456 0.00445  0.00356  0.00281  231 PRO A N   
285 C CA  . PRO A 38 ? 0.15756 0.11711 0.14636 0.00373  0.00007  0.00435  231 PRO A CA  
286 C C   . PRO A 38 ? 0.15811 0.11600 0.15341 0.00533  -0.00178 0.00274  231 PRO A C   
287 O O   . PRO A 38 ? 0.21134 0.16621 0.21080 0.00439  -0.00511 0.00539  231 PRO A O   
288 C CB  . PRO A 38 ? 0.19175 0.14962 0.18069 0.00342  -0.00122 0.00256  231 PRO A CB  
289 C CG  . PRO A 38 ? 0.15234 0.11349 0.13876 0.00491  0.00156  -0.00147 231 PRO A CG  
290 C CD  . PRO A 38 ? 0.18361 0.14810 0.16553 0.00464  0.00455  0.00033  231 PRO A CD  
291 N N   . LEU A 39 ? 0.17536 0.13595 0.17176 0.00752  0.00007  -0.00125 232 LEU A N   
292 C CA  . LEU A 39 ? 0.17828 0.13821 0.18112 0.00943  -0.00164 -0.00337 232 LEU A CA  
293 C C   . LEU A 39 ? 0.23050 0.19242 0.23256 0.00928  -0.00018 -0.00094 232 LEU A C   
294 O O   . LEU A 39 ? 0.24971 0.21226 0.25642 0.01098  -0.00095 -0.00277 232 LEU A O   
295 C CB  . LEU A 39 ? 0.16602 0.12951 0.17154 0.01209  -0.00082 -0.01004 232 LEU A CB  
296 C CG  . LEU A 39 ? 0.18229 0.14408 0.19007 0.01268  -0.00277 -0.01361 232 LEU A CG  
297 C CD1 . LEU A 39 ? 0.18179 0.14938 0.19286 0.01560  -0.00196 -0.02122 232 LEU A CD1 
298 C CD2 . LEU A 39 ? 0.22940 0.18402 0.24351 0.01220  -0.00785 -0.01182 232 LEU A CD2 
299 N N   . GLU A 40 ? 0.20323 0.16638 0.19997 0.00741  0.00165  0.00273  233 GLU A N   
300 C CA  . GLU A 40 ? 0.26957 0.23466 0.26576 0.00712  0.00280  0.00485  233 GLU A CA  
301 C C   . GLU A 40 ? 0.30467 0.26901 0.29993 0.00504  0.00137  0.00944  233 GLU A C   
302 O O   . GLU A 40 ? 0.37029 0.33706 0.36274 0.00424  0.00287  0.01101  233 GLU A O   
303 C CB  . GLU A 40 ? 0.25209 0.22093 0.24389 0.00700  0.00615  0.00420  233 GLU A CB  
304 C CG  . GLU A 40 ? 0.26759 0.23993 0.25995 0.00848  0.00770  0.00004  233 GLU A CG  
305 C CD  . GLU A 40 ? 0.43312 0.40997 0.42163 0.00762  0.01045  0.00062  233 GLU A CD  
306 O OE1 . GLU A 40 ? 0.41689 0.39269 0.40215 0.00611  0.01092  0.00373  233 GLU A OE1 
307 O OE2 . GLU A 40 ? 0.54609 0.52815 0.53534 0.00837  0.01182  -0.00212 233 GLU A OE2 
308 N N   . ARG A 41 ? 0.23976 0.20150 0.23784 0.00400  -0.00183 0.01146  234 ARG A N   
309 C CA  . ARG A 41 ? 0.23749 0.20072 0.23495 0.00150  -0.00351 0.01615  234 ARG A CA  
310 C C   . ARG A 41 ? 0.30121 0.26299 0.30456 0.00079  -0.00719 0.01908  234 ARG A C   
311 O O   . ARG A 41 ? 0.27460 0.23722 0.27874 -0.00186 -0.00992 0.02340  234 ARG A O   
312 C CB  . ARG A 41 ? 0.27795 0.24125 0.27245 -0.00045 -0.00436 0.01767  234 ARG A CB  
313 C CG  . ARG A 41 ? 0.26796 0.23170 0.25768 0.00037  -0.00155 0.01478  234 ARG A CG  
314 C CD  . ARG A 41 ? 0.25223 0.21840 0.23799 -0.00164 -0.00173 0.01668  234 ARG A CD  
315 N NE  . ARG A 41 ? 0.25005 0.21564 0.23213 -0.00073 0.00032  0.01392  234 ARG A NE  
316 C CZ  . ARG A 41 ? 0.31145 0.27624 0.29196 -0.00158 -0.00040 0.01377  234 ARG A CZ  
317 N NH1 . ARG A 41 ? 0.36189 0.32625 0.34419 -0.00367 -0.00329 0.01646  234 ARG A NH1 
318 N NH2 . ARG A 41 ? 0.19718 0.16203 0.17442 -0.00066 0.00157  0.01134  234 ARG A NH2 
319 N N   . GLU A 42 ? 0.30336 0.26366 0.31115 0.00296  -0.00756 0.01700  235 GLU A N   
320 C CA  . GLU A 42 ? 0.31976 0.27844 0.33393 0.00251  -0.01146 0.01992  235 GLU A CA  
321 C C   . GLU A 42 ? 0.20579 0.16925 0.21844 -0.00008 -0.01181 0.02505  235 GLU A C   
322 O O   . GLU A 42 ? 0.33609 0.30365 0.34504 0.00017  -0.00869 0.02429  235 GLU A O   
323 C CB  . GLU A 42 ? 0.30062 0.25812 0.31964 0.00572  -0.01141 0.01606  235 GLU A CB  
324 C CG  . GLU A 42 ? 0.36604 0.31974 0.38944 0.00824  -0.01289 0.01097  235 GLU A CG  
325 C CD  . GLU A 42 ? 0.43012 0.37853 0.45992 0.00716  -0.01853 0.01341  235 GLU A CD  
326 O OE1 . GLU A 42 ? 0.42150 0.36681 0.45329 0.00811  -0.01987 0.01004  235 GLU A OE1 
327 O OE2 . GLU A 42 ? 0.51165 0.45937 0.54483 0.00511  -0.02193 0.01896  235 GLU A OE2 
328 N N   . GLY A 43 ? 0.26128 0.22491 0.27706 -0.00286 -0.01591 0.03030  236 GLY A N   
329 C CA  . GLY A 43 ? 0.33546 0.30559 0.35042 -0.00567 -0.01670 0.03537  236 GLY A CA  
330 C C   . GLY A 43 ? 0.34591 0.32256 0.35488 -0.00837 -0.01526 0.03714  236 GLY A C   
331 O O   . GLY A 43 ? 0.32992 0.31418 0.33800 -0.01085 -0.01586 0.04076  236 GLY A O   
332 N N   . LEU A 44 ? 0.26803 0.24275 0.27307 -0.00780 -0.01345 0.03425  237 LEU A N   
333 C CA  . LEU A 44 ? 0.23466 0.21573 0.23444 -0.00996 -0.01230 0.03518  237 LEU A CA  
334 C C   . LEU A 44 ? 0.25891 0.23976 0.25937 -0.01296 -0.01550 0.03883  237 LEU A C   
335 O O   . LEU A 44 ? 0.27784 0.25146 0.28074 -0.01217 -0.01699 0.03781  237 LEU A O   
336 C CB  . LEU A 44 ? 0.18537 0.16551 0.18015 -0.00755 -0.00824 0.02988  237 LEU A CB  
337 C CG  . LEU A 44 ? 0.28114 0.26384 0.27437 -0.00567 -0.00526 0.02706  237 LEU A CG  
338 C CD1 . LEU A 44 ? 0.29572 0.27591 0.28531 -0.00361 -0.00228 0.02277  237 LEU A CD1 
339 C CD2 . LEU A 44 ? 0.23121 0.22320 0.22316 -0.00761 -0.00551 0.02880  237 LEU A CD2 
340 N N   . PRO A 45 ? 0.20197 0.19180 0.20059 -0.01660 -0.01674 0.04297  238 PRO A N   
341 C CA  . PRO A 45 ? 0.22143 0.21312 0.21998 -0.02020 -0.01968 0.04699  238 PRO A CA  
342 C C   . PRO A 45 ? 0.21316 0.20332 0.20689 -0.01901 -0.01718 0.04286  238 PRO A C   
343 O O   . PRO A 45 ? 0.20438 0.19557 0.19414 -0.01628 -0.01332 0.03794  238 PRO A O   
344 C CB  . PRO A 45 ? 0.29735 0.30222 0.29454 -0.02417 -0.02081 0.05165  238 PRO A CB  
345 C CG  . PRO A 45 ? 0.35110 0.36115 0.34537 -0.02160 -0.01697 0.04720  238 PRO A CG  
346 C CD  . PRO A 45 ? 0.28125 0.28139 0.27800 -0.01763 -0.01552 0.04378  238 PRO A CD  
347 N N   . PRO A 46 ? 0.26347 0.25111 0.25800 -0.02115 -0.01969 0.04505  239 PRO A N   
348 C CA  . PRO A 46 ? 0.24572 0.23226 0.23576 -0.02022 -0.01754 0.04144  239 PRO A CA  
349 C C   . PRO A 46 ? 0.17628 0.17302 0.16068 -0.02063 -0.01486 0.03990  239 PRO A C   
350 O O   . PRO A 46 ? 0.24553 0.25248 0.22969 -0.02375 -0.01623 0.04356  239 PRO A O   
351 C CB  . PRO A 46 ? 0.36976 0.35471 0.36231 -0.02385 -0.02170 0.04585  239 PRO A CB  
352 C CG  . PRO A 46 ? 0.40118 0.38165 0.40103 -0.02525 -0.02616 0.05034  239 PRO A CG  
353 C CD  . PRO A 46 ? 0.26144 0.24728 0.26159 -0.02486 -0.02514 0.05147  239 PRO A CD  
354 N N   . GLY A 47 ? 0.18656 0.18138 0.16709 -0.01758 -0.01148 0.03451  240 GLY A N   
355 C CA  . GLY A 47 ? 0.24034 0.24387 0.21661 -0.01734 -0.00949 0.03207  240 GLY A CA  
356 C C   . GLY A 47 ? 0.21213 0.21771 0.18820 -0.01466 -0.00722 0.02874  240 GLY A C   
357 O O   . GLY A 47 ? 0.19776 0.20823 0.17132 -0.01327 -0.00561 0.02516  240 GLY A O   
358 N N   . TRP A 48 ? 0.16753 0.16928 0.14683 -0.01387 -0.00743 0.02974  241 TRP A N   
359 C CA  . TRP A 48 ? 0.14564 0.14879 0.12524 -0.01152 -0.00546 0.02678  241 TRP A CA  
360 C C   . TRP A 48 ? 0.15380 0.14729 0.13385 -0.00822 -0.00338 0.02364  241 TRP A C   
361 O O   . TRP A 48 ? 0.17223 0.15863 0.15409 -0.00780 -0.00394 0.02436  241 TRP A O   
362 C CB  . TRP A 48 ? 0.15151 0.15938 0.13430 -0.01317 -0.00702 0.03015  241 TRP A CB  
363 C CG  . TRP A 48 ? 0.13721 0.15807 0.11954 -0.01653 -0.00872 0.03295  241 TRP A CG  
364 C CD1 . TRP A 48 ? 0.17169 0.19767 0.15430 -0.02055 -0.01151 0.03806  241 TRP A CD1 
365 C CD2 . TRP A 48 ? 0.14780 0.17961 0.12981 -0.01644 -0.00800 0.03084  241 TRP A CD2 
366 N NE1 . TRP A 48 ? 0.18487 0.22548 0.16685 -0.02318 -0.01233 0.03949  241 TRP A NE1 
367 C CE2 . TRP A 48 ? 0.16250 0.20716 0.14425 -0.02051 -0.01018 0.03468  241 TRP A CE2 
368 C CE3 . TRP A 48 ? 0.13428 0.16684 0.11668 -0.01349 -0.00601 0.02603  241 TRP A CE3 
369 C CZ2 . TRP A 48 ? 0.17161 0.23100 0.15322 -0.02142 -0.01013 0.03306  241 TRP A CZ2 
370 C CZ3 . TRP A 48 ? 0.15959 0.20522 0.14237 -0.01417 -0.00624 0.02422  241 TRP A CZ3 
371 C CH2 . TRP A 48 ? 0.12306 0.18257 0.10537 -0.01800 -0.00816 0.02742  241 TRP A CH2 
372 N N   . GLU A 49 ? 0.12516 0.11918 0.10413 -0.00602 -0.00135 0.02010  242 GLU A N   
373 C CA  . GLU A 49 ? 0.13909 0.12616 0.11863 -0.00355 0.00050  0.01786  242 GLU A CA  
374 C C   . GLU A 49 ? 0.14688 0.13600 0.12798 -0.00244 0.00136  0.01646  242 GLU A C   
375 O O   . GLU A 49 ? 0.15067 0.14620 0.13177 -0.00270 0.00097  0.01537  242 GLU A O   
376 C CB  . GLU A 49 ? 0.13031 0.11411 0.10703 -0.00223 0.00187  0.01534  242 GLU A CB  
377 C CG  . GLU A 49 ? 0.16192 0.14319 0.13721 -0.00312 0.00122  0.01622  242 GLU A CG  
378 C CD  . GLU A 49 ? 0.14200 0.11994 0.11482 -0.00176 0.00272  0.01396  242 GLU A CD  
379 O OE1 . GLU A 49 ? 0.15261 0.13314 0.12334 -0.00146 0.00292  0.01266  242 GLU A OE1 
380 O OE2 . GLU A 49 ? 0.14893 0.12245 0.12228 -0.00092 0.00351  0.01326  242 GLU A OE2 
381 N N   . ARG A 50 ? 0.13788 0.12226 0.12062 -0.00117 0.00239  0.01607  243 ARG A N   
382 C CA  . ARG A 50 ? 0.13414 0.11944 0.11827 -0.00012 0.00332  0.01459  243 ARG A CA  
383 C C   . ARG A 50 ? 0.18536 0.16769 0.16808 0.00109  0.00450  0.01240  243 ARG A C   
384 O O   . ARG A 50 ? 0.20103 0.17930 0.18238 0.00149  0.00537  0.01233  243 ARG A O   
385 C CB  . ARG A 50 ? 0.16795 0.15087 0.15478 0.00034  0.00366  0.01554  243 ARG A CB  
386 C CG  . ARG A 50 ? 0.16775 0.15183 0.15622 0.00109  0.00455  0.01435  243 ARG A CG  
387 C CD  . ARG A 50 ? 0.24193 0.22494 0.23322 0.00144  0.00463  0.01543  243 ARG A CD  
388 N NE  . ARG A 50 ? 0.43726 0.41835 0.42926 0.00245  0.00621  0.01409  243 ARG A NE  
389 C CZ  . ARG A 50 ? 0.56690 0.54692 0.56107 0.00320  0.00667  0.01409  243 ARG A CZ  
390 N NH1 . ARG A 50 ? 0.55880 0.53826 0.55526 0.00336  0.00529  0.01522  243 ARG A NH1 
391 N NH2 . ARG A 50 ? 0.68186 0.66181 0.67641 0.00368  0.00813  0.01304  243 ARG A NH2 
392 N N   . VAL A 51 ? 0.15563 0.14048 0.13926 0.00158  0.00416  0.01062  244 VAL A N   
393 C CA  . VAL A 51 ? 0.14403 0.12593 0.12741 0.00244  0.00433  0.00920  244 VAL A CA  
394 C C   . VAL A 51 ? 0.17609 0.15773 0.16255 0.00282  0.00418  0.00850  244 VAL A C   
395 O O   . VAL A 51 ? 0.14896 0.13418 0.13754 0.00275  0.00377  0.00795  244 VAL A O   
396 C CB  . VAL A 51 ? 0.22284 0.20725 0.20541 0.00285  0.00302  0.00717  244 VAL A CB  
397 C CG1 . VAL A 51 ? 0.21005 0.19435 0.18935 0.00221  0.00325  0.00812  244 VAL A CG1 
398 C CG2 . VAL A 51 ? 0.20627 0.19780 0.19093 0.00297  0.00168  0.00500  244 VAL A CG2 
399 N N   . GLU A 52 ? 0.23085 0.20874 0.21766 0.00293  0.00429  0.00887  245 GLU A N   
400 C CA  . GLU A 52 ? 0.24734 0.22436 0.23738 0.00281  0.00372  0.00882  245 GLU A CA  
401 C C   . GLU A 52 ? 0.27009 0.24577 0.26236 0.00330  0.00138  0.00736  245 GLU A C   
402 O O   . GLU A 52 ? 0.35517 0.32881 0.34581 0.00336  0.00090  0.00780  245 GLU A O   
403 C CB  . GLU A 52 ? 0.32246 0.29721 0.31195 0.00193  0.00523  0.01123  245 GLU A CB  
404 C CG  . GLU A 52 ? 0.40933 0.38498 0.39730 0.00199  0.00711  0.01191  245 GLU A CG  
405 C CD  . GLU A 52 ? 0.53315 0.51099 0.52348 0.00215  0.00727  0.01169  245 GLU A CD  
406 O OE1 . GLU A 52 ? 0.56469 0.54367 0.55758 0.00204  0.00627  0.01097  245 GLU A OE1 
407 O OE2 . GLU A 52 ? 0.56509 0.54351 0.55525 0.00243  0.00806  0.01209  245 GLU A OE2 
408 N N   . SER A 53 ? 0.26718 0.24397 0.26374 0.00373  -0.00040 0.00540  246 SER A N   
409 C CA  . SER A 53 ? 0.30043 0.27583 0.30092 0.00459  -0.00356 0.00315  246 SER A CA  
410 C C   . SER A 53 ? 0.26954 0.24278 0.27516 0.00401  -0.00533 0.00345  246 SER A C   
411 O O   . SER A 53 ? 0.35180 0.32759 0.35873 0.00382  -0.00454 0.00282  246 SER A O   
412 C CB  . SER A 53 ? 0.31336 0.29447 0.31513 0.00626  -0.00492 -0.00160 246 SER A CB  
413 O OG  . SER A 53 ? 0.28308 0.26349 0.29017 0.00771  -0.00854 -0.00518 246 SER A OG  
414 N N   . SER A 54 ? 0.38955 0.35817 0.39843 0.00348  -0.00803 0.00479  247 SER A N   
415 C CA  . SER A 54 ? 0.33080 0.29713 0.34537 0.00252  -0.01041 0.00543  247 SER A CA  
416 C C   . SER A 54 ? 0.27180 0.24045 0.29239 0.00459  -0.01344 -0.00046 247 SER A C   
417 O O   . SER A 54 ? 0.41076 0.37926 0.43603 0.00415  -0.01490 -0.00128 247 SER A O   
418 C CB  . SER A 54 ? 0.45280 0.41368 0.46986 0.00074  -0.01314 0.00960  247 SER A CB  
419 O OG  . SER A 54 ? 0.52449 0.48350 0.54203 0.00203  -0.01531 0.00838  247 SER A OG  
420 N N   . GLU A 55 ? 0.22150 0.19340 0.24217 0.00683  -0.01440 -0.00497 248 GLU A N   
421 C CA  . GLU A 55 ? 0.30835 0.28489 0.33491 0.00912  -0.01727 -0.01179 248 GLU A CA  
422 C C   . GLU A 55 ? 0.29178 0.27727 0.31555 0.00955  -0.01448 -0.01443 248 GLU A C   
423 O O   . GLU A 55 ? 0.34413 0.33416 0.37237 0.01031  -0.01575 -0.01842 248 GLU A O   
424 C CB  . GLU A 55 ? 0.43551 0.41280 0.46472 0.01147  -0.02037 -0.01614 248 GLU A CB  
425 C CG  . GLU A 55 ? 0.57455 0.55928 0.60992 0.01429  -0.02326 -0.02467 248 GLU A CG  
426 C CD  . GLU A 55 ? 0.75991 0.74488 0.79998 0.01702  -0.02735 -0.02977 248 GLU A CD  
427 O OE1 . GLU A 55 ? 0.81150 0.78876 0.85168 0.01659  -0.02894 -0.02616 248 GLU A OE1 
428 O OE2 . GLU A 55 ? 0.80268 0.79646 0.84667 0.01964  -0.02916 -0.03763 248 GLU A OE2 
429 N N   . PHE A 56 ? 0.24246 0.23081 0.25930 0.00887  -0.01103 -0.01200 249 PHE A N   
430 C CA  . PHE A 56 ? 0.17266 0.17012 0.18712 0.00885  -0.00906 -0.01363 249 PHE A CA  
431 C C   . PHE A 56 ? 0.17365 0.17052 0.18415 0.00696  -0.00577 -0.00877 249 PHE A C   
432 O O   . PHE A 56 ? 0.19588 0.19987 0.20485 0.00652  -0.00449 -0.00900 249 PHE A O   
433 C CB  . PHE A 56 ? 0.19776 0.20061 0.20851 0.00937  -0.00854 -0.01492 249 PHE A CB  
434 C CG  . PHE A 56 ? 0.18293 0.19035 0.19809 0.01169  -0.01180 -0.02136 249 PHE A CG  
435 C CD1 . PHE A 56 ? 0.17669 0.19542 0.19520 0.01286  -0.01305 -0.02729 249 PHE A CD1 
436 C CD2 . PHE A 56 ? 0.27940 0.28077 0.29591 0.01280  -0.01387 -0.02185 249 PHE A CD2 
437 C CE1 . PHE A 56 ? 0.26514 0.28944 0.28853 0.01545  -0.01632 -0.03446 249 PHE A CE1 
438 C CE2 . PHE A 56 ? 0.21723 0.22287 0.23882 0.01540  -0.01737 -0.02850 249 PHE A CE2 
439 C CZ  . PHE A 56 ? 0.24843 0.26571 0.27363 0.01690  -0.01860 -0.03523 249 PHE A CZ  
440 N N   . GLY A 57 ? 0.18729 0.17667 0.19654 0.00577  -0.00465 -0.00443 250 GLY A N   
441 C CA  . GLY A 57 ? 0.19268 0.18171 0.19889 0.00444  -0.00181 -0.00060 250 GLY A CA  
442 C C   . GLY A 57 ? 0.16093 0.15089 0.16196 0.00406  0.00018  0.00163  250 GLY A C   
443 O O   . GLY A 57 ? 0.19254 0.18112 0.19138 0.00437  -0.00010 0.00152  250 GLY A O   
444 N N   . THR A 58 ? 0.14575 0.13781 0.14533 0.00335  0.00183  0.00370  251 THR A N   
445 C CA  . THR A 58 ? 0.12931 0.12138 0.12524 0.00283  0.00304  0.00606  251 THR A CA  
446 C C   . THR A 58 ? 0.19592 0.19543 0.19135 0.00250  0.00214  0.00509  251 THR A C   
447 O O   . THR A 58 ? 0.17397 0.17986 0.17136 0.00219  0.00163  0.00425  251 THR A O   
448 C CB  . THR A 58 ? 0.19439 0.18486 0.19008 0.00232  0.00450  0.00880  251 THR A CB  
449 O OG1 . THR A 58 ? 0.23212 0.21821 0.22851 0.00236  0.00536  0.00940  251 THR A OG1 
450 C CG2 . THR A 58 ? 0.25791 0.24668 0.25099 0.00201  0.00503  0.01090  251 THR A CG2 
451 N N   . TYR A 59 ? 0.13991 0.13969 0.13265 0.00230  0.00191  0.00535  252 TYR A N   
452 C CA  . TYR A 59 ? 0.13637 0.14452 0.12828 0.00132  0.00103  0.00525  252 TYR A CA  
453 C C   . TYR A 59 ? 0.11677 0.12297 0.10538 0.00024  0.00124  0.00810  252 TYR A C   
454 O O   . TYR A 59 ? 0.13895 0.13752 0.12621 0.00047  0.00220  0.00980  252 TYR A O   
455 C CB  . TYR A 59 ? 0.16106 0.17594 0.15460 0.00234  -0.00048 0.00043  252 TYR A CB  
456 C CG  . TYR A 59 ? 0.14545 0.15643 0.13840 0.00370  -0.00116 -0.00194 252 TYR A CG  
457 C CD1 . TYR A 59 ? 0.15411 0.15839 0.14954 0.00513  -0.00180 -0.00359 252 TYR A CD1 
458 C CD2 . TYR A 59 ? 0.13607 0.15098 0.12652 0.00334  -0.00160 -0.00237 252 TYR A CD2 
459 C CE1 . TYR A 59 ? 0.20387 0.20493 0.19945 0.00628  -0.00302 -0.00540 252 TYR A CE1 
460 C CE2 . TYR A 59 ? 0.14849 0.16058 0.13878 0.00476  -0.00245 -0.00478 252 TYR A CE2 
461 C CZ  . TYR A 59 ? 0.16481 0.16975 0.15777 0.00628  -0.00325 -0.00621 252 TYR A CZ  
462 O OH  . TYR A 59 ? 0.21023 0.21227 0.20348 0.00758  -0.00459 -0.00806 252 TYR A OH  
463 N N   . TYR A 60 ? 0.11228 0.12649 0.09990 -0.00115 0.00019  0.00853  253 TYR A N   
464 C CA  . TYR A 60 ? 0.12180 0.13496 0.10692 -0.00279 -0.00013 0.01186  253 TYR A CA  
465 C C   . TYR A 60 ? 0.14099 0.16016 0.12416 -0.00317 -0.00090 0.01000  253 TYR A C   
466 O O   . TYR A 60 ? 0.14434 0.17337 0.12852 -0.00312 -0.00174 0.00708  253 TYR A O   
467 C CB  . TYR A 60 ? 0.13090 0.14840 0.11711 -0.00522 -0.00123 0.01631  253 TYR A CB  
468 C CG  . TYR A 60 ? 0.12304 0.13463 0.11153 -0.00460 -0.00069 0.01797  253 TYR A CG  
469 C CD1 . TYR A 60 ? 0.11497 0.11805 0.10374 -0.00438 -0.00060 0.02018  253 TYR A CD1 
470 C CD2 . TYR A 60 ? 0.11154 0.12655 0.10233 -0.00396 -0.00035 0.01656  253 TYR A CD2 
471 C CE1 . TYR A 60 ? 0.12686 0.12553 0.11815 -0.00347 -0.00020 0.02093  253 TYR A CE1 
472 C CE2 . TYR A 60 ? 0.13839 0.14859 0.13127 -0.00332 0.00020  0.01786  253 TYR A CE2 
473 C CZ  . TYR A 60 ? 0.15871 0.16094 0.15183 -0.00301 0.00028  0.01997  253 TYR A CZ  
474 O OH  . TYR A 60 ? 0.16313 0.16166 0.15875 -0.00209 0.00069  0.02060  253 TYR A OH  
475 N N   . VAL A 61 ? 0.13442 0.14849 0.11507 -0.00338 -0.00067 0.01110  254 VAL A N   
476 C CA  . VAL A 61 ? 0.14656 0.16648 0.12518 -0.00384 -0.00141 0.00955  254 VAL A CA  
477 C C   . VAL A 61 ? 0.11955 0.14197 0.09645 -0.00690 -0.00238 0.01407  254 VAL A C   
478 O O   . VAL A 61 ? 0.12823 0.14314 0.10524 -0.00769 -0.00241 0.01751  254 VAL A O   
479 C CB  . VAL A 61 ? 0.14458 0.15768 0.12181 -0.00170 -0.00073 0.00686  254 VAL A CB  
480 C CG1 . VAL A 61 ? 0.17882 0.19019 0.15876 0.00084  -0.00077 0.00287  254 VAL A CG1 
481 C CG2 . VAL A 61 ? 0.14527 0.14787 0.12092 -0.00174 0.00038  0.00955  254 VAL A CG2 
482 N N   . ASP A 62 ? 0.14106 0.17489 0.11699 -0.00869 -0.00355 0.01383  255 ASP A N   
483 C CA  . ASP A 62 ? 0.13534 0.17340 0.10975 -0.01225 -0.00501 0.01845  255 ASP A CA  
484 C C   . ASP A 62 ? 0.11482 0.15375 0.08642 -0.01175 -0.00482 0.01609  255 ASP A C   
485 O O   . ASP A 62 ? 0.13987 0.18945 0.11093 -0.01145 -0.00515 0.01257  255 ASP A O   
486 C CB  . ASP A 62 ? 0.15195 0.20507 0.12728 -0.01545 -0.00664 0.02072  255 ASP A CB  
487 C CG  . ASP A 62 ? 0.17756 0.23640 0.15169 -0.01998 -0.00874 0.02647  255 ASP A CG  
488 O OD1 . ASP A 62 ? 0.19667 0.24761 0.16935 -0.02035 -0.00893 0.02798  255 ASP A OD1 
489 O OD2 . ASP A 62 ? 0.17185 0.24397 0.14670 -0.02347 -0.01041 0.02969  255 ASP A OD2 
490 N N   . HIS A 63 ? 0.14256 0.17103 0.11274 -0.01144 -0.00435 0.01745  256 HIS A N   
491 C CA  . HIS A 63 ? 0.14004 0.16844 0.10749 -0.01091 -0.00408 0.01543  256 HIS A CA  
492 C C   . HIS A 63 ? 0.12076 0.16022 0.08666 -0.01446 -0.00574 0.01782  256 HIS A C   
493 O O   . HIS A 63 ? 0.20703 0.25092 0.17080 -0.01405 -0.00567 0.01525  256 HIS A O   
494 C CB  . HIS A 63 ? 0.13355 0.14933 0.10000 -0.01009 -0.00326 0.01648  256 HIS A CB  
495 C CG  . HIS A 63 ? 0.12127 0.12797 0.08866 -0.00691 -0.00155 0.01408  256 HIS A CG  
496 N ND1 . HIS A 63 ? 0.14833 0.15504 0.11577 -0.00421 -0.00076 0.01001  256 HIS A ND1 
497 C CD2 . HIS A 63 ? 0.13851 0.13644 0.10720 -0.00620 -0.00082 0.01529  256 HIS A CD2 
498 C CE1 . HIS A 63 ? 0.19659 0.19514 0.16500 -0.00250 0.00043  0.00964  256 HIS A CE1 
499 N NE2 . HIS A 63 ? 0.15884 0.15268 0.12780 -0.00357 0.00065  0.01250  256 HIS A NE2 
500 N N   . THR A 64 ? 0.12940 0.17397 0.09659 -0.01821 -0.00750 0.02309  257 THR A N   
501 C CA  . THR A 64 ? 0.18266 0.23856 0.14856 -0.02253 -0.00947 0.02663  257 THR A CA  
502 C C   . THR A 64 ? 0.23385 0.30763 0.19933 -0.02320 -0.00970 0.02374  257 THR A C   
503 O O   . THR A 64 ? 0.32889 0.41485 0.29274 -0.02632 -0.01094 0.02514  257 THR A O   
504 C CB  . THR A 64 ? 0.16125 0.21656 0.12939 -0.02709 -0.01217 0.03452  257 THR A CB  
505 O OG1 . THR A 64 ? 0.27366 0.33774 0.24399 -0.02857 -0.01301 0.03652  257 THR A OG1 
506 C CG2 . THR A 64 ? 0.27020 0.30847 0.24031 -0.02574 -0.01229 0.03613  257 THR A CG2 
507 N N   . ASN A 65 ? 0.17536 0.25169 0.14265 -0.02035 -0.00870 0.01944  258 ASN A N   
508 C CA  . ASN A 65 ? 0.14952 0.24326 0.11736 -0.02013 -0.00899 0.01489  258 ASN A CA  
509 C C   . ASN A 65 ? 0.17155 0.26285 0.14060 -0.01468 -0.00774 0.00625  258 ASN A C   
510 O O   . ASN A 65 ? 0.18872 0.29380 0.15930 -0.01342 -0.00823 0.00056  258 ASN A O   
511 C CB  . ASN A 65 ? 0.17484 0.27778 0.14498 -0.02240 -0.00986 0.01763  258 ASN A CB  
512 C CG  . ASN A 65 ? 0.20960 0.32180 0.17921 -0.02865 -0.01214 0.02602  258 ASN A CG  
513 O OD1 . ASN A 65 ? 0.23236 0.36033 0.20045 -0.03172 -0.01326 0.02661  258 ASN A OD1 
514 N ND2 . ASN A 65 ? 0.18133 0.28461 0.15276 -0.03069 -0.01323 0.03265  258 ASN A ND2 
515 N N   . LYS A 66 ? 0.14379 0.21834 0.11269 -0.01162 -0.00652 0.00526  259 LYS A N   
516 C CA  . LYS A 66 ? 0.15177 0.22119 0.12252 -0.00684 -0.00596 -0.00147 259 LYS A CA  
517 C C   . LYS A 66 ? 0.14208 0.21814 0.11670 -0.00514 -0.00637 -0.00565 259 LYS A C   
518 O O   . LYS A 66 ? 0.16894 0.25339 0.14607 -0.00258 -0.00733 -0.01249 259 LYS A O   
519 C CB  . LYS A 66 ? 0.21191 0.28705 0.18170 -0.00528 -0.00657 -0.00618 259 LYS A CB  
520 C CG  . LYS A 66 ? 0.22446 0.29186 0.19052 -0.00665 -0.00605 -0.00247 259 LYS A CG  
521 C CD  . LYS A 66 ? 0.35787 0.42792 0.32332 -0.00425 -0.00653 -0.00747 259 LYS A CD  
522 C CE  . LYS A 66 ? 0.50472 0.56819 0.46633 -0.00590 -0.00596 -0.00372 259 LYS A CE  
523 N NZ  . LYS A 66 ? 0.57744 0.64364 0.53841 -0.00357 -0.00648 -0.00836 259 LYS A NZ  
524 N N   . ARG A 67 ? 0.14311 0.21545 0.11875 -0.00641 -0.00590 -0.00184 260 ARG A N   
525 C CA  . ARG A 67 ? 0.11536 0.19243 0.09468 -0.00492 -0.00614 -0.00530 260 ARG A CA  
526 C C   . ARG A 67 ? 0.13091 0.19443 0.11134 -0.00432 -0.00506 -0.00219 260 ARG A C   
527 O O   . ARG A 67 ? 0.13985 0.19221 0.11832 -0.00530 -0.00422 0.00267  260 ARG A O   
528 C CB  . ARG A 67 ? 0.14087 0.23611 0.12060 -0.00806 -0.00710 -0.00429 260 ARG A CB  
529 C CG  . ARG A 67 ? 0.21030 0.30605 0.18784 -0.01287 -0.00737 0.00465  260 ARG A CG  
530 C CD  . ARG A 67 ? 0.19199 0.30724 0.17024 -0.01649 -0.00865 0.00639  260 ARG A CD  
531 N NE  . ARG A 67 ? 0.19639 0.31644 0.17800 -0.01482 -0.00846 0.00281  260 ARG A NE  
532 C CZ  . ARG A 67 ? 0.18790 0.29985 0.17092 -0.01517 -0.00806 0.00661  260 ARG A CZ  
533 N NH1 . ARG A 67 ? 0.17231 0.27123 0.15412 -0.01686 -0.00801 0.01365  260 ARG A NH1 
534 N NH2 . ARG A 67 ? 0.19939 0.31633 0.18549 -0.01359 -0.00789 0.00283  260 ARG A NH2 
535 N N   . ALA A 68 ? 0.12844 0.19398 0.11241 -0.00262 -0.00522 -0.00557 261 ALA A N   
536 C CA  . ALA A 68 ? 0.11715 0.17130 0.10255 -0.00186 -0.00423 -0.00342 261 ALA A CA  
537 C C   . ALA A 68 ? 0.11717 0.18003 0.10538 -0.00250 -0.00459 -0.00413 261 ALA A C   
538 O O   . ALA A 68 ? 0.15459 0.23171 0.14460 -0.00239 -0.00568 -0.00851 261 ALA A O   
539 C CB  . ALA A 68 ? 0.15399 0.19726 0.14128 0.00150  -0.00412 -0.00710 261 ALA A CB  
540 N N   . GLN A 69 ? 0.10691 0.16229 0.09567 -0.00310 -0.00372 -0.00021 262 GLN A N   
541 C CA  . GLN A 69 ? 0.12041 0.18287 0.11184 -0.00370 -0.00395 -0.00042 262 GLN A CA  
542 C C   . GLN A 69 ? 0.12788 0.17824 0.12058 -0.00276 -0.00284 0.00168  262 GLN A C   
543 O O   . GLN A 69 ? 0.14039 0.17905 0.13139 -0.00265 -0.00192 0.00491  262 GLN A O   
544 C CB  . GLN A 69 ? 0.14632 0.22027 0.13653 -0.00756 -0.00476 0.00463  262 GLN A CB  
545 C CG  . GLN A 69 ? 0.14671 0.21180 0.13492 -0.00988 -0.00474 0.01218  262 GLN A CG  
546 C CD  . GLN A 69 ? 0.15565 0.23225 0.14348 -0.01425 -0.00648 0.01802  262 GLN A CD  
547 O OE1 . GLN A 69 ? 0.17736 0.26757 0.16406 -0.01621 -0.00746 0.01739  262 GLN A OE1 
548 N NE2 . GLN A 69 ? 0.14983 0.22179 0.13903 -0.01595 -0.00719 0.02389  262 GLN A NE2 
549 N N   . TYR A 70 ? 0.10541 0.15961 0.10126 -0.00212 -0.00294 -0.00046 263 TYR A N   
550 C CA  . TYR A 70 ? 0.13276 0.17674 0.12997 -0.00131 -0.00189 0.00126  263 TYR A CA  
551 C C   . TYR A 70 ? 0.14697 0.18848 0.14314 -0.00338 -0.00147 0.00765  263 TYR A C   
552 O O   . TYR A 70 ? 0.15478 0.18608 0.15115 -0.00269 -0.00048 0.00969  263 TYR A O   
553 C CB  . TYR A 70 ? 0.14601 0.19492 0.14726 -0.00009 -0.00234 -0.00307 263 TYR A CB  
554 C CG  . TYR A 70 ? 0.12339 0.17127 0.12748 0.00251  -0.00344 -0.00965 263 TYR A CG  
555 C CD1 . TYR A 70 ? 0.11833 0.15343 0.12279 0.00398  -0.00326 -0.00977 263 TYR A CD1 
556 C CD2 . TYR A 70 ? 0.17651 0.23694 0.18354 0.00339  -0.00507 -0.01579 263 TYR A CD2 
557 C CE1 . TYR A 70 ? 0.14671 0.18010 0.15481 0.00616  -0.00509 -0.01511 263 TYR A CE1 
558 C CE2 . TYR A 70 ? 0.16721 0.22611 0.17821 0.00613  -0.00687 -0.02234 263 TYR A CE2 
559 C CZ  . TYR A 70 ? 0.13975 0.18432 0.15145 0.00743  -0.00708 -0.02157 263 TYR A CZ  
560 O OH  . TYR A 70 ? 0.22892 0.27088 0.24554 0.00996  -0.00965 -0.02735 263 TYR A OH  
561 N N   . ARG A 71 ? 0.17563 0.22749 0.17127 -0.00602 -0.00260 0.01072  264 ARG A N   
562 C CA  . ARG A 71 ? 0.17054 0.22152 0.16657 -0.00827 -0.00325 0.01712  264 ARG A CA  
563 C C   . ARG A 71 ? 0.16340 0.20669 0.15754 -0.00940 -0.00381 0.02148  264 ARG A C   
564 O O   . ARG A 71 ? 0.17687 0.22314 0.16879 -0.01037 -0.00435 0.02142  264 ARG A O   
565 C CB  . ARG A 71 ? 0.15130 0.21810 0.14826 -0.01120 -0.00481 0.01928  264 ARG A CB  
566 C CG  . ARG A 71 ? 0.26799 0.33503 0.26631 -0.01395 -0.00638 0.02666  264 ARG A CG  
567 C CD  . ARG A 71 ? 0.24733 0.33237 0.24643 -0.01748 -0.00815 0.02931  264 ARG A CD  
568 N NE  . ARG A 71 ? 0.36902 0.46593 0.36595 -0.01873 -0.00852 0.02683  264 ARG A NE  
569 C CZ  . ARG A 71 ? 0.45976 0.56003 0.45486 -0.02179 -0.01010 0.03139  264 ARG A CZ  
570 N NH1 . ARG A 71 ? 0.48628 0.57800 0.48201 -0.02389 -0.01183 0.03868  264 ARG A NH1 
571 N NH2 . ARG A 71 ? 0.47675 0.58918 0.46992 -0.02272 -0.01025 0.02836  264 ARG A NH2 
572 N N   . HIS A 72 ? 0.14201 0.17597 0.13747 -0.00918 -0.00390 0.02483  265 HIS A N   
573 C CA  . HIS A 72 ? 0.15132 0.17839 0.14637 -0.01026 -0.00512 0.02879  265 HIS A CA  
574 C C   . HIS A 72 ? 0.17067 0.20743 0.16541 -0.01411 -0.00767 0.03343  265 HIS A C   
575 O O   . HIS A 72 ? 0.18887 0.23610 0.18505 -0.01634 -0.00898 0.03596  265 HIS A O   
576 C CB  . HIS A 72 ? 0.15463 0.17347 0.15281 -0.00947 -0.00565 0.03124  265 HIS A CB  
577 C CG  . HIS A 72 ? 0.14708 0.15710 0.14607 -0.00959 -0.00703 0.03359  265 HIS A CG  
578 N ND1 . HIS A 72 ? 0.14500 0.15711 0.14517 -0.01262 -0.01017 0.03869  265 HIS A ND1 
579 C CD2 . HIS A 72 ? 0.19013 0.18998 0.18961 -0.00716 -0.00603 0.03142  265 HIS A CD2 
580 C CE1 . HIS A 72 ? 0.15883 0.16132 0.16054 -0.01176 -0.01121 0.03910  265 HIS A CE1 
581 N NE2 . HIS A 72 ? 0.18867 0.18425 0.18989 -0.00833 -0.00858 0.03440  265 HIS A NE2 
582 N N   . PRO A 73 ? 0.14273 0.17713 0.13556 -0.01524 -0.00848 0.03475  266 PRO A N   
583 C CA  . PRO A 73 ? 0.16064 0.20554 0.15296 -0.01947 -0.01103 0.03946  266 PRO A CA  
584 C C   . PRO A 73 ? 0.21724 0.26503 0.21329 -0.02271 -0.01422 0.04661  266 PRO A C   
585 O O   . PRO A 73 ? 0.25389 0.31508 0.25001 -0.02659 -0.01617 0.05059  266 PRO A O   
586 C CB  . PRO A 73 ? 0.14329 0.18092 0.13382 -0.01976 -0.01151 0.04011  266 PRO A CB  
587 C CG  . PRO A 73 ? 0.14605 0.16879 0.13724 -0.01598 -0.00979 0.03703  266 PRO A CG  
588 C CD  . PRO A 73 ? 0.14577 0.16883 0.13690 -0.01305 -0.00722 0.03231  266 PRO A CD  
589 N N   . CYS A 74 ? 0.19732 0.23385 0.19679 -0.02118 -0.01496 0.04813  267 CYS A N   
590 C CA  . CYS A 74 ? 0.22209 0.25953 0.22621 -0.02405 -0.01883 0.05524  267 CYS A CA  
591 C C   . CYS A 74 ? 0.24075 0.28318 0.24711 -0.02354 -0.01847 0.05549  267 CYS A C   
592 O O   . CYS A 74 ? 0.25049 0.29533 0.26094 -0.02607 -0.02183 0.06168  267 CYS A O   
593 C CB  . CYS A 74 ? 0.19354 0.21631 0.20147 -0.02271 -0.02087 0.05669  267 CYS A CB  
594 S SG  . CYS A 74 ? 0.28203 0.29947 0.28803 -0.02384 -0.02191 0.05699  267 CYS A SG  
595 N N   . ALA A 75 ? 0.23041 0.27437 0.23459 -0.02045 -0.01479 0.04907  268 ALA A N   
596 C CA  . ALA A 75 ? 0.27453 0.32376 0.28073 -0.01993 -0.01425 0.04870  268 ALA A CA  
597 C C   . ALA A 75 ? 0.33825 0.40486 0.34451 -0.02399 -0.01599 0.05247  268 ALA A C   
598 O O   . ALA A 75 ? 0.31009 0.38680 0.31350 -0.02597 -0.01594 0.05183  268 ALA A O   
599 C CB  . ALA A 75 ? 0.22743 0.27437 0.23172 -0.01602 -0.01036 0.04097  268 ALA A CB  
600 N N   . PRO A 76 ? 0.34706 0.41836 0.35667 -0.02530 -0.01760 0.05629  269 PRO A N   
601 C CA  . PRO A 76 ? 0.39617 0.48612 0.40586 -0.02912 -0.01892 0.05938  269 PRO A CA  
602 C C   . PRO A 76 ? 0.42204 0.52326 0.42829 -0.02787 -0.01589 0.05181  269 PRO A C   
603 O O   . PRO A 76 ? 0.40766 0.50230 0.41316 -0.02366 -0.01288 0.04457  269 PRO A O   
604 C CB  . PRO A 76 ? 0.31725 0.40701 0.33076 -0.02862 -0.01962 0.06149  269 PRO A CB  
605 C CG  . PRO A 76 ? 0.31283 0.38490 0.32960 -0.02651 -0.02096 0.06355  269 PRO A CG  
606 C CD  . PRO A 76 ? 0.35651 0.41695 0.37026 -0.02328 -0.01840 0.05782  269 PRO A CD  
607 N N   A SER A 77 ? 0.40091 0.51954 0.40564 -0.03157 -0.01706 0.05342  270 SER A N   
608 N N   B SER A 77 ? 0.41534 0.53399 0.42005 -0.03154 -0.01702 0.05332  270 SER A N   
609 C CA  A SER A 77 ? 0.43559 0.56682 0.43802 -0.03024 -0.01482 0.04543  270 SER A CA  
610 C CA  B SER A 77 ? 0.43288 0.56356 0.43528 -0.03004 -0.01471 0.04514  270 SER A CA  
611 C C   A SER A 77 ? 0.45497 0.59664 0.45931 -0.02929 -0.01382 0.04163  270 SER A C   
612 C C   B SER A 77 ? 0.44815 0.58942 0.45242 -0.02909 -0.01371 0.04127  270 SER A C   
613 O O   A SER A 77 ? 0.46463 0.62576 0.46868 -0.03098 -0.01398 0.03898  270 SER A O   
614 O O   B SER A 77 ? 0.46409 0.62450 0.46802 -0.03058 -0.01376 0.03819  270 SER A O   
615 C CB  A SER A 77 ? 0.49175 0.64027 0.49212 -0.03457 -0.01650 0.04792  270 SER A CB  
616 C CB  B SER A 77 ? 0.47226 0.61993 0.47251 -0.03418 -0.01627 0.04725  270 SER A CB  
617 O OG  A SER A 77 ? 0.48133 0.62035 0.47995 -0.03543 -0.01738 0.05092  270 SER A OG  
618 O OG  B SER A 77 ? 0.46963 0.62557 0.46806 -0.03164 -0.01416 0.03792  270 SER A OG  
619 N N   . VAL A 78 ? 0.39195 0.52156 0.39844 -0.02661 -0.01288 0.04111  271 VAL A N   
620 C CA  . VAL A 78 ? 0.28281 0.41933 0.29131 -0.02510 -0.01169 0.03682  271 VAL A CA  
621 C C   . VAL A 78 ? 0.22566 0.34463 0.23474 -0.02018 -0.00922 0.03125  271 VAL A C   
622 O O   . VAL A 78 ? 0.25777 0.36078 0.26612 -0.01876 -0.00890 0.03291  271 VAL A O   
623 C CB  . VAL A 78 ? 0.26339 0.40617 0.27461 -0.02818 -0.01380 0.04429  271 VAL A CB  
624 C CG1 . VAL A 78 ? 0.35508 0.51684 0.36591 -0.03389 -0.01667 0.05094  271 VAL A CG1 
625 C CG2 . VAL A 78 ? 0.26475 0.38910 0.27791 -0.02736 -0.01488 0.04993  271 VAL A CG2 
626 N N   . PRO A 79 ? 0.29732 0.41993 0.30799 -0.01780 -0.00768 0.02463  272 PRO A N   
627 C CA  . PRO A 79 ? 0.22809 0.33482 0.23964 -0.01388 -0.00573 0.02045  272 PRO A CA  
628 C C   . PRO A 79 ? 0.17735 0.27157 0.19001 -0.01373 -0.00590 0.02621  272 PRO A C   
629 O O   . PRO A 79 ? 0.19527 0.29483 0.20954 -0.01613 -0.00761 0.03215  272 PRO A O   
630 C CB  . PRO A 79 ? 0.27682 0.39255 0.29093 -0.01251 -0.00501 0.01402  272 PRO A CB  
631 C CG  . PRO A 79 ? 0.33367 0.46927 0.34760 -0.01444 -0.00609 0.01140  272 PRO A CG  
632 C CD  . PRO A 79 ? 0.38123 0.52315 0.39322 -0.01860 -0.00785 0.02003  272 PRO A CD  
633 N N   . PRO A 80 ? 0.16800 0.24645 0.18020 -0.01095 -0.00443 0.02440  273 PRO A N   
634 C CA  . PRO A 80 ? 0.13017 0.19670 0.14368 -0.01014 -0.00454 0.02832  273 PRO A CA  
635 C C   . PRO A 80 ? 0.16134 0.22883 0.17764 -0.00923 -0.00391 0.02766  273 PRO A C   
636 O O   . PRO A 80 ? 0.17866 0.25306 0.19563 -0.00870 -0.00295 0.02311  273 PRO A O   
637 C CB  . PRO A 80 ? 0.15404 0.20729 0.16575 -0.00756 -0.00281 0.02502  273 PRO A CB  
638 C CG  . PRO A 80 ? 0.11575 0.17258 0.12677 -0.00631 -0.00154 0.01862  273 PRO A CG  
639 C CD  . PRO A 80 ? 0.15853 0.23068 0.16939 -0.00839 -0.00282 0.01811  273 PRO A CD  
640 N N   . PRO A 81 ? 0.14121 0.20208 0.15967 -0.00892 -0.00470 0.03174  274 PRO A N   
641 C CA  . PRO A 81 ? 0.12656 0.18953 0.14791 -0.00836 -0.00447 0.03197  274 PRO A CA  
642 C C   . PRO A 81 ? 0.12799 0.18291 0.14963 -0.00551 -0.00194 0.02714  274 PRO A C   
643 O O   . PRO A 81 ? 0.15304 0.19730 0.17372 -0.00380 -0.00091 0.02599  274 PRO A O   
644 C CB  . PRO A 81 ? 0.14315 0.20193 0.16735 -0.00904 -0.00705 0.03834  274 PRO A CB  
645 C CG  . PRO A 81 ? 0.20234 0.25051 0.22527 -0.00818 -0.00737 0.03876  274 PRO A CG  
646 C CD  . PRO A 81 ? 0.20164 0.25381 0.22068 -0.00916 -0.00645 0.03633  274 PRO A CD  
647 N N   . TYR A 82 ? 0.14114 0.20208 0.16433 -0.00532 -0.00111 0.02457  275 TYR A N   
648 C CA  . TYR A 82 ? 0.11925 0.17377 0.14334 -0.00332 0.00084  0.02111  275 TYR A CA  
649 C C   . TYR A 82 ? 0.14196 0.19237 0.16845 -0.00249 0.00054  0.02417  275 TYR A C   
650 O O   . TYR A 82 ? 0.14975 0.20655 0.17855 -0.00348 -0.00092 0.02734  275 TYR A O   
651 C CB  . TYR A 82 ? 0.15691 0.21904 0.18240 -0.00343 0.00153  0.01674  275 TYR A CB  
652 C CG  . TYR A 82 ? 0.13059 0.18617 0.15741 -0.00200 0.00312  0.01435  275 TYR A CG  
653 C CD1 . TYR A 82 ? 0.14365 0.19079 0.16932 -0.00101 0.00420  0.01165  275 TYR A CD1 
654 C CD2 . TYR A 82 ? 0.10085 0.15910 0.13011 -0.00191 0.00334  0.01542  275 TYR A CD2 
655 C CE1 . TYR A 82 ? 0.11518 0.15741 0.14206 -0.00038 0.00540  0.01039  275 TYR A CE1 
656 C CE2 . TYR A 82 ? 0.11808 0.17119 0.14844 -0.00095 0.00475  0.01361  275 TYR A CE2 
657 C CZ  . TYR A 82 ? 0.12123 0.16672 0.15038 -0.00039 0.00575  0.01126  275 TYR A CZ  
658 O OH  . TYR A 82 ? 0.13164 0.17343 0.16194 -0.00013 0.00692  0.01019  275 TYR A OH  
659 N N   . VAL A 83 ? 0.13138 0.17209 0.15760 -0.00067 0.00174  0.02305  276 VAL A N   
660 C CA  . VAL A 83 ? 0.13757 0.17506 0.16654 0.00073  0.00172  0.02416  276 VAL A CA  
661 C C   . VAL A 83 ? 0.11200 0.14525 0.14047 0.00201  0.00419  0.02039  276 VAL A C   
662 O O   . VAL A 83 ? 0.16444 0.19244 0.19053 0.00234  0.00536  0.01845  276 VAL A O   
663 C CB  . VAL A 83 ? 0.20052 0.23174 0.23079 0.00167  -0.00008 0.02697  276 VAL A CB  
664 C CG1 . VAL A 83 ? 0.19044 0.22001 0.22478 0.00347  -0.00071 0.02741  276 VAL A CG1 
665 C CG2 . VAL A 83 ? 0.21174 0.24665 0.24258 -0.00036 -0.00305 0.03166  276 VAL A CG2 
666 N N   . ALA A 84 ? 0.12395 0.16034 0.15474 0.00236  0.00479  0.01977  277 ALA A N   
667 C CA  . ALA A 84 ? 0.12857 0.16236 0.15940 0.00305  0.00680  0.01710  277 ALA A CA  
668 C C   . ALA A 84 ? 0.11416 0.14429 0.14648 0.00494  0.00698  0.01735  277 ALA A C   
669 O O   . ALA A 84 ? 0.15845 0.18922 0.19354 0.00596  0.00520  0.01934  277 ALA A O   
670 C CB  . ALA A 84 ? 0.16777 0.20753 0.20052 0.00230  0.00730  0.01598  277 ALA A CB  
671 N N   . PRO A 85 ? 0.12761 0.15487 0.15875 0.00533  0.00879  0.01520  278 PRO A N   
672 C CA  . PRO A 85 ? 0.12893 0.15568 0.16203 0.00724  0.00919  0.01415  278 PRO A CA  
673 C C   . PRO A 85 ? 0.10925 0.14140 0.14557 0.00768  0.00930  0.01394  278 PRO A C   
674 O O   . PRO A 85 ? 0.14886 0.18479 0.18532 0.00617  0.00952  0.01439  278 PRO A O   
675 C CB  . PRO A 85 ? 0.16244 0.18746 0.19289 0.00658  0.01123  0.01229  278 PRO A CB  
676 C CG  . PRO A 85 ? 0.15795 0.18298 0.18648 0.00422  0.01170  0.01255  278 PRO A CG  
677 C CD  . PRO A 85 ? 0.11489 0.14007 0.14327 0.00390  0.01013  0.01374  278 PRO A CD  
678 N N   . PRO A 86 ? 0.11073 0.14381 0.15012 0.00994  0.00890  0.01280  279 PRO A N   
679 C CA  . PRO A 86 ? 0.13054 0.16914 0.17319 0.01059  0.00899  0.01231  279 PRO A CA  
680 C C   . PRO A 86 ? 0.15943 0.20189 0.20033 0.00843  0.01133  0.01131  279 PRO A C   
681 O O   . PRO A 86 ? 0.11358 0.15477 0.15181 0.00719  0.01290  0.01033  279 PRO A O   
682 C CB  . PRO A 86 ? 0.11258 0.15147 0.15852 0.01363  0.00848  0.00972  279 PRO A CB  
683 C CG  . PRO A 86 ? 0.13311 0.16578 0.17894 0.01479  0.00677  0.00997  279 PRO A CG  
684 C CD  . PRO A 86 ? 0.11298 0.14261 0.15349 0.01222  0.00819  0.01117  279 PRO A CD  
685 N N   . SER A 87 ? 0.12586 0.17309 0.16854 0.00770  0.01124  0.01191  280 SER A N   
686 C CA  . SER A 87 ? 0.14805 0.19885 0.18999 0.00546  0.01292  0.01107  280 SER A CA  
687 C C   . SER A 87 ? 0.12296 0.17666 0.16513 0.00562  0.01456  0.00934  280 SER A C   
688 O O   . SER A 87 ? 0.13266 0.18816 0.17690 0.00815  0.01436  0.00790  280 SER A O   
689 C CB  . SER A 87 ? 0.21705 0.27333 0.26146 0.00498  0.01238  0.01166  280 SER A CB  
690 O OG  . SER A 87 ? 0.31502 0.37111 0.35900 0.00428  0.01098  0.01309  280 SER A OG  
691 N N   . TYR A 88 ? 0.14368 0.19854 0.18429 0.00276  0.01581  0.00941  281 TYR A N   
692 C CA  . TYR A 88 ? 0.14783 0.20749 0.18836 0.00190  0.01733  0.00851  281 TYR A CA  
693 C C   . TYR A 88 ? 0.17779 0.24480 0.22156 0.00340  0.01768  0.00710  281 TYR A C   
694 O O   . TYR A 88 ? 0.21781 0.28734 0.26335 0.00281  0.01732  0.00765  281 TYR A O   
695 C CB  . TYR A 88 ? 0.11892 0.17869 0.15813 -0.00222 0.01776  0.01004  281 TYR A CB  
696 C CG  . TYR A 88 ? 0.11155 0.17769 0.15037 -0.00417 0.01914  0.01020  281 TYR A CG  
697 C CD1 . TYR A 88 ? 0.15604 0.22201 0.19248 -0.00473 0.01978  0.01044  281 TYR A CD1 
698 C CD2 . TYR A 88 ? 0.12683 0.20039 0.16762 -0.00579 0.01975  0.01029  281 TYR A CD2 
699 C CE1 . TYR A 88 ? 0.11469 0.18892 0.15073 -0.00701 0.02099  0.01087  281 TYR A CE1 
700 C CE2 . TYR A 88 ? 0.15212 0.23349 0.19254 -0.00803 0.02093  0.01075  281 TYR A CE2 
701 C CZ  . TYR A 88 ? 0.11482 0.19705 0.15284 -0.00875 0.02154  0.01113  281 TYR A CZ  
702 O OH  . TYR A 88 ? 0.11654 0.20887 0.15413 -0.01149 0.02268  0.01186  281 TYR A OH  
703 N N   . GLU A 89 ? 0.17738 0.24839 0.22219 0.00557  0.01825  0.00481  282 GLU A N   
704 C CA  . GLU A 89 ? 0.34065 0.41958 0.38901 0.00757  0.01848  0.00252  282 GLU A CA  
705 C C   . GLU A 89 ? 0.42028 0.50888 0.46832 0.00561  0.02041  0.00127  282 GLU A C   
706 O O   . GLU A 89 ? 0.52723 0.62271 0.57748 0.00539  0.02081  0.00066  282 GLU A O   
707 C CB  . GLU A 89 ? 0.42237 0.50025 0.47395 0.01227  0.01694  -0.00028 282 GLU A CB  
708 C CG  . GLU A 89 ? 0.57549 0.64863 0.63005 0.01446  0.01438  0.00120  282 GLU A CG  
709 C CD  . GLU A 89 ? 0.70212 0.76922 0.75867 0.01763  0.01207  0.00033  282 GLU A CD  
710 O OE1 . GLU A 89 ? 0.72197 0.79016 0.77893 0.01933  0.01242  -0.00302 282 GLU A OE1 
711 O OE2 . GLU A 89 ? 0.75221 0.81426 0.81024 0.01823  0.00970  0.00303  282 GLU A OE2 
712 N N   . GLY A 90 ? 0.46677 0.55730 0.51214 0.00387  0.02154  0.00115  283 GLY A N   
713 C CA  . GLY A 90 ? 0.55290 0.63590 0.59508 0.00310  0.02129  0.00249  283 GLY A CA  
714 C C   . GLY A 90 ? 0.49706 0.57582 0.53978 0.00702  0.02042  -0.00011 283 GLY A C   
715 O O   . GLY A 90 ? 0.38177 0.46658 0.42544 0.00887  0.02097  -0.00359 283 GLY A O   
716 O OXT . GLY A 90 ? 0.44370 0.51350 0.48609 0.00820  0.01896  0.00112  283 GLY A OXT 
717 K K   . K   B .  ? 0.16390 0.17329 0.16455 0.00304  -0.00099 -0.00094 301 K   A K   
718 K K   . K   C .  ? 0.20805 0.20955 0.17947 0.00711  0.01220  -0.02644 302 K   A K   
719 K K   . K   D .  ? 0.26363 0.23009 0.25334 0.00166  -0.02551 0.00043  303 K   A K   
720 O O   . HOH E .  ? 0.46115 0.42997 0.46508 0.00364  -0.00218 0.01725  401 HOH A O   
721 O O   . HOH E .  ? 0.25046 0.30719 0.30243 0.01301  0.01010  0.00902  402 HOH A O   
722 O O   . HOH E .  ? 0.28659 0.25924 0.26623 0.00398  0.01038  0.00765  403 HOH A O   
723 O O   . HOH E .  ? 0.29753 0.28088 0.26115 -0.02245 -0.01246 0.02582  404 HOH A O   
724 O O   . HOH E .  ? 0.37491 0.33543 0.35781 -0.00542 -0.00620 0.01602  405 HOH A O   
725 O O   . HOH E .  ? 0.36757 0.33954 0.35733 0.00233  0.00360  0.01457  406 HOH A O   
726 O O   . HOH E .  ? 0.30387 0.28296 0.30828 -0.00259 -0.00672 0.02798  407 HOH A O   
727 O O   . HOH E .  ? 0.25127 0.23773 0.24957 -0.00043 0.00021  0.02176  408 HOH A O   
728 O O   . HOH E .  ? 0.23956 0.19843 0.24927 -0.00689 -0.01801 0.03061  409 HOH A O   
729 O O   . HOH E .  ? 0.42556 0.43205 0.37569 -0.00468 0.01521  0.01134  410 HOH A O   
730 O O   . HOH E .  ? 0.59706 0.60322 0.58816 0.01426  0.00958  -0.03877 411 HOH A O   
731 O O   . HOH E .  ? 0.29691 0.28512 0.28057 0.00997  0.00707  -0.02909 412 HOH A O   
732 O O   . HOH E .  ? 0.20612 0.31850 0.19906 -0.00328 -0.00796 -0.01702 413 HOH A O   
733 O O   . HOH E .  ? 0.17725 0.23929 0.21217 -0.00294 -0.00203 0.03075  414 HOH A O   
734 O O   . HOH E .  ? 0.31136 0.28224 0.28373 0.00169  0.00769  0.01216  415 HOH A O   
735 O O   . HOH E .  ? 0.19048 0.28829 0.16807 -0.02435 -0.01070 0.02647  416 HOH A O   
736 O O   . HOH E .  ? 0.30797 0.35383 0.34293 -0.00099 0.00793  0.00778  417 HOH A O   
737 O O   . HOH E .  ? 0.28080 0.37235 0.30052 -0.01671 -0.00981 0.04155  418 HOH A O   
738 O O   . HOH E .  ? 0.26962 0.23150 0.24744 -0.00820 -0.00707 0.01616  419 HOH A O   
739 O O   . HOH E .  ? 0.18976 0.23157 0.23006 0.00477  0.00173  0.02454  420 HOH A O   
740 O O   . HOH E .  ? 0.34459 0.42931 0.34465 -0.03619 -0.02262 0.06466  421 HOH A O   
741 O O   . HOH E .  ? 0.23457 0.21201 0.21386 -0.01024 0.00062  0.03421  422 HOH A O   
742 O O   . HOH E .  ? 0.34156 0.30712 0.32548 0.00628  -0.00787 0.00801  423 HOH A O   
743 O O   . HOH E .  ? 0.22645 0.27161 0.26760 0.00579  0.00645  0.01827  424 HOH A O   
744 O O   . HOH E .  ? 0.37743 0.44922 0.42706 0.00431  0.01493  0.00908  425 HOH A O   
745 O O   . HOH E .  ? 0.25104 0.29072 0.28619 0.00229  0.01166  0.01217  426 HOH A O   
746 O O   . HOH E .  ? 0.29730 0.24787 0.32004 0.01106  -0.01225 -0.00015 427 HOH A O   
747 O O   . HOH E .  ? 0.16822 0.17947 0.17393 0.00411  -0.00101 -0.00379 428 HOH A O   
748 O O   . HOH E .  ? 0.71164 0.67684 0.71856 0.00483  -0.01059 0.00452  429 HOH A O   
749 O O   . HOH E .  ? 0.16973 0.19585 0.21217 0.01044  0.00196  0.01978  430 HOH A O   
750 O O   . HOH E .  ? 0.24596 0.22794 0.21827 -0.00745 -0.00217 0.01960  431 HOH A O   
751 O O   . HOH E .  ? 0.18234 0.13074 0.17413 -0.00545 -0.01307 0.00760  432 HOH A O   
752 O O   . HOH E .  ? 0.28638 0.38223 0.25581 -0.03913 -0.01775 0.04592  433 HOH A O   
753 O O   . HOH E .  ? 0.46926 0.42932 0.51107 0.00356  -0.02462 -0.00287 434 HOH A O   
754 O O   . HOH E .  ? 0.22196 0.19711 0.17838 0.00063  0.00163  0.01695  435 HOH A O   
755 O O   . HOH E .  ? 0.44491 0.42728 0.39056 -0.00044 0.00832  0.01017  436 HOH A O   
756 O O   . HOH E .  ? 0.32800 0.30134 0.30550 0.00222  0.00701  0.01115  437 HOH A O   
757 O O   . HOH E .  ? 0.49342 0.50688 0.47434 0.01013  0.01506  -0.02695 438 HOH A O   
758 O O   . HOH E .  ? 0.31906 0.31122 0.26756 -0.00113 0.01367  0.00413  439 HOH A O   
759 O O   . HOH E .  ? 0.24006 0.19382 0.24846 0.00528  -0.00829 0.00853  440 HOH A O   
760 O O   . HOH E .  ? 0.18940 0.16326 0.17319 0.00011  0.00280  0.01565  441 HOH A O   
761 O O   . HOH E .  ? 0.26140 0.20864 0.26081 0.00154  -0.01144 -0.00349 442 HOH A O   
762 O O   . HOH E .  ? 0.27800 0.32742 0.31701 -0.00173 0.01440  0.01057  443 HOH A O   
763 O O   . HOH E .  ? 0.40015 0.38963 0.41604 -0.01143 -0.01882 0.04605  444 HOH A O   
764 O O   . HOH E .  ? 0.28024 0.22665 0.28834 0.00543  -0.01404 -0.01596 445 HOH A O   
765 O O   . HOH E .  ? 0.36609 0.33315 0.37656 0.01256  0.00042  -0.00213 446 HOH A O   
766 O O   . HOH E .  ? 0.35242 0.47752 0.32895 -0.00607 -0.00958 -0.01773 447 HOH A O   
767 O O   . HOH E .  ? 0.33940 0.32760 0.35417 0.02064  -0.00139 -0.04800 448 HOH A O   
768 O O   . HOH E .  ? 0.17540 0.22747 0.21134 0.00070  0.00197  0.02434  449 HOH A O   
769 O O   . HOH E .  ? 0.32766 0.32065 0.28122 -0.01748 -0.00605 0.01904  450 HOH A O   
770 O O   . HOH E .  ? 0.16851 0.25982 0.19345 -0.00970 -0.00340 0.02568  451 HOH A O   
771 O O   . HOH E .  ? 0.32228 0.38248 0.37215 0.00729  0.00658  0.01785  452 HOH A O   
772 O O   . HOH E .  ? 0.25402 0.22709 0.22922 -0.00247 0.00630  0.02010  453 HOH A O   
773 O O   . HOH E .  ? 0.21907 0.18161 0.18540 -0.01304 -0.00878 0.00512  454 HOH A O   
774 O O   . HOH E .  ? 0.32715 0.30361 0.33939 0.01801  -0.00178 -0.03500 455 HOH A O   
775 O O   . HOH E .  ? 0.50360 0.48162 0.45224 0.00098  0.00604  0.00780  456 HOH A O   
776 O O   . HOH E .  ? 0.28785 0.36973 0.26995 0.00559  -0.00983 -0.02638 457 HOH A O   
777 O O   . HOH E .  ? 0.35189 0.34262 0.30764 -0.00635 0.00036  0.01148  458 HOH A O   
778 O O   . HOH E .  ? 0.35459 0.31826 0.36202 0.00802  -0.00176 0.00831  459 HOH A O   
779 O O   . HOH E .  ? 0.23077 0.23710 0.18595 0.00000  0.01690  -0.00335 460 HOH A O   
780 O O   . HOH E .  ? 0.34482 0.31772 0.32568 0.00241  0.00597  0.01102  461 HOH A O   
781 O O   . HOH E .  ? 0.38173 0.33584 0.40524 -0.00582 -0.02447 0.03407  462 HOH A O   
782 O O   . HOH E .  ? 0.39657 0.44770 0.44691 0.01063  0.00621  0.01606  463 HOH A O   
783 O O   . HOH E .  ? 0.35772 0.37687 0.37825 -0.02019 -0.02417 0.06122  464 HOH A O   
784 O O   . HOH E .  ? 0.19278 0.28004 0.19032 -0.00791 -0.00483 0.00360  465 HOH A O   
785 O O   . HOH E .  ? 0.20841 0.29814 0.20848 -0.00211 -0.00572 -0.01152 466 HOH A O   
786 O O   . HOH E .  ? 0.33969 0.30791 0.31240 0.00670  -0.00855 0.01021  467 HOH A O   
787 O O   . HOH E .  ? 0.43985 0.57041 0.43172 -0.01504 -0.00817 0.00398  468 HOH A O   
788 O O   . HOH E .  ? 0.52767 0.52327 0.48802 -0.00771 -0.00097 0.01416  469 HOH A O   
789 O O   . HOH E .  ? 0.45443 0.42187 0.43760 -0.00307 0.00058  0.02251  470 HOH A O   
790 O O   . HOH E .  ? 0.51999 0.47491 0.49676 -0.01646 -0.01640 0.00519  471 HOH A O   
791 O O   . HOH E .  ? 0.47966 0.41724 0.49299 0.00058  -0.02183 -0.01163 472 HOH A O   
792 O O   . HOH E .  ? 0.35295 0.46852 0.34899 -0.00534 -0.00736 -0.01278 473 HOH A O   
793 O O   . HOH E .  ? 0.49186 0.56475 0.54205 0.00283  0.01173  0.01202  474 HOH A O   
794 O O   . HOH E .  ? 0.37525 0.30938 0.42813 0.01454  -0.03009 -0.00344 475 HOH A O   
795 O O   . HOH E .  ? 0.38434 0.36389 0.38063 -0.00010 -0.00024 0.02089  476 HOH A O   
796 O O   . HOH E .  ? 0.43305 0.38514 0.42712 -0.00307 -0.01027 0.01262  477 HOH A O   
797 O O   . HOH E .  ? 0.32248 0.39330 0.37636 0.00753  0.00860  0.01523  478 HOH A O   
798 O O   . HOH E .  ? 0.31003 0.34459 0.36019 0.01218  0.00031  0.02060  479 HOH A O   
799 O O   . HOH E .  ? 0.32199 0.35602 0.35398 -0.00022 0.01041  0.01048  480 HOH A O   
800 O O   . HOH E .  ? 0.40778 0.37608 0.39323 -0.01270 -0.01226 0.02760  481 HOH A O   
801 O O   . HOH E .  ? 0.23549 0.32173 0.27085 -0.00621 -0.00185 0.02812  482 HOH A O   
802 O O   . HOH E .  ? 0.36140 0.34225 0.33248 -0.02160 -0.01394 0.02965  483 HOH A O   
803 O O   . HOH E .  ? 0.41341 0.36295 0.40860 -0.00766 -0.01540 0.01621  484 HOH A O   
804 O O   . HOH E .  ? 0.51116 0.52082 0.45894 -0.00190 0.01664  -0.00117 485 HOH A O   
805 O O   . HOH E .  ? 0.46220 0.40772 0.46795 0.00286  -0.01295 -0.00055 486 HOH A O   
806 O O   . HOH E .  ? 0.54122 0.53886 0.49013 -0.02023 -0.00686 0.01856  487 HOH A O   
807 O O   . HOH E .  ? 0.21412 0.27801 0.25142 -0.00060 0.00407  0.01902  488 HOH A O   
808 O O   . HOH E .  ? 0.39199 0.40625 0.36856 0.00925  0.01437  -0.03063 489 HOH A O   
809 O O   . HOH E .  ? 0.35063 0.46129 0.38011 -0.01103 -0.00364 0.02472  490 HOH A O   
810 O O   . HOH E .  ? 0.38058 0.48307 0.39097 0.00235  -0.00778 -0.02591 491 HOH A O   
811 O O   . HOH E .  ? 0.36312 0.44671 0.40282 -0.00340 0.00135  0.02268  492 HOH A O   
# 
loop_
_pdbx_poly_seq_scheme.asym_id 
_pdbx_poly_seq_scheme.entity_id 
_pdbx_poly_seq_scheme.seq_id 
_pdbx_poly_seq_scheme.mon_id 
_pdbx_poly_seq_scheme.ndb_seq_num 
_pdbx_poly_seq_scheme.pdb_seq_num 
_pdbx_poly_seq_scheme.auth_seq_num 
_pdbx_poly_seq_scheme.pdb_mon_id 
_pdbx_poly_seq_scheme.auth_mon_id 
_pdbx_poly_seq_scheme.pdb_strand_id 
_pdbx_poly_seq_scheme.pdb_ins_code 
_pdbx_poly_seq_scheme.hetero 
A 1 1  GLY 1  194 ?   ?   ?   A . n 
A 1 2  PRO 2  195 ?   ?   ?   A . n 
A 1 3  GLY 3  196 ?   ?   ?   A . n 
A 1 4  SER 4  197 ?   ?   ?   A . n 
A 1 5  GLU 5  198 ?   ?   ?   A . n 
A 1 6  ASP 6  199 199 ASP ASP A . n 
A 1 7  LEU 7  200 200 LEU LEU A . n 
A 1 8  PRO 8  201 201 PRO PRO A . n 
A 1 9  LEU 9  202 202 LEU LEU A . n 
A 1 10 PRO 10 203 203 PRO PRO A . n 
A 1 11 PRO 11 204 204 PRO PRO A . n 
A 1 12 GLY 12 205 205 GLY GLY A . n 
A 1 13 TRP 13 206 206 TRP TRP A . n 
A 1 14 SER 14 207 207 SER SER A . n 
A 1 15 VAL 15 208 208 VAL VAL A . n 
A 1 16 ASP 16 209 209 ASP ASP A . n 
A 1 17 TRP 17 210 210 TRP TRP A . n 
A 1 18 THR 18 211 211 THR THR A . n 
A 1 19 MET 19 212 212 MET MET A . n 
A 1 20 ARG 20 213 213 ARG ARG A . n 
A 1 21 GLY 21 214 214 GLY GLY A . n 
A 1 22 ARG 22 215 215 ARG ARG A . n 
A 1 23 LYS 23 216 216 LYS LYS A . n 
A 1 24 TYR 24 217 217 TYR TYR A . n 
A 1 25 TYR 25 218 218 TYR TYR A . n 
A 1 26 ILE 26 219 219 ILE ILE A . n 
A 1 27 ASP 27 220 220 ASP ASP A . n 
A 1 28 HIS 28 221 221 HIS HIS A . n 
A 1 29 ASN 29 222 222 ASN ASN A . n 
A 1 30 THR 30 223 223 THR THR A . n 
A 1 31 ASN 31 224 224 ASN ASN A . n 
A 1 32 THR 32 225 225 THR THR A . n 
A 1 33 THR 33 226 226 THR THR A . n 
A 1 34 HIS 34 227 227 HIS HIS A . n 
A 1 35 TRP 35 228 228 TRP TRP A . n 
A 1 36 SER 36 229 229 SER SER A . n 
A 1 37 HIS 37 230 230 HIS HIS A . n 
A 1 38 PRO 38 231 231 PRO PRO A . n 
A 1 39 LEU 39 232 232 LEU LEU A . n 
A 1 40 GLU 40 233 233 GLU GLU A . n 
A 1 41 ARG 41 234 234 ARG ARG A . n 
A 1 42 GLU 42 235 235 GLU GLU A . n 
A 1 43 GLY 43 236 236 GLY GLY A . n 
A 1 44 LEU 44 237 237 LEU LEU A . n 
A 1 45 PRO 45 238 238 PRO PRO A . n 
A 1 46 PRO 46 239 239 PRO PRO A . n 
A 1 47 GLY 47 240 240 GLY GLY A . n 
A 1 48 TRP 48 241 241 TRP TRP A . n 
A 1 49 GLU 49 242 242 GLU GLU A . n 
A 1 50 ARG 50 243 243 ARG ARG A . n 
A 1 51 VAL 51 244 244 VAL VAL A . n 
A 1 52 GLU 52 245 245 GLU GLU A . n 
A 1 53 SER 53 246 246 SER SER A . n 
A 1 54 SER 54 247 247 SER SER A . n 
A 1 55 GLU 55 248 248 GLU GLU A . n 
A 1 56 PHE 56 249 249 PHE PHE A . n 
A 1 57 GLY 57 250 250 GLY GLY A . n 
A 1 58 THR 58 251 251 THR THR A . n 
A 1 59 TYR 59 252 252 TYR TYR A . n 
A 1 60 TYR 60 253 253 TYR TYR A . n 
A 1 61 VAL 61 254 254 VAL VAL A . n 
A 1 62 ASP 62 255 255 ASP ASP A . n 
A 1 63 HIS 63 256 256 HIS HIS A . n 
A 1 64 THR 64 257 257 THR THR A . n 
A 1 65 ASN 65 258 258 ASN ASN A . n 
A 1 66 LYS 66 259 259 LYS LYS A . n 
A 1 67 ARG 67 260 260 ARG ARG A . n 
A 1 68 ALA 68 261 261 ALA ALA A . n 
A 1 69 GLN 69 262 262 GLN GLN A . n 
A 1 70 TYR 70 263 263 TYR TYR A . n 
A 1 71 ARG 71 264 264 ARG ARG A . n 
A 1 72 HIS 72 265 265 HIS HIS A . n 
A 1 73 PRO 73 266 266 PRO PRO A . n 
A 1 74 CYS 74 267 267 CYS CYS A . n 
A 1 75 ALA 75 268 268 ALA ALA A . n 
A 1 76 PRO 76 269 269 PRO PRO A . n 
A 1 77 SER 77 270 270 SER SER A . n 
A 1 78 VAL 78 271 271 VAL VAL A . n 
A 1 79 PRO 79 272 272 PRO PRO A . n 
A 1 80 PRO 80 273 273 PRO PRO A . n 
A 1 81 PRO 81 274 274 PRO PRO A . n 
A 1 82 TYR 82 275 275 TYR TYR A . n 
A 1 83 VAL 83 276 276 VAL VAL A . n 
A 1 84 ALA 84 277 277 ALA ALA A . n 
A 1 85 PRO 85 278 278 PRO PRO A . n 
A 1 86 PRO 86 279 279 PRO PRO A . n 
A 1 87 SER 87 280 280 SER SER A . n 
A 1 88 TYR 88 281 281 TYR TYR A . n 
A 1 89 GLU 89 282 282 GLU GLU A . n 
A 1 90 GLY 90 283 283 GLY GLY A . n 
# 
loop_
_pdbx_nonpoly_scheme.asym_id 
_pdbx_nonpoly_scheme.entity_id 
_pdbx_nonpoly_scheme.mon_id 
_pdbx_nonpoly_scheme.ndb_seq_num 
_pdbx_nonpoly_scheme.pdb_seq_num 
_pdbx_nonpoly_scheme.auth_seq_num 
_pdbx_nonpoly_scheme.pdb_mon_id 
_pdbx_nonpoly_scheme.auth_mon_id 
_pdbx_nonpoly_scheme.pdb_strand_id 
_pdbx_nonpoly_scheme.pdb_ins_code 
B 2 K   1  301 1   K   K   A . 
C 2 K   1  302 2   K   K   A . 
D 2 K   1  303 3   K   K   A . 
E 3 HOH 1  401 103 HOH HOH A . 
E 3 HOH 2  402 61  HOH HOH A . 
E 3 HOH 3  403 34  HOH HOH A . 
E 3 HOH 4  404 35  HOH HOH A . 
E 3 HOH 5  405 75  HOH HOH A . 
E 3 HOH 6  406 55  HOH HOH A . 
E 3 HOH 7  407 43  HOH HOH A . 
E 3 HOH 8  408 11  HOH HOH A . 
E 3 HOH 9  409 13  HOH HOH A . 
E 3 HOH 10 410 40  HOH HOH A . 
E 3 HOH 11 411 113 HOH HOH A . 
E 3 HOH 12 412 44  HOH HOH A . 
E 3 HOH 13 413 26  HOH HOH A . 
E 3 HOH 14 414 17  HOH HOH A . 
E 3 HOH 15 415 27  HOH HOH A . 
E 3 HOH 16 416 6   HOH HOH A . 
E 3 HOH 17 417 60  HOH HOH A . 
E 3 HOH 18 418 33  HOH HOH A . 
E 3 HOH 19 419 7   HOH HOH A . 
E 3 HOH 20 420 22  HOH HOH A . 
E 3 HOH 21 421 51  HOH HOH A . 
E 3 HOH 22 422 19  HOH HOH A . 
E 3 HOH 23 423 29  HOH HOH A . 
E 3 HOH 24 424 30  HOH HOH A . 
E 3 HOH 25 425 48  HOH HOH A . 
E 3 HOH 26 426 39  HOH HOH A . 
E 3 HOH 27 427 42  HOH HOH A . 
E 3 HOH 28 428 4   HOH HOH A . 
E 3 HOH 29 429 112 HOH HOH A . 
E 3 HOH 30 430 21  HOH HOH A . 
E 3 HOH 31 431 25  HOH HOH A . 
E 3 HOH 32 432 5   HOH HOH A . 
E 3 HOH 33 433 56  HOH HOH A . 
E 3 HOH 34 434 100 HOH HOH A . 
E 3 HOH 35 435 8   HOH HOH A . 
E 3 HOH 36 436 106 HOH HOH A . 
E 3 HOH 37 437 69  HOH HOH A . 
E 3 HOH 38 438 118 HOH HOH A . 
E 3 HOH 39 439 38  HOH HOH A . 
E 3 HOH 40 440 32  HOH HOH A . 
E 3 HOH 41 441 10  HOH HOH A . 
E 3 HOH 42 442 24  HOH HOH A . 
E 3 HOH 43 443 41  HOH HOH A . 
E 3 HOH 44 444 47  HOH HOH A . 
E 3 HOH 45 445 20  HOH HOH A . 
E 3 HOH 46 446 90  HOH HOH A . 
E 3 HOH 47 447 83  HOH HOH A . 
E 3 HOH 48 448 58  HOH HOH A . 
E 3 HOH 49 449 14  HOH HOH A . 
E 3 HOH 50 450 36  HOH HOH A . 
E 3 HOH 51 451 12  HOH HOH A . 
E 3 HOH 52 452 37  HOH HOH A . 
E 3 HOH 53 453 9   HOH HOH A . 
E 3 HOH 54 454 18  HOH HOH A . 
E 3 HOH 55 455 78  HOH HOH A . 
E 3 HOH 56 456 70  HOH HOH A . 
E 3 HOH 57 457 49  HOH HOH A . 
E 3 HOH 58 458 45  HOH HOH A . 
E 3 HOH 59 459 46  HOH HOH A . 
E 3 HOH 60 460 16  HOH HOH A . 
E 3 HOH 61 461 79  HOH HOH A . 
E 3 HOH 62 462 93  HOH HOH A . 
E 3 HOH 63 463 74  HOH HOH A . 
E 3 HOH 64 464 65  HOH HOH A . 
E 3 HOH 65 465 28  HOH HOH A . 
E 3 HOH 66 466 15  HOH HOH A . 
E 3 HOH 67 467 126 HOH HOH A . 
E 3 HOH 68 468 110 HOH HOH A . 
E 3 HOH 69 469 84  HOH HOH A . 
E 3 HOH 70 470 111 HOH HOH A . 
E 3 HOH 71 471 82  HOH HOH A . 
E 3 HOH 72 472 85  HOH HOH A . 
E 3 HOH 73 473 80  HOH HOH A . 
E 3 HOH 74 474 71  HOH HOH A . 
E 3 HOH 75 475 77  HOH HOH A . 
E 3 HOH 76 476 54  HOH HOH A . 
E 3 HOH 77 477 52  HOH HOH A . 
E 3 HOH 78 478 64  HOH HOH A . 
E 3 HOH 79 479 98  HOH HOH A . 
E 3 HOH 80 480 66  HOH HOH A . 
E 3 HOH 81 481 109 HOH HOH A . 
E 3 HOH 82 482 76  HOH HOH A . 
E 3 HOH 83 483 59  HOH HOH A . 
E 3 HOH 84 484 57  HOH HOH A . 
E 3 HOH 85 485 81  HOH HOH A . 
E 3 HOH 86 486 125 HOH HOH A . 
E 3 HOH 87 487 95  HOH HOH A . 
E 3 HOH 88 488 23  HOH HOH A . 
E 3 HOH 89 489 101 HOH HOH A . 
E 3 HOH 90 490 86  HOH HOH A . 
E 3 HOH 91 491 97  HOH HOH A . 
E 3 HOH 92 492 123 HOH HOH A . 
# 
_pdbx_struct_assembly.id                   1 
_pdbx_struct_assembly.details              author_and_software_defined_assembly 
_pdbx_struct_assembly.method_details       PISA 
_pdbx_struct_assembly.oligomeric_details   dimeric 
_pdbx_struct_assembly.oligomeric_count     2 
# 
_pdbx_struct_assembly_gen.assembly_id       1 
_pdbx_struct_assembly_gen.oper_expression   1,2 
_pdbx_struct_assembly_gen.asym_id_list      A,B,C,D,E 
# 
loop_
_pdbx_struct_assembly_prop.biol_id 
_pdbx_struct_assembly_prop.type 
_pdbx_struct_assembly_prop.value 
_pdbx_struct_assembly_prop.details 
1 'ABSA (A^2)' 4230  ? 
1 MORE         -26   ? 
1 'SSA (A^2)'  10260 ? 
# 
loop_
_pdbx_struct_oper_list.id 
_pdbx_struct_oper_list.type 
_pdbx_struct_oper_list.name 
_pdbx_struct_oper_list.symmetry_operation 
_pdbx_struct_oper_list.matrix[1][1] 
_pdbx_struct_oper_list.matrix[1][2] 
_pdbx_struct_oper_list.matrix[1][3] 
_pdbx_struct_oper_list.vector[1] 
_pdbx_struct_oper_list.matrix[2][1] 
_pdbx_struct_oper_list.matrix[2][2] 
_pdbx_struct_oper_list.matrix[2][3] 
_pdbx_struct_oper_list.vector[2] 
_pdbx_struct_oper_list.matrix[3][1] 
_pdbx_struct_oper_list.matrix[3][2] 
_pdbx_struct_oper_list.matrix[3][3] 
_pdbx_struct_oper_list.vector[3] 
1 'identity operation'         1_555 x,y,z         1.0000000000  0.0000000000  0.0000000000  0.0000000000  0.0000000000  1.0000000000  0.0000000000 0.0000000000 0.0000000000  0.0000000000 1.0000000000 0.0000000000 
2 'crystal symmetry operation' 3_755 -x+2,y,-z+1/2 -0.7884811460 -0.1403030714 -0.5988426593 13.7901611041 -0.1403030714 -0.9069352379 0.3972197408 6.1582531716 -0.5988426593 0.3972197408 0.6954163838 3.4280410849 
# 
loop_
_pdbx_struct_special_symmetry.id 
_pdbx_struct_special_symmetry.PDB_model_num 
_pdbx_struct_special_symmetry.auth_asym_id 
_pdbx_struct_special_symmetry.auth_comp_id 
_pdbx_struct_special_symmetry.auth_seq_id 
_pdbx_struct_special_symmetry.PDB_ins_code 
_pdbx_struct_special_symmetry.label_asym_id 
_pdbx_struct_special_symmetry.label_comp_id 
_pdbx_struct_special_symmetry.label_seq_id 
1 1 A K 301 ? B K . 
2 1 A K 303 ? D K . 
# 
loop_
_pdbx_struct_conn_angle.id 
_pdbx_struct_conn_angle.ptnr1_label_atom_id 
_pdbx_struct_conn_angle.ptnr1_label_alt_id 
_pdbx_struct_conn_angle.ptnr1_label_asym_id 
_pdbx_struct_conn_angle.ptnr1_label_comp_id 
_pdbx_struct_conn_angle.ptnr1_label_seq_id 
_pdbx_struct_conn_angle.ptnr1_auth_atom_id 
_pdbx_struct_conn_angle.ptnr1_auth_asym_id 
_pdbx_struct_conn_angle.ptnr1_auth_comp_id 
_pdbx_struct_conn_angle.ptnr1_auth_seq_id 
_pdbx_struct_conn_angle.ptnr1_PDB_ins_code 
_pdbx_struct_conn_angle.ptnr1_symmetry 
_pdbx_struct_conn_angle.ptnr2_label_atom_id 
_pdbx_struct_conn_angle.ptnr2_label_alt_id 
_pdbx_struct_conn_angle.ptnr2_label_asym_id 
_pdbx_struct_conn_angle.ptnr2_label_comp_id 
_pdbx_struct_conn_angle.ptnr2_label_seq_id 
_pdbx_struct_conn_angle.ptnr2_auth_atom_id 
_pdbx_struct_conn_angle.ptnr2_auth_asym_id 
_pdbx_struct_conn_angle.ptnr2_auth_comp_id 
_pdbx_struct_conn_angle.ptnr2_auth_seq_id 
_pdbx_struct_conn_angle.ptnr2_PDB_ins_code 
_pdbx_struct_conn_angle.ptnr2_symmetry 
_pdbx_struct_conn_angle.ptnr3_label_atom_id 
_pdbx_struct_conn_angle.ptnr3_label_alt_id 
_pdbx_struct_conn_angle.ptnr3_label_asym_id 
_pdbx_struct_conn_angle.ptnr3_label_comp_id 
_pdbx_struct_conn_angle.ptnr3_label_seq_id 
_pdbx_struct_conn_angle.ptnr3_auth_atom_id 
_pdbx_struct_conn_angle.ptnr3_auth_asym_id 
_pdbx_struct_conn_angle.ptnr3_auth_comp_id 
_pdbx_struct_conn_angle.ptnr3_auth_seq_id 
_pdbx_struct_conn_angle.ptnr3_PDB_ins_code 
_pdbx_struct_conn_angle.ptnr3_symmetry 
_pdbx_struct_conn_angle.value 
_pdbx_struct_conn_angle.value_esd 
1  O   ? A TRP 13 ? A TRP 206 ? 1_555 K ? C K . ? A K 302 ? 1_555 O   ? A HIS 28 ? A HIS 221 ? 1_555 47.7  ? 
2  O   ? A TRP 13 ? A TRP 206 ? 1_555 K ? C K . ? A K 302 ? 1_555 OD1 ? A ASN 31 ? A ASN 224 ? 1_555 40.7  ? 
3  O   ? A HIS 28 ? A HIS 221 ? 1_555 K ? C K . ? A K 302 ? 1_555 OD1 ? A ASN 31 ? A ASN 224 ? 1_555 11.3  ? 
4  O   ? A TRP 13 ? A TRP 206 ? 1_555 K ? C K . ? A K 302 ? 1_555 OH  ? A TYR 88 ? A TYR 281 ? 1_555 78.3  ? 
5  O   ? A HIS 28 ? A HIS 221 ? 1_555 K ? C K . ? A K 302 ? 1_555 OH  ? A TYR 88 ? A TYR 281 ? 1_555 119.0 ? 
6  OD1 ? A ASN 31 ? A ASN 224 ? 1_555 K ? C K . ? A K 302 ? 1_555 OH  ? A TYR 88 ? A TYR 281 ? 1_555 117.0 ? 
7  O   ? A TRP 13 ? A TRP 206 ? 1_555 K ? C K . ? A K 302 ? 1_555 O   ? E HOH .  ? A HOH 412 ? 1_555 78.6  ? 
8  O   ? A HIS 28 ? A HIS 221 ? 1_555 K ? C K . ? A K 302 ? 1_555 O   ? E HOH .  ? A HOH 412 ? 1_555 80.4  ? 
9  OD1 ? A ASN 31 ? A ASN 224 ? 1_555 K ? C K . ? A K 302 ? 1_555 O   ? E HOH .  ? A HOH 412 ? 1_555 87.9  ? 
10 OH  ? A TYR 88 ? A TYR 281 ? 1_555 K ? C K . ? A K 302 ? 1_555 O   ? E HOH .  ? A HOH 412 ? 1_555 60.3  ? 
11 O   ? A TRP 13 ? A TRP 206 ? 1_555 K ? C K . ? A K 302 ? 1_555 O   ? E HOH .  ? A HOH 489 ? 1_555 113.3 ? 
12 O   ? A HIS 28 ? A HIS 221 ? 1_555 K ? C K . ? A K 302 ? 1_555 O   ? E HOH .  ? A HOH 489 ? 1_555 149.6 ? 
13 OD1 ? A ASN 31 ? A ASN 224 ? 1_555 K ? C K . ? A K 302 ? 1_555 O   ? E HOH .  ? A HOH 489 ? 1_555 151.3 ? 
14 OH  ? A TYR 88 ? A TYR 281 ? 1_555 K ? C K . ? A K 302 ? 1_555 O   ? E HOH .  ? A HOH 489 ? 1_555 35.1  ? 
15 O   ? E HOH .  ? A HOH 412 ? 1_555 K ? C K . ? A K 302 ? 1_555 O   ? E HOH .  ? A HOH 489 ? 1_555 71.6  ? 
16 OD1 ? A ASN 29 ? A ASN 222 ? 1_555 K ? D K . ? A K 303 ? 1_555 OD1 ? A ASN 29 ? A ASN 222 ? 1_555 0.0   ? 
17 OD1 ? A ASN 29 ? A ASN 222 ? 1_555 K ? D K . ? A K 303 ? 1_555 O   ? E HOH .  ? A HOH 472 ? 1_555 80.7  ? 
18 OD1 ? A ASN 29 ? A ASN 222 ? 1_555 K ? D K . ? A K 303 ? 1_555 O   ? E HOH .  ? A HOH 472 ? 1_555 80.7  ? 
19 OD1 ? A ASN 29 ? A ASN 222 ? 1_555 K ? D K . ? A K 303 ? 1_555 O   ? E HOH .  ? A HOH 472 ? 4_555 145.0 ? 
20 OD1 ? A ASN 29 ? A ASN 222 ? 1_555 K ? D K . ? A K 303 ? 1_555 O   ? E HOH .  ? A HOH 472 ? 4_555 145.0 ? 
21 O   ? E HOH .  ? A HOH 472 ? 1_555 K ? D K . ? A K 303 ? 1_555 O   ? E HOH .  ? A HOH 472 ? 4_555 123.4 ? 
22 O   ? A THR 58 ? A THR 251 ? 1_555 K ? B K . ? A K 301 ? 1_555 O   ? A THR 58 ? A THR 251 ? 1_555 0.0   ? 
23 O   ? A THR 58 ? A THR 251 ? 1_555 K ? B K . ? A K 301 ? 1_555 O   ? A TYR 70 ? A TYR 263 ? 1_555 97.5  ? 
24 O   ? A THR 58 ? A THR 251 ? 1_555 K ? B K . ? A K 301 ? 1_555 O   ? A TYR 70 ? A TYR 263 ? 1_555 97.5  ? 
25 O   ? A THR 58 ? A THR 251 ? 1_555 K ? B K . ? A K 301 ? 1_555 O   ? A TYR 70 ? A TYR 263 ? 1_555 97.5  ? 
26 O   ? A THR 58 ? A THR 251 ? 1_555 K ? B K . ? A K 301 ? 1_555 O   ? A TYR 70 ? A TYR 263 ? 1_555 97.5  ? 
27 O   ? A TYR 70 ? A TYR 263 ? 1_555 K ? B K . ? A K 301 ? 1_555 O   ? A TYR 70 ? A TYR 263 ? 1_555 0.0   ? 
# 
loop_
_pdbx_audit_revision_history.ordinal 
_pdbx_audit_revision_history.data_content_type 
_pdbx_audit_revision_history.major_revision 
_pdbx_audit_revision_history.minor_revision 
_pdbx_audit_revision_history.revision_date 
1 'Structure model' 1 0 2020-09-23 
2 'Structure model' 1 1 2023-11-29 
# 
_pdbx_audit_revision_details.ordinal             1 
_pdbx_audit_revision_details.revision_ordinal    1 
_pdbx_audit_revision_details.data_content_type   'Structure model' 
_pdbx_audit_revision_details.provider            repository 
_pdbx_audit_revision_details.type                'Initial release' 
_pdbx_audit_revision_details.description         ? 
_pdbx_audit_revision_details.details             ? 
# 
loop_
_pdbx_audit_revision_group.ordinal 
_pdbx_audit_revision_group.revision_ordinal 
_pdbx_audit_revision_group.data_content_type 
_pdbx_audit_revision_group.group 
1 2 'Structure model' 'Data collection'        
2 2 'Structure model' 'Database references'    
3 2 'Structure model' 'Refinement description' 
# 
loop_
_pdbx_audit_revision_category.ordinal 
_pdbx_audit_revision_category.revision_ordinal 
_pdbx_audit_revision_category.data_content_type 
_pdbx_audit_revision_category.category 
1 2 'Structure model' chem_comp_atom                
2 2 'Structure model' chem_comp_bond                
3 2 'Structure model' database_2                    
4 2 'Structure model' pdbx_initial_refinement_model 
# 
loop_
_pdbx_audit_revision_item.ordinal 
_pdbx_audit_revision_item.revision_ordinal 
_pdbx_audit_revision_item.data_content_type 
_pdbx_audit_revision_item.item 
1 2 'Structure model' '_database_2.pdbx_DOI'                
2 2 'Structure model' '_database_2.pdbx_database_accession' 
# 
loop_
_space_group_symop.id 
_space_group_symop.operation_xyz 
1 x,y,z               
2 x,-y,-z             
3 -x,y,-z+1/2         
4 -x,-y,z+1/2         
5 x+1/2,y+1/2,z       
6 x+1/2,-y+1/2,-z     
7 -x+1/2,y+1/2,-z+1/2 
8 -x+1/2,-y+1/2,z+1/2 
# 
_pdbx_refine_tls.id               1 
_pdbx_refine_tls.pdbx_refine_id   'X-RAY DIFFRACTION' 
_pdbx_refine_tls.details          ? 
_pdbx_refine_tls.method           refined 
_pdbx_refine_tls.origin_x         0.0031268706 
_pdbx_refine_tls.origin_y         -0.0164145524 
_pdbx_refine_tls.origin_z         -0.1735693893 
_pdbx_refine_tls.T[1][1]          0.119308030575 
_pdbx_refine_tls.T[1][1]_esd      ? 
_pdbx_refine_tls.T[1][2]          0.000639579804 
_pdbx_refine_tls.T[1][2]_esd      ? 
_pdbx_refine_tls.T[1][3]          0.004294291846 
_pdbx_refine_tls.T[1][3]_esd      ? 
_pdbx_refine_tls.T[2][2]          0.097454926255 
_pdbx_refine_tls.T[2][2]_esd      ? 
_pdbx_refine_tls.T[2][3]          0.014348982065 
_pdbx_refine_tls.T[2][3]_esd      ? 
_pdbx_refine_tls.T[3][3]          0.102053311280 
_pdbx_refine_tls.T[3][3]_esd      ? 
_pdbx_refine_tls.L[1][1]          1.094775285298 
_pdbx_refine_tls.L[1][1]_esd      ? 
_pdbx_refine_tls.L[1][2]          0.148492604023 
_pdbx_refine_tls.L[1][2]_esd      ? 
_pdbx_refine_tls.L[1][3]          0.454186040284 
_pdbx_refine_tls.L[1][3]_esd      ? 
_pdbx_refine_tls.L[2][2]          0.019363804269 
_pdbx_refine_tls.L[2][2]_esd      ? 
_pdbx_refine_tls.L[2][3]          0.088279569040 
_pdbx_refine_tls.L[2][3]_esd      ? 
_pdbx_refine_tls.L[3][3]          0.41000043476 
_pdbx_refine_tls.L[3][3]_esd      ? 
_pdbx_refine_tls.S[1][1]          0.022696279415 
_pdbx_refine_tls.S[1][1]_esd      ? 
_pdbx_refine_tls.S[1][2]          -0.065061182574 
_pdbx_refine_tls.S[1][2]_esd      ? 
_pdbx_refine_tls.S[1][3]          -0.052505876944 
_pdbx_refine_tls.S[1][3]_esd      ? 
_pdbx_refine_tls.S[2][1]          -0.027187925955 
_pdbx_refine_tls.S[2][1]_esd      ? 
_pdbx_refine_tls.S[2][2]          -0.013857111105 
_pdbx_refine_tls.S[2][2]_esd      ? 
_pdbx_refine_tls.S[2][3]          -0.051649551408 
_pdbx_refine_tls.S[2][3]_esd      ? 
_pdbx_refine_tls.S[3][1]          0.029286148035 
_pdbx_refine_tls.S[3][1]_esd      ? 
_pdbx_refine_tls.S[3][2]          -0.024824574842 
_pdbx_refine_tls.S[3][2]_esd      ? 
_pdbx_refine_tls.S[3][3]          -0.013739628637 
_pdbx_refine_tls.S[3][3]_esd      ? 
# 
_pdbx_refine_tls_group.id                  1 
_pdbx_refine_tls_group.pdbx_refine_id      'X-RAY DIFFRACTION' 
_pdbx_refine_tls_group.refine_tls_id       1 
_pdbx_refine_tls_group.beg_label_asym_id   ? 
_pdbx_refine_tls_group.beg_label_seq_id    ? 
_pdbx_refine_tls_group.beg_auth_asym_id    ? 
_pdbx_refine_tls_group.beg_auth_seq_id     ? 
_pdbx_refine_tls_group.end_label_asym_id   ? 
_pdbx_refine_tls_group.end_label_seq_id    ? 
_pdbx_refine_tls_group.end_auth_asym_id    ? 
_pdbx_refine_tls_group.end_auth_seq_id     ? 
_pdbx_refine_tls_group.selection           ? 
_pdbx_refine_tls_group.selection_details   all 
# 
loop_
_software.citation_id 
_software.classification 
_software.compiler_name 
_software.compiler_version 
_software.contact_author 
_software.contact_author_email 
_software.date 
_software.description 
_software.dependencies 
_software.hardware 
_software.language 
_software.location 
_software.mods 
_software.name 
_software.os 
_software.os_version 
_software.type 
_software.version 
_software.pdbx_ordinal 
? refinement       ? ? ? ? ? ? ? ? ? ? ? PHENIX   ? ? ? 1.9_1692+SVN 1 
? 'data reduction' ? ? ? ? ? ? ? ? ? ? ? HKL-3000 ? ? ? .            2 
? 'data scaling'   ? ? ? ? ? ? ? ? ? ? ? HKL-3000 ? ? ? .            3 
? phasing          ? ? ? ? ? ? ? ? ? ? ? PHASER   ? ? ? .            4 
# 
_pdbx_entry_details.entry_id                 7BQG 
_pdbx_entry_details.has_ligand_of_interest   Y 
_pdbx_entry_details.compound_details         ? 
_pdbx_entry_details.source_details           ? 
_pdbx_entry_details.nonpolymer_details       ? 
_pdbx_entry_details.sequence_details         ? 
# 
loop_
_pdbx_validate_torsion.id 
_pdbx_validate_torsion.PDB_model_num 
_pdbx_validate_torsion.auth_comp_id 
_pdbx_validate_torsion.auth_asym_id 
_pdbx_validate_torsion.auth_seq_id 
_pdbx_validate_torsion.PDB_ins_code 
_pdbx_validate_torsion.label_alt_id 
_pdbx_validate_torsion.phi 
_pdbx_validate_torsion.psi 
1 1 SER A 270 ? A -76.96 44.99 
2 1 SER A 270 ? B -78.28 44.00 
# 
_pdbx_distant_solvent_atoms.id                                1 
_pdbx_distant_solvent_atoms.PDB_model_num                     1 
_pdbx_distant_solvent_atoms.auth_atom_id                      O 
_pdbx_distant_solvent_atoms.label_alt_id                      ? 
_pdbx_distant_solvent_atoms.auth_asym_id                      A 
_pdbx_distant_solvent_atoms.auth_comp_id                      HOH 
_pdbx_distant_solvent_atoms.auth_seq_id                       492 
_pdbx_distant_solvent_atoms.PDB_ins_code                      ? 
_pdbx_distant_solvent_atoms.neighbor_macromolecule_distance   6.51 
_pdbx_distant_solvent_atoms.neighbor_ligand_distance          . 
# 
loop_
_pdbx_unobs_or_zero_occ_atoms.id 
_pdbx_unobs_or_zero_occ_atoms.PDB_model_num 
_pdbx_unobs_or_zero_occ_atoms.polymer_flag 
_pdbx_unobs_or_zero_occ_atoms.occupancy_flag 
_pdbx_unobs_or_zero_occ_atoms.auth_asym_id 
_pdbx_unobs_or_zero_occ_atoms.auth_comp_id 
_pdbx_unobs_or_zero_occ_atoms.auth_seq_id 
_pdbx_unobs_or_zero_occ_atoms.PDB_ins_code 
_pdbx_unobs_or_zero_occ_atoms.auth_atom_id 
_pdbx_unobs_or_zero_occ_atoms.label_alt_id 
_pdbx_unobs_or_zero_occ_atoms.label_asym_id 
_pdbx_unobs_or_zero_occ_atoms.label_comp_id 
_pdbx_unobs_or_zero_occ_atoms.label_seq_id 
_pdbx_unobs_or_zero_occ_atoms.label_atom_id 
1 1 Y 1 A ASP 199 ? CG  ? A ASP 6  CG  
2 1 Y 1 A ASP 199 ? OD1 ? A ASP 6  OD1 
3 1 Y 1 A ASP 199 ? OD2 ? A ASP 6  OD2 
4 1 Y 1 A MET 212 ? CG  ? A MET 19 CG  
5 1 Y 1 A MET 212 ? SD  ? A MET 19 SD  
6 1 Y 1 A MET 212 ? CE  ? A MET 19 CE  
# 
loop_
_pdbx_unobs_or_zero_occ_residues.id 
_pdbx_unobs_or_zero_occ_residues.PDB_model_num 
_pdbx_unobs_or_zero_occ_residues.polymer_flag 
_pdbx_unobs_or_zero_occ_residues.occupancy_flag 
_pdbx_unobs_or_zero_occ_residues.auth_asym_id 
_pdbx_unobs_or_zero_occ_residues.auth_comp_id 
_pdbx_unobs_or_zero_occ_residues.auth_seq_id 
_pdbx_unobs_or_zero_occ_residues.PDB_ins_code 
_pdbx_unobs_or_zero_occ_residues.label_asym_id 
_pdbx_unobs_or_zero_occ_residues.label_comp_id 
_pdbx_unobs_or_zero_occ_residues.label_seq_id 
1 1 Y 1 A GLY 194 ? A GLY 1 
2 1 Y 1 A PRO 195 ? A PRO 2 
3 1 Y 1 A GLY 196 ? A GLY 3 
4 1 Y 1 A SER 197 ? A SER 4 
5 1 Y 1 A GLU 198 ? A GLU 5 
# 
loop_
_chem_comp_atom.comp_id 
_chem_comp_atom.atom_id 
_chem_comp_atom.type_symbol 
_chem_comp_atom.pdbx_aromatic_flag 
_chem_comp_atom.pdbx_stereo_config 
_chem_comp_atom.pdbx_ordinal 
ALA N    N N N 1   
ALA CA   C N S 2   
ALA C    C N N 3   
ALA O    O N N 4   
ALA CB   C N N 5   
ALA OXT  O N N 6   
ALA H    H N N 7   
ALA H2   H N N 8   
ALA HA   H N N 9   
ALA HB1  H N N 10  
ALA HB2  H N N 11  
ALA HB3  H N N 12  
ALA HXT  H N N 13  
ARG N    N N N 14  
ARG CA   C N S 15  
ARG C    C N N 16  
ARG O    O N N 17  
ARG CB   C N N 18  
ARG CG   C N N 19  
ARG CD   C N N 20  
ARG NE   N N N 21  
ARG CZ   C N N 22  
ARG NH1  N N N 23  
ARG NH2  N N N 24  
ARG OXT  O N N 25  
ARG H    H N N 26  
ARG H2   H N N 27  
ARG HA   H N N 28  
ARG HB2  H N N 29  
ARG HB3  H N N 30  
ARG HG2  H N N 31  
ARG HG3  H N N 32  
ARG HD2  H N N 33  
ARG HD3  H N N 34  
ARG HE   H N N 35  
ARG HH11 H N N 36  
ARG HH12 H N N 37  
ARG HH21 H N N 38  
ARG HH22 H N N 39  
ARG HXT  H N N 40  
ASN N    N N N 41  
ASN CA   C N S 42  
ASN C    C N N 43  
ASN O    O N N 44  
ASN CB   C N N 45  
ASN CG   C N N 46  
ASN OD1  O N N 47  
ASN ND2  N N N 48  
ASN OXT  O N N 49  
ASN H    H N N 50  
ASN H2   H N N 51  
ASN HA   H N N 52  
ASN HB2  H N N 53  
ASN HB3  H N N 54  
ASN HD21 H N N 55  
ASN HD22 H N N 56  
ASN HXT  H N N 57  
ASP N    N N N 58  
ASP CA   C N S 59  
ASP C    C N N 60  
ASP O    O N N 61  
ASP CB   C N N 62  
ASP CG   C N N 63  
ASP OD1  O N N 64  
ASP OD2  O N N 65  
ASP OXT  O N N 66  
ASP H    H N N 67  
ASP H2   H N N 68  
ASP HA   H N N 69  
ASP HB2  H N N 70  
ASP HB3  H N N 71  
ASP HD2  H N N 72  
ASP HXT  H N N 73  
CYS N    N N N 74  
CYS CA   C N R 75  
CYS C    C N N 76  
CYS O    O N N 77  
CYS CB   C N N 78  
CYS SG   S N N 79  
CYS OXT  O N N 80  
CYS H    H N N 81  
CYS H2   H N N 82  
CYS HA   H N N 83  
CYS HB2  H N N 84  
CYS HB3  H N N 85  
CYS HG   H N N 86  
CYS HXT  H N N 87  
GLN N    N N N 88  
GLN CA   C N S 89  
GLN C    C N N 90  
GLN O    O N N 91  
GLN CB   C N N 92  
GLN CG   C N N 93  
GLN CD   C N N 94  
GLN OE1  O N N 95  
GLN NE2  N N N 96  
GLN OXT  O N N 97  
GLN H    H N N 98  
GLN H2   H N N 99  
GLN HA   H N N 100 
GLN HB2  H N N 101 
GLN HB3  H N N 102 
GLN HG2  H N N 103 
GLN HG3  H N N 104 
GLN HE21 H N N 105 
GLN HE22 H N N 106 
GLN HXT  H N N 107 
GLU N    N N N 108 
GLU CA   C N S 109 
GLU C    C N N 110 
GLU O    O N N 111 
GLU CB   C N N 112 
GLU CG   C N N 113 
GLU CD   C N N 114 
GLU OE1  O N N 115 
GLU OE2  O N N 116 
GLU OXT  O N N 117 
GLU H    H N N 118 
GLU H2   H N N 119 
GLU HA   H N N 120 
GLU HB2  H N N 121 
GLU HB3  H N N 122 
GLU HG2  H N N 123 
GLU HG3  H N N 124 
GLU HE2  H N N 125 
GLU HXT  H N N 126 
GLY N    N N N 127 
GLY CA   C N N 128 
GLY C    C N N 129 
GLY O    O N N 130 
GLY OXT  O N N 131 
GLY H    H N N 132 
GLY H2   H N N 133 
GLY HA2  H N N 134 
GLY HA3  H N N 135 
GLY HXT  H N N 136 
HIS N    N N N 137 
HIS CA   C N S 138 
HIS C    C N N 139 
HIS O    O N N 140 
HIS CB   C N N 141 
HIS CG   C Y N 142 
HIS ND1  N Y N 143 
HIS CD2  C Y N 144 
HIS CE1  C Y N 145 
HIS NE2  N Y N 146 
HIS OXT  O N N 147 
HIS H    H N N 148 
HIS H2   H N N 149 
HIS HA   H N N 150 
HIS HB2  H N N 151 
HIS HB3  H N N 152 
HIS HD1  H N N 153 
HIS HD2  H N N 154 
HIS HE1  H N N 155 
HIS HE2  H N N 156 
HIS HXT  H N N 157 
HOH O    O N N 158 
HOH H1   H N N 159 
HOH H2   H N N 160 
ILE N    N N N 161 
ILE CA   C N S 162 
ILE C    C N N 163 
ILE O    O N N 164 
ILE CB   C N S 165 
ILE CG1  C N N 166 
ILE CG2  C N N 167 
ILE CD1  C N N 168 
ILE OXT  O N N 169 
ILE H    H N N 170 
ILE H2   H N N 171 
ILE HA   H N N 172 
ILE HB   H N N 173 
ILE HG12 H N N 174 
ILE HG13 H N N 175 
ILE HG21 H N N 176 
ILE HG22 H N N 177 
ILE HG23 H N N 178 
ILE HD11 H N N 179 
ILE HD12 H N N 180 
ILE HD13 H N N 181 
ILE HXT  H N N 182 
K   K    K N N 183 
LEU N    N N N 184 
LEU CA   C N S 185 
LEU C    C N N 186 
LEU O    O N N 187 
LEU CB   C N N 188 
LEU CG   C N N 189 
LEU CD1  C N N 190 
LEU CD2  C N N 191 
LEU OXT  O N N 192 
LEU H    H N N 193 
LEU H2   H N N 194 
LEU HA   H N N 195 
LEU HB2  H N N 196 
LEU HB3  H N N 197 
LEU HG   H N N 198 
LEU HD11 H N N 199 
LEU HD12 H N N 200 
LEU HD13 H N N 201 
LEU HD21 H N N 202 
LEU HD22 H N N 203 
LEU HD23 H N N 204 
LEU HXT  H N N 205 
LYS N    N N N 206 
LYS CA   C N S 207 
LYS C    C N N 208 
LYS O    O N N 209 
LYS CB   C N N 210 
LYS CG   C N N 211 
LYS CD   C N N 212 
LYS CE   C N N 213 
LYS NZ   N N N 214 
LYS OXT  O N N 215 
LYS H    H N N 216 
LYS H2   H N N 217 
LYS HA   H N N 218 
LYS HB2  H N N 219 
LYS HB3  H N N 220 
LYS HG2  H N N 221 
LYS HG3  H N N 222 
LYS HD2  H N N 223 
LYS HD3  H N N 224 
LYS HE2  H N N 225 
LYS HE3  H N N 226 
LYS HZ1  H N N 227 
LYS HZ2  H N N 228 
LYS HZ3  H N N 229 
LYS HXT  H N N 230 
MET N    N N N 231 
MET CA   C N S 232 
MET C    C N N 233 
MET O    O N N 234 
MET CB   C N N 235 
MET CG   C N N 236 
MET SD   S N N 237 
MET CE   C N N 238 
MET OXT  O N N 239 
MET H    H N N 240 
MET H2   H N N 241 
MET HA   H N N 242 
MET HB2  H N N 243 
MET HB3  H N N 244 
MET HG2  H N N 245 
MET HG3  H N N 246 
MET HE1  H N N 247 
MET HE2  H N N 248 
MET HE3  H N N 249 
MET HXT  H N N 250 
PHE N    N N N 251 
PHE CA   C N S 252 
PHE C    C N N 253 
PHE O    O N N 254 
PHE CB   C N N 255 
PHE CG   C Y N 256 
PHE CD1  C Y N 257 
PHE CD2  C Y N 258 
PHE CE1  C Y N 259 
PHE CE2  C Y N 260 
PHE CZ   C Y N 261 
PHE OXT  O N N 262 
PHE H    H N N 263 
PHE H2   H N N 264 
PHE HA   H N N 265 
PHE HB2  H N N 266 
PHE HB3  H N N 267 
PHE HD1  H N N 268 
PHE HD2  H N N 269 
PHE HE1  H N N 270 
PHE HE2  H N N 271 
PHE HZ   H N N 272 
PHE HXT  H N N 273 
PRO N    N N N 274 
PRO CA   C N S 275 
PRO C    C N N 276 
PRO O    O N N 277 
PRO CB   C N N 278 
PRO CG   C N N 279 
PRO CD   C N N 280 
PRO OXT  O N N 281 
PRO H    H N N 282 
PRO HA   H N N 283 
PRO HB2  H N N 284 
PRO HB3  H N N 285 
PRO HG2  H N N 286 
PRO HG3  H N N 287 
PRO HD2  H N N 288 
PRO HD3  H N N 289 
PRO HXT  H N N 290 
SER N    N N N 291 
SER CA   C N S 292 
SER C    C N N 293 
SER O    O N N 294 
SER CB   C N N 295 
SER OG   O N N 296 
SER OXT  O N N 297 
SER H    H N N 298 
SER H2   H N N 299 
SER HA   H N N 300 
SER HB2  H N N 301 
SER HB3  H N N 302 
SER HG   H N N 303 
SER HXT  H N N 304 
THR N    N N N 305 
THR CA   C N S 306 
THR C    C N N 307 
THR O    O N N 308 
THR CB   C N R 309 
THR OG1  O N N 310 
THR CG2  C N N 311 
THR OXT  O N N 312 
THR H    H N N 313 
THR H2   H N N 314 
THR HA   H N N 315 
THR HB   H N N 316 
THR HG1  H N N 317 
THR HG21 H N N 318 
THR HG22 H N N 319 
THR HG23 H N N 320 
THR HXT  H N N 321 
TRP N    N N N 322 
TRP CA   C N S 323 
TRP C    C N N 324 
TRP O    O N N 325 
TRP CB   C N N 326 
TRP CG   C Y N 327 
TRP CD1  C Y N 328 
TRP CD2  C Y N 329 
TRP NE1  N Y N 330 
TRP CE2  C Y N 331 
TRP CE3  C Y N 332 
TRP CZ2  C Y N 333 
TRP CZ3  C Y N 334 
TRP CH2  C Y N 335 
TRP OXT  O N N 336 
TRP H    H N N 337 
TRP H2   H N N 338 
TRP HA   H N N 339 
TRP HB2  H N N 340 
TRP HB3  H N N 341 
TRP HD1  H N N 342 
TRP HE1  H N N 343 
TRP HE3  H N N 344 
TRP HZ2  H N N 345 
TRP HZ3  H N N 346 
TRP HH2  H N N 347 
TRP HXT  H N N 348 
TYR N    N N N 349 
TYR CA   C N S 350 
TYR C    C N N 351 
TYR O    O N N 352 
TYR CB   C N N 353 
TYR CG   C Y N 354 
TYR CD1  C Y N 355 
TYR CD2  C Y N 356 
TYR CE1  C Y N 357 
TYR CE2  C Y N 358 
TYR CZ   C Y N 359 
TYR OH   O N N 360 
TYR OXT  O N N 361 
TYR H    H N N 362 
TYR H2   H N N 363 
TYR HA   H N N 364 
TYR HB2  H N N 365 
TYR HB3  H N N 366 
TYR HD1  H N N 367 
TYR HD2  H N N 368 
TYR HE1  H N N 369 
TYR HE2  H N N 370 
TYR HH   H N N 371 
TYR HXT  H N N 372 
VAL N    N N N 373 
VAL CA   C N S 374 
VAL C    C N N 375 
VAL O    O N N 376 
VAL CB   C N N 377 
VAL CG1  C N N 378 
VAL CG2  C N N 379 
VAL OXT  O N N 380 
VAL H    H N N 381 
VAL H2   H N N 382 
VAL HA   H N N 383 
VAL HB   H N N 384 
VAL HG11 H N N 385 
VAL HG12 H N N 386 
VAL HG13 H N N 387 
VAL HG21 H N N 388 
VAL HG22 H N N 389 
VAL HG23 H N N 390 
VAL HXT  H N N 391 
# 
loop_
_chem_comp_bond.comp_id 
_chem_comp_bond.atom_id_1 
_chem_comp_bond.atom_id_2 
_chem_comp_bond.value_order 
_chem_comp_bond.pdbx_aromatic_flag 
_chem_comp_bond.pdbx_stereo_config 
_chem_comp_bond.pdbx_ordinal 
ALA N   CA   sing N N 1   
ALA N   H    sing N N 2   
ALA N   H2   sing N N 3   
ALA CA  C    sing N N 4   
ALA CA  CB   sing N N 5   
ALA CA  HA   sing N N 6   
ALA C   O    doub N N 7   
ALA C   OXT  sing N N 8   
ALA CB  HB1  sing N N 9   
ALA CB  HB2  sing N N 10  
ALA CB  HB3  sing N N 11  
ALA OXT HXT  sing N N 12  
ARG N   CA   sing N N 13  
ARG N   H    sing N N 14  
ARG N   H2   sing N N 15  
ARG CA  C    sing N N 16  
ARG CA  CB   sing N N 17  
ARG CA  HA   sing N N 18  
ARG C   O    doub N N 19  
ARG C   OXT  sing N N 20  
ARG CB  CG   sing N N 21  
ARG CB  HB2  sing N N 22  
ARG CB  HB3  sing N N 23  
ARG CG  CD   sing N N 24  
ARG CG  HG2  sing N N 25  
ARG CG  HG3  sing N N 26  
ARG CD  NE   sing N N 27  
ARG CD  HD2  sing N N 28  
ARG CD  HD3  sing N N 29  
ARG NE  CZ   sing N N 30  
ARG NE  HE   sing N N 31  
ARG CZ  NH1  sing N N 32  
ARG CZ  NH2  doub N N 33  
ARG NH1 HH11 sing N N 34  
ARG NH1 HH12 sing N N 35  
ARG NH2 HH21 sing N N 36  
ARG NH2 HH22 sing N N 37  
ARG OXT HXT  sing N N 38  
ASN N   CA   sing N N 39  
ASN N   H    sing N N 40  
ASN N   H2   sing N N 41  
ASN CA  C    sing N N 42  
ASN CA  CB   sing N N 43  
ASN CA  HA   sing N N 44  
ASN C   O    doub N N 45  
ASN C   OXT  sing N N 46  
ASN CB  CG   sing N N 47  
ASN CB  HB2  sing N N 48  
ASN CB  HB3  sing N N 49  
ASN CG  OD1  doub N N 50  
ASN CG  ND2  sing N N 51  
ASN ND2 HD21 sing N N 52  
ASN ND2 HD22 sing N N 53  
ASN OXT HXT  sing N N 54  
ASP N   CA   sing N N 55  
ASP N   H    sing N N 56  
ASP N   H2   sing N N 57  
ASP CA  C    sing N N 58  
ASP CA  CB   sing N N 59  
ASP CA  HA   sing N N 60  
ASP C   O    doub N N 61  
ASP C   OXT  sing N N 62  
ASP CB  CG   sing N N 63  
ASP CB  HB2  sing N N 64  
ASP CB  HB3  sing N N 65  
ASP CG  OD1  doub N N 66  
ASP CG  OD2  sing N N 67  
ASP OD2 HD2  sing N N 68  
ASP OXT HXT  sing N N 69  
CYS N   CA   sing N N 70  
CYS N   H    sing N N 71  
CYS N   H2   sing N N 72  
CYS CA  C    sing N N 73  
CYS CA  CB   sing N N 74  
CYS CA  HA   sing N N 75  
CYS C   O    doub N N 76  
CYS C   OXT  sing N N 77  
CYS CB  SG   sing N N 78  
CYS CB  HB2  sing N N 79  
CYS CB  HB3  sing N N 80  
CYS SG  HG   sing N N 81  
CYS OXT HXT  sing N N 82  
GLN N   CA   sing N N 83  
GLN N   H    sing N N 84  
GLN N   H2   sing N N 85  
GLN CA  C    sing N N 86  
GLN CA  CB   sing N N 87  
GLN CA  HA   sing N N 88  
GLN C   O    doub N N 89  
GLN C   OXT  sing N N 90  
GLN CB  CG   sing N N 91  
GLN CB  HB2  sing N N 92  
GLN CB  HB3  sing N N 93  
GLN CG  CD   sing N N 94  
GLN CG  HG2  sing N N 95  
GLN CG  HG3  sing N N 96  
GLN CD  OE1  doub N N 97  
GLN CD  NE2  sing N N 98  
GLN NE2 HE21 sing N N 99  
GLN NE2 HE22 sing N N 100 
GLN OXT HXT  sing N N 101 
GLU N   CA   sing N N 102 
GLU N   H    sing N N 103 
GLU N   H2   sing N N 104 
GLU CA  C    sing N N 105 
GLU CA  CB   sing N N 106 
GLU CA  HA   sing N N 107 
GLU C   O    doub N N 108 
GLU C   OXT  sing N N 109 
GLU CB  CG   sing N N 110 
GLU CB  HB2  sing N N 111 
GLU CB  HB3  sing N N 112 
GLU CG  CD   sing N N 113 
GLU CG  HG2  sing N N 114 
GLU CG  HG3  sing N N 115 
GLU CD  OE1  doub N N 116 
GLU CD  OE2  sing N N 117 
GLU OE2 HE2  sing N N 118 
GLU OXT HXT  sing N N 119 
GLY N   CA   sing N N 120 
GLY N   H    sing N N 121 
GLY N   H2   sing N N 122 
GLY CA  C    sing N N 123 
GLY CA  HA2  sing N N 124 
GLY CA  HA3  sing N N 125 
GLY C   O    doub N N 126 
GLY C   OXT  sing N N 127 
GLY OXT HXT  sing N N 128 
HIS N   CA   sing N N 129 
HIS N   H    sing N N 130 
HIS N   H2   sing N N 131 
HIS CA  C    sing N N 132 
HIS CA  CB   sing N N 133 
HIS CA  HA   sing N N 134 
HIS C   O    doub N N 135 
HIS C   OXT  sing N N 136 
HIS CB  CG   sing N N 137 
HIS CB  HB2  sing N N 138 
HIS CB  HB3  sing N N 139 
HIS CG  ND1  sing Y N 140 
HIS CG  CD2  doub Y N 141 
HIS ND1 CE1  doub Y N 142 
HIS ND1 HD1  sing N N 143 
HIS CD2 NE2  sing Y N 144 
HIS CD2 HD2  sing N N 145 
HIS CE1 NE2  sing Y N 146 
HIS CE1 HE1  sing N N 147 
HIS NE2 HE2  sing N N 148 
HIS OXT HXT  sing N N 149 
HOH O   H1   sing N N 150 
HOH O   H2   sing N N 151 
ILE N   CA   sing N N 152 
ILE N   H    sing N N 153 
ILE N   H2   sing N N 154 
ILE CA  C    sing N N 155 
ILE CA  CB   sing N N 156 
ILE CA  HA   sing N N 157 
ILE C   O    doub N N 158 
ILE C   OXT  sing N N 159 
ILE CB  CG1  sing N N 160 
ILE CB  CG2  sing N N 161 
ILE CB  HB   sing N N 162 
ILE CG1 CD1  sing N N 163 
ILE CG1 HG12 sing N N 164 
ILE CG1 HG13 sing N N 165 
ILE CG2 HG21 sing N N 166 
ILE CG2 HG22 sing N N 167 
ILE CG2 HG23 sing N N 168 
ILE CD1 HD11 sing N N 169 
ILE CD1 HD12 sing N N 170 
ILE CD1 HD13 sing N N 171 
ILE OXT HXT  sing N N 172 
LEU N   CA   sing N N 173 
LEU N   H    sing N N 174 
LEU N   H2   sing N N 175 
LEU CA  C    sing N N 176 
LEU CA  CB   sing N N 177 
LEU CA  HA   sing N N 178 
LEU C   O    doub N N 179 
LEU C   OXT  sing N N 180 
LEU CB  CG   sing N N 181 
LEU CB  HB2  sing N N 182 
LEU CB  HB3  sing N N 183 
LEU CG  CD1  sing N N 184 
LEU CG  CD2  sing N N 185 
LEU CG  HG   sing N N 186 
LEU CD1 HD11 sing N N 187 
LEU CD1 HD12 sing N N 188 
LEU CD1 HD13 sing N N 189 
LEU CD2 HD21 sing N N 190 
LEU CD2 HD22 sing N N 191 
LEU CD2 HD23 sing N N 192 
LEU OXT HXT  sing N N 193 
LYS N   CA   sing N N 194 
LYS N   H    sing N N 195 
LYS N   H2   sing N N 196 
LYS CA  C    sing N N 197 
LYS CA  CB   sing N N 198 
LYS CA  HA   sing N N 199 
LYS C   O    doub N N 200 
LYS C   OXT  sing N N 201 
LYS CB  CG   sing N N 202 
LYS CB  HB2  sing N N 203 
LYS CB  HB3  sing N N 204 
LYS CG  CD   sing N N 205 
LYS CG  HG2  sing N N 206 
LYS CG  HG3  sing N N 207 
LYS CD  CE   sing N N 208 
LYS CD  HD2  sing N N 209 
LYS CD  HD3  sing N N 210 
LYS CE  NZ   sing N N 211 
LYS CE  HE2  sing N N 212 
LYS CE  HE3  sing N N 213 
LYS NZ  HZ1  sing N N 214 
LYS NZ  HZ2  sing N N 215 
LYS NZ  HZ3  sing N N 216 
LYS OXT HXT  sing N N 217 
MET N   CA   sing N N 218 
MET N   H    sing N N 219 
MET N   H2   sing N N 220 
MET CA  C    sing N N 221 
MET CA  CB   sing N N 222 
MET CA  HA   sing N N 223 
MET C   O    doub N N 224 
MET C   OXT  sing N N 225 
MET CB  CG   sing N N 226 
MET CB  HB2  sing N N 227 
MET CB  HB3  sing N N 228 
MET CG  SD   sing N N 229 
MET CG  HG2  sing N N 230 
MET CG  HG3  sing N N 231 
MET SD  CE   sing N N 232 
MET CE  HE1  sing N N 233 
MET CE  HE2  sing N N 234 
MET CE  HE3  sing N N 235 
MET OXT HXT  sing N N 236 
PHE N   CA   sing N N 237 
PHE N   H    sing N N 238 
PHE N   H2   sing N N 239 
PHE CA  C    sing N N 240 
PHE CA  CB   sing N N 241 
PHE CA  HA   sing N N 242 
PHE C   O    doub N N 243 
PHE C   OXT  sing N N 244 
PHE CB  CG   sing N N 245 
PHE CB  HB2  sing N N 246 
PHE CB  HB3  sing N N 247 
PHE CG  CD1  doub Y N 248 
PHE CG  CD2  sing Y N 249 
PHE CD1 CE1  sing Y N 250 
PHE CD1 HD1  sing N N 251 
PHE CD2 CE2  doub Y N 252 
PHE CD2 HD2  sing N N 253 
PHE CE1 CZ   doub Y N 254 
PHE CE1 HE1  sing N N 255 
PHE CE2 CZ   sing Y N 256 
PHE CE2 HE2  sing N N 257 
PHE CZ  HZ   sing N N 258 
PHE OXT HXT  sing N N 259 
PRO N   CA   sing N N 260 
PRO N   CD   sing N N 261 
PRO N   H    sing N N 262 
PRO CA  C    sing N N 263 
PRO CA  CB   sing N N 264 
PRO CA  HA   sing N N 265 
PRO C   O    doub N N 266 
PRO C   OXT  sing N N 267 
PRO CB  CG   sing N N 268 
PRO CB  HB2  sing N N 269 
PRO CB  HB3  sing N N 270 
PRO CG  CD   sing N N 271 
PRO CG  HG2  sing N N 272 
PRO CG  HG3  sing N N 273 
PRO CD  HD2  sing N N 274 
PRO CD  HD3  sing N N 275 
PRO OXT HXT  sing N N 276 
SER N   CA   sing N N 277 
SER N   H    sing N N 278 
SER N   H2   sing N N 279 
SER CA  C    sing N N 280 
SER CA  CB   sing N N 281 
SER CA  HA   sing N N 282 
SER C   O    doub N N 283 
SER C   OXT  sing N N 284 
SER CB  OG   sing N N 285 
SER CB  HB2  sing N N 286 
SER CB  HB3  sing N N 287 
SER OG  HG   sing N N 288 
SER OXT HXT  sing N N 289 
THR N   CA   sing N N 290 
THR N   H    sing N N 291 
THR N   H2   sing N N 292 
THR CA  C    sing N N 293 
THR CA  CB   sing N N 294 
THR CA  HA   sing N N 295 
THR C   O    doub N N 296 
THR C   OXT  sing N N 297 
THR CB  OG1  sing N N 298 
THR CB  CG2  sing N N 299 
THR CB  HB   sing N N 300 
THR OG1 HG1  sing N N 301 
THR CG2 HG21 sing N N 302 
THR CG2 HG22 sing N N 303 
THR CG2 HG23 sing N N 304 
THR OXT HXT  sing N N 305 
TRP N   CA   sing N N 306 
TRP N   H    sing N N 307 
TRP N   H2   sing N N 308 
TRP CA  C    sing N N 309 
TRP CA  CB   sing N N 310 
TRP CA  HA   sing N N 311 
TRP C   O    doub N N 312 
TRP C   OXT  sing N N 313 
TRP CB  CG   sing N N 314 
TRP CB  HB2  sing N N 315 
TRP CB  HB3  sing N N 316 
TRP CG  CD1  doub Y N 317 
TRP CG  CD2  sing Y N 318 
TRP CD1 NE1  sing Y N 319 
TRP CD1 HD1  sing N N 320 
TRP CD2 CE2  doub Y N 321 
TRP CD2 CE3  sing Y N 322 
TRP NE1 CE2  sing Y N 323 
TRP NE1 HE1  sing N N 324 
TRP CE2 CZ2  sing Y N 325 
TRP CE3 CZ3  doub Y N 326 
TRP CE3 HE3  sing N N 327 
TRP CZ2 CH2  doub Y N 328 
TRP CZ2 HZ2  sing N N 329 
TRP CZ3 CH2  sing Y N 330 
TRP CZ3 HZ3  sing N N 331 
TRP CH2 HH2  sing N N 332 
TRP OXT HXT  sing N N 333 
TYR N   CA   sing N N 334 
TYR N   H    sing N N 335 
TYR N   H2   sing N N 336 
TYR CA  C    sing N N 337 
TYR CA  CB   sing N N 338 
TYR CA  HA   sing N N 339 
TYR C   O    doub N N 340 
TYR C   OXT  sing N N 341 
TYR CB  CG   sing N N 342 
TYR CB  HB2  sing N N 343 
TYR CB  HB3  sing N N 344 
TYR CG  CD1  doub Y N 345 
TYR CG  CD2  sing Y N 346 
TYR CD1 CE1  sing Y N 347 
TYR CD1 HD1  sing N N 348 
TYR CD2 CE2  doub Y N 349 
TYR CD2 HD2  sing N N 350 
TYR CE1 CZ   doub Y N 351 
TYR CE1 HE1  sing N N 352 
TYR CE2 CZ   sing Y N 353 
TYR CE2 HE2  sing N N 354 
TYR CZ  OH   sing N N 355 
TYR OH  HH   sing N N 356 
TYR OXT HXT  sing N N 357 
VAL N   CA   sing N N 358 
VAL N   H    sing N N 359 
VAL N   H2   sing N N 360 
VAL CA  C    sing N N 361 
VAL CA  CB   sing N N 362 
VAL CA  HA   sing N N 363 
VAL C   O    doub N N 364 
VAL C   OXT  sing N N 365 
VAL CB  CG1  sing N N 366 
VAL CB  CG2  sing N N 367 
VAL CB  HB   sing N N 368 
VAL CG1 HG11 sing N N 369 
VAL CG1 HG12 sing N N 370 
VAL CG1 HG13 sing N N 371 
VAL CG2 HG21 sing N N 372 
VAL CG2 HG22 sing N N 373 
VAL CG2 HG23 sing N N 374 
VAL OXT HXT  sing N N 375 
# 
_pdbx_audit_support.funding_organization   'The University Grants Committee, Research Grants Council (RGC)' 
_pdbx_audit_support.country                'Hong Kong' 
_pdbx_audit_support.grant_number           ? 
_pdbx_audit_support.ordinal                1 
# 
_pdbx_entity_instance_feature.ordinal        1 
_pdbx_entity_instance_feature.comp_id        K 
_pdbx_entity_instance_feature.asym_id        ? 
_pdbx_entity_instance_feature.seq_num        ? 
_pdbx_entity_instance_feature.auth_comp_id   K 
_pdbx_entity_instance_feature.auth_asym_id   ? 
_pdbx_entity_instance_feature.auth_seq_num   ? 
_pdbx_entity_instance_feature.feature_type   'SUBJECT OF INVESTIGATION' 
_pdbx_entity_instance_feature.details        ? 
# 
loop_
_pdbx_entity_nonpoly.entity_id 
_pdbx_entity_nonpoly.name 
_pdbx_entity_nonpoly.comp_id 
2 'POTASSIUM ION' K   
3 water           HOH 
# 
_pdbx_initial_refinement_model.id               1 
_pdbx_initial_refinement_model.entity_id_list   ? 
_pdbx_initial_refinement_model.type             'experimental model' 
_pdbx_initial_refinement_model.source_name      PDB 
_pdbx_initial_refinement_model.accession_code   7BQF 
_pdbx_initial_refinement_model.details          ? 
# 
_pdbx_struct_assembly_auth_evidence.id                     1 
_pdbx_struct_assembly_auth_evidence.assembly_id            1 
_pdbx_struct_assembly_auth_evidence.experimental_support   'gel filtration' 
_pdbx_struct_assembly_auth_evidence.details                ? 
# 
_space_group.name_H-M_alt     'C 2 2 21' 
_space_group.name_Hall        'C 2c 2' 
_space_group.IT_number        20 
_space_group.crystal_system   orthorhombic 
_space_group.id               1 
# 
